data_9HAV
#
_entry.id   9HAV
#
_cell.length_a   87.767
_cell.length_b   154.89
_cell.length_c   173.459
_cell.angle_alpha   90
_cell.angle_beta   90
_cell.angle_gamma   90
#
_symmetry.space_group_name_H-M   'P 21 21 21'
#
loop_
_entity.id
_entity.type
_entity.pdbx_description
1 polymer 'Luciferase family protein'
2 non-polymer beta-D-glucopyranose
3 non-polymer 'SODIUM ION'
4 water water
#
_entity_poly.entity_id   1
_entity_poly.type   'polypeptide(L)'
_entity_poly.pdbx_seq_one_letter_code
;MGSSHHHHHHSSGLVPRGSHMASMTGGQQMGRGSSRLGYSASFEQFHPSDLLRWCQLAEQEGFDSVLAADHFHPWTPEQG
QSGFVWAWLGALGATTRLRFGTGVTPPIGFRYHPAIVAQAAATLEAMFPGRFWLGIGAGEALNEHIVGRYWPEPAERIRM
LIEAIEVIQKLFTGKVIRHEGVYFKVESAKLYTMPDVPPPIIVGTAGPYMAKKTGQLCDGLLTPGANDEKLRLLLSRFEE
GARAAGKDPRRMPRMIQVHVSWAETDEQAIENALREWPNGGMAFPKGDIRNPEDFQAMARLVRPEHFQGRVLMTSDLDRH
GEFLQHLIDLGFTEIYVHNVGRNQEEFIRAYGRAVIPHLRWPADAPVAQAMSPSASRAGQ
;
_entity_poly.pdbx_strand_id   A,B,C,F,E,D
#
loop_
_chem_comp.id
_chem_comp.type
_chem_comp.name
_chem_comp.formula
BGC D-saccharide, beta linking beta-D-glucopyranose 'C6 H12 O6'
NA non-polymer 'SODIUM ION' 'Na 1'
#
# COMPACT_ATOMS: atom_id res chain seq x y z
N GLY A 33 23.27 31.93 -42.75
CA GLY A 33 23.09 31.42 -41.36
C GLY A 33 24.23 31.82 -40.41
N SER A 34 23.94 32.68 -39.42
CA SER A 34 24.89 33.29 -38.47
C SER A 34 25.53 32.27 -37.49
N SER A 35 26.76 32.59 -36.99
CA SER A 35 27.65 31.68 -36.27
C SER A 35 27.14 31.27 -34.87
N ARG A 36 27.18 29.99 -34.52
CA ARG A 36 26.70 29.53 -33.22
C ARG A 36 27.01 28.06 -32.94
N LEU A 37 26.86 27.67 -31.67
CA LEU A 37 27.10 26.30 -31.21
C LEU A 37 26.70 26.19 -29.75
N GLY A 38 26.32 24.98 -29.33
CA GLY A 38 25.93 24.74 -27.95
C GLY A 38 27.08 24.20 -27.12
N TYR A 39 27.10 24.56 -25.83
CA TYR A 39 28.07 24.08 -24.88
C TYR A 39 27.36 23.20 -23.85
N SER A 40 27.90 22.00 -23.62
CA SER A 40 27.38 21.05 -22.65
C SER A 40 28.10 21.25 -21.31
N ALA A 41 27.31 21.62 -20.28
CA ALA A 41 27.85 21.83 -18.96
C ALA A 41 27.76 20.52 -18.18
N SER A 42 28.91 19.89 -17.95
CA SER A 42 28.98 18.57 -17.34
C SER A 42 28.99 18.67 -15.81
N PHE A 43 27.79 18.63 -15.20
CA PHE A 43 27.63 18.69 -13.75
C PHE A 43 28.25 17.47 -13.06
N GLU A 44 28.43 16.38 -13.82
CA GLU A 44 29.03 15.17 -13.28
C GLU A 44 30.49 15.39 -12.93
N GLN A 45 31.12 16.32 -13.66
CA GLN A 45 32.57 16.49 -13.61
C GLN A 45 33.00 17.79 -12.93
N PHE A 46 32.23 18.87 -13.08
CA PHE A 46 32.74 20.21 -12.79
C PHE A 46 31.91 20.94 -11.74
N HIS A 47 32.62 21.60 -10.82
CA HIS A 47 32.04 22.44 -9.81
C HIS A 47 31.16 23.48 -10.49
N PRO A 48 29.96 23.76 -9.97
CA PRO A 48 29.07 24.73 -10.59
C PRO A 48 29.65 26.13 -10.77
N SER A 49 30.54 26.55 -9.88
CA SER A 49 31.21 27.83 -10.04
C SER A 49 32.09 27.84 -11.28
N ASP A 50 32.78 26.72 -11.54
CA ASP A 50 33.60 26.61 -12.72
C ASP A 50 32.72 26.62 -13.97
N LEU A 51 31.60 25.91 -13.91
CA LEU A 51 30.69 25.82 -15.05
C LEU A 51 30.14 27.21 -15.37
N LEU A 52 29.83 27.99 -14.34
CA LEU A 52 29.26 29.33 -14.56
C LEU A 52 30.29 30.19 -15.29
N ARG A 53 31.53 30.22 -14.78
CA ARG A 53 32.62 30.97 -15.39
C ARG A 53 32.84 30.51 -16.84
N TRP A 54 32.83 29.20 -17.12
CA TRP A 54 33.10 28.70 -18.44
C TRP A 54 31.95 29.03 -19.41
N CYS A 55 30.71 29.03 -18.92
CA CYS A 55 29.59 29.42 -19.76
C CYS A 55 29.67 30.90 -20.13
N GLN A 56 30.12 31.73 -19.19
CA GLN A 56 30.30 33.16 -19.47
C GLN A 56 31.37 33.39 -20.54
N LEU A 57 32.44 32.58 -20.48
CA LEU A 57 33.50 32.60 -21.47
C LEU A 57 32.98 32.07 -22.80
N ALA A 58 32.21 30.97 -22.77
CA ALA A 58 31.69 30.39 -23.99
C ALA A 58 30.83 31.41 -24.75
N GLU A 59 30.08 32.20 -23.99
CA GLU A 59 29.29 33.25 -24.60
C GLU A 59 30.21 34.23 -25.35
N GLN A 60 31.28 34.67 -24.73
CA GLN A 60 32.23 35.57 -25.37
C GLN A 60 32.87 34.93 -26.60
N GLU A 61 32.98 33.59 -26.62
CA GLU A 61 33.70 32.89 -27.67
C GLU A 61 32.78 32.39 -28.78
N GLY A 62 31.48 32.72 -28.72
CA GLY A 62 30.58 32.50 -29.85
C GLY A 62 29.58 31.35 -29.67
N PHE A 63 29.66 30.66 -28.53
CA PHE A 63 28.62 29.68 -28.21
C PHE A 63 27.36 30.48 -27.88
N ASP A 64 26.19 29.93 -28.19
CA ASP A 64 24.94 30.68 -28.03
C ASP A 64 23.96 30.02 -27.06
N SER A 65 24.28 28.83 -26.54
N SER A 65 24.27 28.82 -26.54
CA SER A 65 23.33 28.07 -25.74
CA SER A 65 23.33 28.07 -25.74
C SER A 65 24.06 27.04 -24.87
C SER A 65 24.06 27.04 -24.87
N VAL A 66 23.37 26.57 -23.82
CA VAL A 66 23.95 25.68 -22.85
C VAL A 66 22.96 24.55 -22.60
N LEU A 67 23.48 23.31 -22.55
CA LEU A 67 22.75 22.15 -22.09
C LEU A 67 23.31 21.74 -20.74
N ALA A 68 22.45 21.63 -19.73
CA ALA A 68 22.86 21.33 -18.38
C ALA A 68 22.23 20.04 -17.90
N ALA A 69 23.11 19.14 -17.49
CA ALA A 69 22.77 17.86 -16.94
C ALA A 69 22.02 18.06 -15.62
N ASP A 70 20.95 17.29 -15.42
CA ASP A 70 20.25 17.25 -14.15
C ASP A 70 20.60 15.97 -13.41
N HIS A 71 21.70 15.98 -12.66
CA HIS A 71 22.13 14.79 -11.95
C HIS A 71 22.10 15.01 -10.43
N PHE A 72 22.05 13.88 -9.71
CA PHE A 72 22.29 13.85 -8.29
C PHE A 72 23.66 13.25 -8.02
N HIS A 73 24.05 12.29 -8.87
CA HIS A 73 25.35 11.63 -8.75
C HIS A 73 26.12 11.72 -10.06
N PRO A 74 27.46 11.73 -9.98
CA PRO A 74 28.32 11.54 -11.16
C PRO A 74 28.30 10.06 -11.53
N TRP A 75 28.71 9.75 -12.78
CA TRP A 75 28.84 8.38 -13.21
C TRP A 75 29.92 7.67 -12.39
N THR A 76 31.05 8.36 -12.12
CA THR A 76 32.15 7.77 -11.37
C THR A 76 32.61 8.75 -10.30
N PRO A 77 33.25 8.28 -9.19
CA PRO A 77 33.83 9.17 -8.20
C PRO A 77 34.88 10.10 -8.82
N GLU A 78 35.60 9.62 -9.82
CA GLU A 78 36.67 10.39 -10.45
C GLU A 78 36.11 11.62 -11.15
N GLN A 79 34.86 11.56 -11.60
CA GLN A 79 34.21 12.74 -12.16
C GLN A 79 33.96 13.75 -11.04
N GLY A 80 33.28 13.28 -9.99
CA GLY A 80 33.41 13.85 -8.65
C GLY A 80 32.49 15.03 -8.33
N GLN A 81 31.44 15.32 -9.12
CA GLN A 81 30.53 16.42 -8.83
C GLN A 81 29.09 16.06 -9.18
N SER A 82 28.14 16.87 -8.68
CA SER A 82 26.75 16.93 -9.13
C SER A 82 26.01 18.07 -8.42
N GLY A 83 26.17 19.28 -8.93
CA GLY A 83 25.37 20.41 -8.48
C GLY A 83 23.90 20.28 -8.87
N PHE A 84 23.05 20.92 -8.06
CA PHE A 84 21.63 21.01 -8.29
C PHE A 84 21.40 22.01 -9.41
N VAL A 85 21.03 21.51 -10.60
CA VAL A 85 21.02 22.29 -11.82
C VAL A 85 20.07 23.49 -11.70
N TRP A 86 18.94 23.33 -10.99
CA TRP A 86 17.89 24.33 -11.04
C TRP A 86 18.36 25.65 -10.42
N ALA A 87 19.15 25.59 -9.36
CA ALA A 87 19.73 26.76 -8.73
C ALA A 87 20.75 27.40 -9.66
N TRP A 88 21.61 26.57 -10.26
CA TRP A 88 22.65 27.07 -11.14
C TRP A 88 22.05 27.80 -12.34
N LEU A 89 20.92 27.31 -12.86
CA LEU A 89 20.33 27.91 -14.05
C LEU A 89 19.93 29.36 -13.80
N GLY A 90 19.51 29.67 -12.56
CA GLY A 90 19.22 31.05 -12.19
C GLY A 90 20.45 31.95 -12.31
N ALA A 91 21.62 31.45 -11.87
CA ALA A 91 22.85 32.19 -11.97
C ALA A 91 23.24 32.43 -13.42
N LEU A 92 23.10 31.38 -14.23
CA LEU A 92 23.46 31.45 -15.64
C LEU A 92 22.57 32.50 -16.32
N GLY A 93 21.27 32.41 -16.03
CA GLY A 93 20.29 33.27 -16.64
C GLY A 93 20.60 34.74 -16.34
N ALA A 94 21.00 35.01 -15.11
CA ALA A 94 21.18 36.38 -14.64
C ALA A 94 22.52 36.96 -15.08
N THR A 95 23.48 36.14 -15.53
CA THR A 95 24.82 36.66 -15.82
C THR A 95 25.20 36.49 -17.30
N THR A 96 24.32 35.98 -18.16
CA THR A 96 24.60 35.83 -19.57
C THR A 96 23.33 36.11 -20.35
N ARG A 97 23.40 36.08 -21.69
CA ARG A 97 22.23 36.16 -22.55
C ARG A 97 21.98 34.85 -23.31
N LEU A 98 22.73 33.81 -22.92
CA LEU A 98 22.64 32.48 -23.51
C LEU A 98 21.24 31.88 -23.36
N ARG A 99 20.84 31.09 -24.37
CA ARG A 99 19.76 30.15 -24.21
C ARG A 99 20.27 28.96 -23.40
N PHE A 100 19.37 28.28 -22.70
CA PHE A 100 19.79 27.18 -21.85
C PHE A 100 18.63 26.23 -21.60
N GLY A 101 18.98 24.97 -21.31
CA GLY A 101 18.02 23.91 -21.10
C GLY A 101 18.55 22.79 -20.23
N THR A 102 17.61 22.08 -19.60
CA THR A 102 17.94 20.86 -18.89
C THR A 102 18.10 19.77 -19.92
N GLY A 103 19.18 18.97 -19.76
CA GLY A 103 19.43 17.88 -20.71
C GLY A 103 19.85 16.59 -20.03
N VAL A 104 18.95 15.87 -19.33
CA VAL A 104 17.53 16.21 -19.20
C VAL A 104 17.07 15.93 -17.77
N THR A 105 15.90 16.48 -17.41
N THR A 105 15.90 16.48 -17.41
CA THR A 105 15.28 16.26 -16.12
CA THR A 105 15.29 16.25 -16.13
C THR A 105 14.28 15.12 -16.26
C THR A 105 14.28 15.13 -16.27
N PRO A 106 14.25 14.12 -15.35
CA PRO A 106 13.15 13.15 -15.32
C PRO A 106 12.00 13.59 -14.41
N PRO A 107 10.87 14.05 -14.98
CA PRO A 107 9.77 14.57 -14.18
C PRO A 107 8.76 13.49 -13.80
N ILE A 108 9.26 12.32 -13.40
CA ILE A 108 8.42 11.15 -13.30
C ILE A 108 8.29 10.69 -11.85
N GLY A 109 8.61 11.58 -10.91
CA GLY A 109 8.13 11.45 -9.56
C GLY A 109 9.14 10.75 -8.63
N PHE A 110 10.44 10.70 -8.97
CA PHE A 110 11.42 10.14 -8.06
C PHE A 110 12.10 11.31 -7.37
N ARG A 111 13.16 11.85 -7.95
CA ARG A 111 13.70 13.11 -7.45
C ARG A 111 12.70 14.24 -7.58
N TYR A 112 11.90 14.23 -8.66
CA TYR A 112 11.09 15.39 -8.99
C TYR A 112 9.67 15.01 -9.37
N HIS A 113 8.70 15.62 -8.69
CA HIS A 113 7.31 15.50 -9.09
C HIS A 113 7.10 16.37 -10.32
N PRO A 114 6.31 15.96 -11.32
CA PRO A 114 6.11 16.76 -12.52
C PRO A 114 5.61 18.18 -12.27
N ALA A 115 4.80 18.40 -11.22
CA ALA A 115 4.28 19.73 -10.95
C ALA A 115 5.40 20.71 -10.58
N ILE A 116 6.42 20.20 -9.87
CA ILE A 116 7.53 21.01 -9.44
C ILE A 116 8.41 21.35 -10.65
N VAL A 117 8.60 20.38 -11.55
CA VAL A 117 9.36 20.66 -12.76
C VAL A 117 8.64 21.74 -13.57
N ALA A 118 7.32 21.65 -13.65
CA ALA A 118 6.56 22.63 -14.40
C ALA A 118 6.77 24.02 -13.83
N GLN A 119 6.69 24.15 -12.50
CA GLN A 119 6.85 25.44 -11.83
C GLN A 119 8.25 25.99 -12.08
N ALA A 120 9.27 25.13 -11.93
CA ALA A 120 10.66 25.52 -12.12
C ALA A 120 10.89 26.03 -13.55
N ALA A 121 10.31 25.32 -14.52
CA ALA A 121 10.42 25.70 -15.92
C ALA A 121 9.76 27.04 -16.16
N ALA A 122 8.55 27.20 -15.63
CA ALA A 122 7.79 28.41 -15.84
C ALA A 122 8.52 29.60 -15.23
N THR A 123 9.15 29.38 -14.07
CA THR A 123 9.84 30.46 -13.38
C THR A 123 11.07 30.91 -14.19
N LEU A 124 11.84 29.96 -14.70
CA LEU A 124 13.02 30.29 -15.49
C LEU A 124 12.60 31.07 -16.74
N GLU A 125 11.57 30.59 -17.44
CA GLU A 125 11.13 31.27 -18.65
C GLU A 125 10.61 32.67 -18.31
N ALA A 126 9.93 32.81 -17.17
CA ALA A 126 9.37 34.10 -16.76
C ALA A 126 10.48 35.09 -16.44
N MET A 127 11.54 34.63 -15.79
CA MET A 127 12.67 35.48 -15.43
C MET A 127 13.56 35.75 -16.64
N PHE A 128 13.65 34.80 -17.59
CA PHE A 128 14.56 34.89 -18.73
C PHE A 128 13.81 34.57 -20.04
N PRO A 129 12.88 35.46 -20.46
CA PRO A 129 11.96 35.16 -21.55
C PRO A 129 12.68 34.82 -22.84
N GLY A 130 12.22 33.76 -23.51
CA GLY A 130 12.77 33.35 -24.79
C GLY A 130 14.05 32.52 -24.66
N ARG A 131 14.50 32.19 -23.44
CA ARG A 131 15.83 31.67 -23.25
C ARG A 131 15.86 30.23 -22.75
N PHE A 132 14.76 29.75 -22.16
CA PHE A 132 14.76 28.44 -21.54
C PHE A 132 14.03 27.43 -22.39
N TRP A 133 14.58 26.20 -22.44
CA TRP A 133 13.88 25.04 -22.96
C TRP A 133 13.92 23.91 -21.94
N LEU A 134 12.74 23.30 -21.70
CA LEU A 134 12.60 22.25 -20.72
C LEU A 134 12.92 20.89 -21.38
N GLY A 135 14.12 20.37 -21.12
CA GLY A 135 14.47 19.06 -21.63
C GLY A 135 14.13 17.99 -20.59
N ILE A 136 13.38 16.96 -21.01
CA ILE A 136 12.91 15.91 -20.11
C ILE A 136 13.23 14.53 -20.68
N GLY A 137 13.30 13.54 -19.78
CA GLY A 137 13.49 12.14 -20.16
C GLY A 137 13.05 11.15 -19.06
N ALA A 138 13.33 9.88 -19.33
CA ALA A 138 12.85 8.73 -18.59
C ALA A 138 13.73 8.37 -17.40
N GLY A 139 14.87 9.03 -17.25
CA GLY A 139 15.68 8.94 -16.04
C GLY A 139 16.67 7.77 -16.05
N GLU A 140 17.61 7.85 -15.11
CA GLU A 140 18.59 6.81 -14.84
C GLU A 140 18.57 6.49 -13.35
N ALA A 141 18.72 5.21 -13.01
CA ALA A 141 18.73 4.78 -11.62
C ALA A 141 19.85 5.46 -10.84
N LEU A 142 20.97 5.78 -11.52
CA LEU A 142 22.09 6.45 -10.89
C LEU A 142 21.62 7.62 -10.03
N ASN A 143 20.63 8.36 -10.56
CA ASN A 143 20.09 9.53 -9.89
C ASN A 143 18.81 9.23 -9.12
N GLU A 144 17.92 8.40 -9.68
CA GLU A 144 16.58 8.25 -9.14
C GLU A 144 16.52 7.27 -7.97
N HIS A 145 17.54 6.39 -7.84
CA HIS A 145 17.41 5.29 -6.90
C HIS A 145 17.49 5.78 -5.46
N ILE A 146 17.93 7.02 -5.26
CA ILE A 146 18.17 7.51 -3.91
C ILE A 146 16.89 7.52 -3.10
N VAL A 147 15.71 7.61 -3.74
CA VAL A 147 14.47 7.74 -3.01
C VAL A 147 13.90 6.36 -2.66
N GLY A 148 14.54 5.27 -3.09
CA GLY A 148 14.23 3.92 -2.60
C GLY A 148 12.87 3.39 -3.08
N ARG A 149 12.54 3.58 -4.36
CA ARG A 149 11.28 3.17 -4.93
C ARG A 149 11.49 2.18 -6.06
N TYR A 150 10.38 1.46 -6.37
CA TYR A 150 10.36 0.52 -7.47
C TYR A 150 10.82 1.26 -8.72
N TRP A 151 11.82 0.69 -9.42
CA TRP A 151 12.35 1.27 -10.67
C TRP A 151 11.80 0.50 -11.87
N PRO A 152 10.82 1.05 -12.61
CA PRO A 152 10.22 0.34 -13.73
C PRO A 152 11.20 0.12 -14.88
N GLU A 153 10.89 -0.88 -15.71
CA GLU A 153 11.63 -1.09 -16.94
C GLU A 153 11.48 0.15 -17.86
N PRO A 154 12.43 0.37 -18.79
CA PRO A 154 12.38 1.53 -19.70
C PRO A 154 11.02 1.79 -20.37
N ALA A 155 10.38 0.74 -20.88
CA ALA A 155 9.13 0.96 -21.59
C ALA A 155 8.06 1.53 -20.64
N GLU A 156 8.08 1.09 -19.38
CA GLU A 156 7.13 1.61 -18.41
C GLU A 156 7.48 3.06 -18.06
N ARG A 157 8.77 3.36 -17.87
CA ARG A 157 9.19 4.73 -17.60
C ARG A 157 8.79 5.69 -18.72
N ILE A 158 8.76 5.21 -19.97
CA ILE A 158 8.25 6.00 -21.09
C ILE A 158 6.77 6.34 -20.86
N ARG A 159 5.97 5.37 -20.42
CA ARG A 159 4.56 5.63 -20.12
C ARG A 159 4.46 6.67 -19.00
N MET A 160 5.37 6.63 -18.01
CA MET A 160 5.36 7.60 -16.95
C MET A 160 5.69 8.99 -17.50
N LEU A 161 6.66 9.06 -18.41
CA LEU A 161 7.10 10.33 -19.01
C LEU A 161 5.94 10.94 -19.80
N ILE A 162 5.18 10.11 -20.51
CA ILE A 162 4.07 10.60 -21.32
C ILE A 162 3.00 11.19 -20.40
N GLU A 163 2.75 10.56 -19.24
CA GLU A 163 1.78 11.12 -18.30
C GLU A 163 2.34 12.41 -17.71
N ALA A 164 3.63 12.46 -17.41
CA ALA A 164 4.25 13.66 -16.87
C ALA A 164 4.14 14.84 -17.84
N ILE A 165 4.27 14.59 -19.12
CA ILE A 165 4.11 15.61 -20.16
C ILE A 165 2.70 16.19 -20.06
N GLU A 166 1.71 15.32 -19.83
CA GLU A 166 0.32 15.76 -19.71
C GLU A 166 0.16 16.67 -18.50
N VAL A 167 0.79 16.33 -17.38
CA VAL A 167 0.72 17.16 -16.19
C VAL A 167 1.36 18.52 -16.46
N ILE A 168 2.54 18.51 -17.07
CA ILE A 168 3.27 19.74 -17.29
C ILE A 168 2.46 20.66 -18.21
N GLN A 169 1.86 20.08 -19.26
CA GLN A 169 1.09 20.85 -20.22
C GLN A 169 -0.19 21.44 -19.60
N LYS A 170 -0.82 20.69 -18.71
CA LYS A 170 -1.97 21.21 -18.00
C LYS A 170 -1.58 22.45 -17.20
N LEU A 171 -0.50 22.34 -16.42
CA LEU A 171 -0.06 23.44 -15.59
C LEU A 171 0.36 24.64 -16.45
N PHE A 172 0.92 24.36 -17.64
CA PHE A 172 1.40 25.41 -18.53
C PHE A 172 0.23 26.18 -19.14
N THR A 173 -1.02 25.73 -18.99
CA THR A 173 -2.15 26.54 -19.46
C THR A 173 -2.32 27.78 -18.58
N GLY A 174 -1.70 27.75 -17.40
CA GLY A 174 -1.81 28.85 -16.45
C GLY A 174 -3.16 28.91 -15.72
N LYS A 175 -4.00 27.87 -15.84
CA LYS A 175 -5.26 27.84 -15.13
C LYS A 175 -5.21 26.83 -13.97
N VAL A 176 -6.27 26.83 -13.14
CA VAL A 176 -6.49 25.81 -12.13
C VAL A 176 -6.78 24.50 -12.85
N ILE A 177 -5.96 23.48 -12.58
CA ILE A 177 -6.13 22.16 -13.17
C ILE A 177 -6.10 21.11 -12.07
N ARG A 178 -6.59 19.93 -12.42
CA ARG A 178 -6.55 18.71 -11.63
C ARG A 178 -6.09 17.58 -12.56
N HIS A 179 -5.50 16.54 -12.00
CA HIS A 179 -5.06 15.41 -12.79
C HIS A 179 -5.14 14.15 -11.94
N GLU A 180 -5.64 13.07 -12.55
CA GLU A 180 -5.50 11.76 -11.94
C GLU A 180 -5.25 10.74 -13.03
N GLY A 181 -4.08 10.10 -13.01
CA GLY A 181 -3.79 9.05 -13.99
C GLY A 181 -3.17 7.86 -13.28
N VAL A 182 -2.55 6.98 -14.07
CA VAL A 182 -1.96 5.77 -13.53
C VAL A 182 -0.86 6.14 -12.55
N TYR A 183 -0.03 7.16 -12.86
CA TYR A 183 1.19 7.41 -12.12
C TYR A 183 1.12 8.63 -11.22
N PHE A 184 0.29 9.64 -11.55
CA PHE A 184 0.35 10.91 -10.85
C PHE A 184 -1.05 11.37 -10.49
N LYS A 185 -1.11 12.08 -9.38
CA LYS A 185 -2.33 12.69 -8.87
C LYS A 185 -1.95 14.14 -8.60
N VAL A 186 -2.73 15.07 -9.16
CA VAL A 186 -2.52 16.47 -8.88
C VAL A 186 -3.86 17.05 -8.42
N GLU A 187 -3.88 17.55 -7.17
CA GLU A 187 -5.05 18.28 -6.66
C GLU A 187 -5.03 19.71 -7.24
N SER A 188 -6.16 20.39 -7.13
CA SER A 188 -6.31 21.73 -7.67
C SER A 188 -5.01 22.51 -7.57
N ALA A 189 -4.44 22.82 -8.75
CA ALA A 189 -3.15 23.47 -8.82
C ALA A 189 -3.12 24.46 -9.98
N LYS A 190 -2.45 25.59 -9.74
CA LYS A 190 -2.27 26.62 -10.76
C LYS A 190 -0.88 27.25 -10.67
N LEU A 191 -0.24 27.43 -11.83
CA LEU A 191 0.99 28.22 -11.88
C LEU A 191 0.58 29.68 -12.05
N TYR A 192 0.73 30.44 -10.97
CA TYR A 192 0.45 31.86 -10.99
C TYR A 192 1.59 32.62 -11.68
N THR A 193 2.84 32.18 -11.50
CA THR A 193 3.98 32.77 -12.17
C THR A 193 4.23 31.98 -13.44
N MET A 194 3.67 32.45 -14.55
CA MET A 194 3.59 31.69 -15.79
C MET A 194 3.85 32.68 -16.92
N PRO A 195 4.88 32.53 -17.79
CA PRO A 195 5.06 33.47 -18.90
C PRO A 195 3.93 33.35 -19.92
N ASP A 196 3.76 34.40 -20.74
CA ASP A 196 2.68 34.43 -21.72
C ASP A 196 2.84 33.26 -22.68
N VAL A 197 4.09 32.97 -23.07
CA VAL A 197 4.37 31.82 -23.91
C VAL A 197 5.14 30.81 -23.10
N PRO A 198 4.66 29.55 -22.94
CA PRO A 198 5.42 28.53 -22.21
C PRO A 198 6.76 28.23 -22.86
N PRO A 199 7.77 27.78 -22.09
CA PRO A 199 9.03 27.33 -22.69
C PRO A 199 8.67 26.07 -23.48
N PRO A 200 9.46 25.74 -24.51
CA PRO A 200 9.28 24.48 -25.25
C PRO A 200 9.61 23.29 -24.38
N ILE A 201 8.87 22.21 -24.61
CA ILE A 201 9.18 20.91 -24.03
C ILE A 201 9.94 20.08 -25.07
N ILE A 202 11.17 19.72 -24.72
CA ILE A 202 12.05 18.92 -25.53
C ILE A 202 12.24 17.56 -24.83
N VAL A 203 12.05 16.46 -25.57
CA VAL A 203 12.28 15.12 -25.03
C VAL A 203 13.65 14.64 -25.48
N GLY A 204 14.49 14.27 -24.51
CA GLY A 204 15.72 13.57 -24.77
C GLY A 204 15.50 12.05 -24.80
N THR A 205 15.73 11.42 -25.95
CA THR A 205 15.51 10.00 -26.13
C THR A 205 16.32 9.50 -27.34
N ALA A 206 16.68 8.22 -27.30
CA ALA A 206 17.27 7.52 -28.45
C ALA A 206 16.32 6.43 -28.94
N GLY A 207 15.11 6.37 -28.36
CA GLY A 207 14.13 5.35 -28.69
C GLY A 207 13.23 5.78 -29.86
N PRO A 208 13.14 4.97 -30.93
CA PRO A 208 12.25 5.27 -32.06
C PRO A 208 10.80 5.56 -31.69
N TYR A 209 10.26 4.80 -30.74
CA TYR A 209 8.87 4.97 -30.33
C TYR A 209 8.72 6.35 -29.67
N MET A 210 9.59 6.68 -28.70
CA MET A 210 9.43 7.92 -27.97
C MET A 210 9.74 9.13 -28.88
N ALA A 211 10.64 8.93 -29.86
CA ALA A 211 10.98 10.02 -30.76
C ALA A 211 9.73 10.42 -31.55
N LYS A 212 8.92 9.44 -31.96
CA LYS A 212 7.68 9.70 -32.66
C LYS A 212 6.67 10.39 -31.73
N LYS A 213 6.57 9.93 -30.49
CA LYS A 213 5.68 10.52 -29.50
C LYS A 213 6.06 11.98 -29.23
N THR A 214 7.38 12.25 -29.26
CA THR A 214 7.91 13.58 -29.04
C THR A 214 7.38 14.52 -30.11
N GLY A 215 7.45 14.09 -31.36
CA GLY A 215 6.95 14.88 -32.48
C GLY A 215 5.46 15.16 -32.31
N GLN A 216 4.74 14.15 -31.83
CA GLN A 216 3.31 14.26 -31.66
C GLN A 216 2.92 15.17 -30.49
N LEU A 217 3.58 15.05 -29.34
CA LEU A 217 3.10 15.61 -28.08
C LEU A 217 3.88 16.86 -27.65
N CYS A 218 5.12 17.01 -28.10
CA CYS A 218 6.02 18.02 -27.52
C CYS A 218 6.51 18.97 -28.61
N ASP A 219 7.55 19.74 -28.31
CA ASP A 219 7.95 20.83 -29.20
C ASP A 219 9.26 20.55 -29.94
N GLY A 220 10.07 19.59 -29.48
CA GLY A 220 11.26 19.21 -30.23
C GLY A 220 12.01 18.04 -29.61
N LEU A 221 13.06 17.58 -30.30
CA LEU A 221 13.78 16.37 -29.91
C LEU A 221 15.21 16.68 -29.53
N LEU A 222 15.71 15.96 -28.53
CA LEU A 222 17.13 15.92 -28.22
C LEU A 222 17.58 14.47 -28.23
N THR A 223 18.67 14.16 -28.92
CA THR A 223 19.14 12.78 -29.01
C THR A 223 20.67 12.77 -28.91
N PRO A 224 21.29 11.65 -28.46
CA PRO A 224 22.75 11.58 -28.38
C PRO A 224 23.36 11.28 -29.74
N GLY A 225 24.67 11.47 -29.83
CA GLY A 225 25.42 11.13 -31.00
C GLY A 225 25.30 9.65 -31.22
N ALA A 226 25.19 9.26 -32.48
CA ALA A 226 25.02 7.88 -32.88
C ALA A 226 25.38 7.80 -34.35
N ASN A 227 25.33 6.61 -34.95
CA ASN A 227 25.70 6.49 -36.36
C ASN A 227 24.59 7.08 -37.23
N ASP A 228 24.89 7.28 -38.51
CA ASP A 228 24.01 7.97 -39.43
C ASP A 228 22.65 7.28 -39.53
N GLU A 229 22.66 5.94 -39.51
CA GLU A 229 21.45 5.19 -39.75
C GLU A 229 20.48 5.42 -38.59
N LYS A 230 20.98 5.40 -37.34
CA LYS A 230 20.13 5.59 -36.19
C LYS A 230 19.61 7.03 -36.13
N LEU A 231 20.50 8.00 -36.36
CA LEU A 231 20.14 9.41 -36.30
C LEU A 231 19.07 9.69 -37.35
N ARG A 232 19.24 9.16 -38.56
CA ARG A 232 18.23 9.37 -39.60
C ARG A 232 16.88 8.78 -39.22
N LEU A 233 16.88 7.61 -38.57
CA LEU A 233 15.66 6.92 -38.21
C LEU A 233 14.91 7.74 -37.16
N LEU A 234 15.64 8.22 -36.14
CA LEU A 234 15.03 9.01 -35.07
C LEU A 234 14.45 10.31 -35.63
N LEU A 235 15.17 10.99 -36.55
CA LEU A 235 14.69 12.20 -37.18
C LEU A 235 13.41 11.90 -37.95
N SER A 236 13.43 10.81 -38.71
CA SER A 236 12.30 10.36 -39.51
C SER A 236 11.06 10.04 -38.65
N ARG A 237 11.26 9.41 -37.50
CA ARG A 237 10.16 9.06 -36.60
C ARG A 237 9.57 10.33 -35.97
N PHE A 238 10.42 11.25 -35.51
CA PHE A 238 10.03 12.55 -34.99
C PHE A 238 9.16 13.29 -36.01
N GLU A 239 9.62 13.34 -37.27
CA GLU A 239 8.88 14.01 -38.33
C GLU A 239 7.52 13.36 -38.56
N GLU A 240 7.48 12.03 -38.63
CA GLU A 240 6.24 11.28 -38.81
C GLU A 240 5.24 11.63 -37.71
N GLY A 241 5.70 11.65 -36.46
CA GLY A 241 4.87 11.99 -35.32
C GLY A 241 4.28 13.39 -35.38
N ALA A 242 5.14 14.36 -35.71
CA ALA A 242 4.75 15.75 -35.85
C ALA A 242 3.70 15.88 -36.95
N ARG A 243 3.98 15.34 -38.12
CA ARG A 243 3.11 15.54 -39.27
C ARG A 243 1.74 14.90 -39.06
N ALA A 244 1.72 13.72 -38.44
CA ALA A 244 0.46 13.04 -38.16
C ALA A 244 -0.36 13.81 -37.13
N ALA A 245 0.30 14.66 -36.30
CA ALA A 245 -0.38 15.52 -35.36
C ALA A 245 -0.70 16.90 -35.95
N GLY A 246 -0.43 17.11 -37.24
CA GLY A 246 -0.75 18.37 -37.91
C GLY A 246 0.32 19.46 -37.70
N LYS A 247 1.52 19.10 -37.22
CA LYS A 247 2.60 20.04 -36.95
C LYS A 247 3.61 20.01 -38.08
N ASP A 248 4.39 21.10 -38.21
CA ASP A 248 5.44 21.21 -39.21
C ASP A 248 6.80 20.97 -38.53
N PRO A 249 7.45 19.80 -38.72
CA PRO A 249 8.70 19.49 -38.03
C PRO A 249 9.92 20.29 -38.48
N ARG A 250 9.83 20.92 -39.65
CA ARG A 250 10.89 21.80 -40.15
C ARG A 250 10.99 23.06 -39.30
N ARG A 251 9.98 23.36 -38.49
CA ARG A 251 10.03 24.50 -37.60
C ARG A 251 10.19 24.09 -36.16
N MET A 252 10.53 22.81 -35.88
CA MET A 252 10.71 22.34 -34.52
C MET A 252 12.16 21.98 -34.29
N PRO A 253 12.74 22.33 -33.12
CA PRO A 253 14.12 21.96 -32.80
C PRO A 253 14.41 20.47 -32.92
N ARG A 254 15.53 20.16 -33.58
CA ARG A 254 16.10 18.82 -33.64
C ARG A 254 17.54 18.95 -33.16
N MET A 255 17.76 18.54 -31.92
CA MET A 255 18.97 18.86 -31.19
C MET A 255 19.71 17.56 -30.97
N ILE A 256 21.04 17.66 -30.96
CA ILE A 256 21.87 16.50 -30.70
C ILE A 256 22.92 16.91 -29.69
N GLN A 257 23.23 15.98 -28.82
CA GLN A 257 24.26 16.17 -27.82
C GLN A 257 25.39 15.17 -28.13
N VAL A 258 26.59 15.69 -28.31
CA VAL A 258 27.74 14.88 -28.67
C VAL A 258 28.85 15.04 -27.62
N HIS A 259 29.75 14.09 -27.64
CA HIS A 259 30.88 14.05 -26.73
C HIS A 259 32.15 14.02 -27.58
N VAL A 260 33.12 14.88 -27.24
CA VAL A 260 34.38 14.94 -27.94
C VAL A 260 35.48 14.98 -26.89
N SER A 261 36.72 14.73 -27.34
CA SER A 261 37.88 14.99 -26.53
C SER A 261 38.85 15.77 -27.41
N TRP A 262 39.02 17.07 -27.11
CA TRP A 262 40.09 17.84 -27.72
C TRP A 262 41.18 18.04 -26.69
N ALA A 263 42.42 17.92 -27.15
CA ALA A 263 43.60 18.25 -26.36
C ALA A 263 44.72 18.59 -27.32
N GLU A 264 45.88 18.91 -26.78
CA GLU A 264 47.01 19.34 -27.57
C GLU A 264 47.50 18.20 -28.46
N THR A 265 47.44 16.93 -27.97
CA THR A 265 47.84 15.79 -28.76
C THR A 265 46.70 14.77 -28.78
N ASP A 266 46.72 13.88 -29.78
CA ASP A 266 45.78 12.77 -29.85
C ASP A 266 45.93 11.89 -28.63
N GLU A 267 47.16 11.61 -28.21
CA GLU A 267 47.42 10.75 -27.07
C GLU A 267 46.73 11.32 -25.83
N GLN A 268 46.85 12.63 -25.62
N GLN A 268 46.85 12.63 -25.62
CA GLN A 268 46.26 13.25 -24.44
CA GLN A 268 46.26 13.25 -24.44
C GLN A 268 44.73 13.21 -24.55
C GLN A 268 44.73 13.21 -24.55
N ALA A 269 44.19 13.34 -25.77
CA ALA A 269 42.76 13.35 -25.98
C ALA A 269 42.13 12.00 -25.60
N ILE A 270 42.82 10.92 -25.98
CA ILE A 270 42.41 9.55 -25.68
C ILE A 270 42.48 9.31 -24.17
N GLU A 271 43.59 9.69 -23.57
CA GLU A 271 43.79 9.50 -22.13
C GLU A 271 42.71 10.24 -21.34
N ASN A 272 42.31 11.42 -21.79
CA ASN A 272 41.26 12.19 -21.13
C ASN A 272 39.92 11.47 -21.20
N ALA A 273 39.60 10.89 -22.37
CA ALA A 273 38.36 10.14 -22.51
C ALA A 273 38.34 8.94 -21.55
N LEU A 274 39.45 8.19 -21.46
CA LEU A 274 39.53 7.03 -20.58
C LEU A 274 39.39 7.44 -19.12
N ARG A 275 40.05 8.52 -18.71
CA ARG A 275 40.08 8.89 -17.30
C ARG A 275 38.76 9.54 -16.90
N GLU A 276 38.18 10.36 -17.78
CA GLU A 276 37.12 11.28 -17.39
C GLU A 276 35.74 10.74 -17.75
N TRP A 277 35.63 9.96 -18.84
CA TRP A 277 34.33 9.63 -19.39
C TRP A 277 34.30 8.17 -19.85
N PRO A 278 34.70 7.19 -19.00
CA PRO A 278 34.68 5.79 -19.40
C PRO A 278 33.27 5.30 -19.72
N ASN A 279 32.29 5.96 -19.12
CA ASN A 279 30.89 5.66 -19.41
C ASN A 279 30.55 5.88 -20.87
N GLY A 280 31.28 6.79 -21.53
CA GLY A 280 31.14 7.04 -22.95
C GLY A 280 31.49 5.80 -23.79
N GLY A 281 32.31 4.90 -23.23
CA GLY A 281 32.74 3.71 -23.94
C GLY A 281 31.94 2.46 -23.52
N MET A 282 30.77 2.69 -22.92
CA MET A 282 29.92 1.61 -22.45
C MET A 282 28.68 1.56 -23.34
N ALA A 283 28.78 0.78 -24.42
CA ALA A 283 27.73 0.64 -25.41
C ALA A 283 26.77 -0.46 -24.93
N PHE A 284 26.06 -0.18 -23.84
CA PHE A 284 25.13 -1.12 -23.28
C PHE A 284 24.16 -0.36 -22.40
N PRO A 285 22.98 -0.91 -22.09
CA PRO A 285 21.99 -0.15 -21.32
C PRO A 285 22.51 0.12 -19.90
N LYS A 286 22.49 1.39 -19.49
CA LYS A 286 23.05 1.80 -18.21
C LYS A 286 21.99 2.28 -17.20
N GLY A 287 20.70 2.33 -17.59
CA GLY A 287 19.69 2.94 -16.76
C GLY A 287 19.30 2.21 -15.45
N ASP A 288 19.79 0.98 -15.20
CA ASP A 288 19.50 0.23 -13.99
C ASP A 288 20.66 0.28 -12.98
N ILE A 289 21.82 0.81 -13.37
CA ILE A 289 22.99 0.77 -12.51
C ILE A 289 22.94 1.94 -11.52
N ARG A 290 23.11 1.62 -10.24
CA ARG A 290 22.71 2.50 -9.16
C ARG A 290 23.84 3.37 -8.66
N ASN A 291 25.09 2.86 -8.60
CA ASN A 291 26.13 3.54 -7.86
C ASN A 291 27.28 4.04 -8.73
N PRO A 292 27.87 5.20 -8.39
CA PRO A 292 29.14 5.60 -9.01
C PRO A 292 30.21 4.51 -8.91
N GLU A 293 30.25 3.78 -7.79
CA GLU A 293 31.24 2.73 -7.59
C GLU A 293 31.02 1.57 -8.57
N ASP A 294 29.76 1.38 -9.02
CA ASP A 294 29.46 0.34 -9.98
C ASP A 294 30.05 0.71 -11.34
N PHE A 295 29.79 1.92 -11.79
CA PHE A 295 30.37 2.41 -13.05
C PHE A 295 31.89 2.44 -12.96
N GLN A 296 32.41 2.83 -11.80
CA GLN A 296 33.86 2.87 -11.59
C GLN A 296 34.50 1.50 -11.87
N ALA A 297 33.89 0.42 -11.38
CA ALA A 297 34.43 -0.92 -11.59
C ALA A 297 34.26 -1.38 -13.04
N MET A 298 33.10 -1.07 -13.64
CA MET A 298 32.82 -1.35 -15.04
C MET A 298 33.82 -0.62 -15.95
N ALA A 299 34.24 0.58 -15.56
CA ALA A 299 35.13 1.43 -16.35
C ALA A 299 36.45 0.72 -16.64
N ARG A 300 36.85 -0.19 -15.76
CA ARG A 300 38.12 -0.88 -15.90
C ARG A 300 38.15 -1.72 -17.17
N LEU A 301 37.01 -2.03 -17.80
CA LEU A 301 36.98 -2.82 -19.02
C LEU A 301 37.10 -1.97 -20.27
N VAL A 302 36.98 -0.64 -20.11
CA VAL A 302 36.86 0.25 -21.24
C VAL A 302 38.22 0.55 -21.85
N ARG A 303 38.29 0.53 -23.17
CA ARG A 303 39.52 0.77 -23.92
C ARG A 303 39.23 1.76 -25.03
N PRO A 304 40.27 2.33 -25.68
CA PRO A 304 40.06 3.38 -26.68
C PRO A 304 39.10 3.03 -27.81
N GLU A 305 39.15 1.79 -28.29
CA GLU A 305 38.29 1.31 -29.36
C GLU A 305 36.82 1.51 -28.99
N HIS A 306 36.46 1.42 -27.71
CA HIS A 306 35.06 1.47 -27.30
C HIS A 306 34.44 2.85 -27.52
N PHE A 307 35.25 3.87 -27.79
CA PHE A 307 34.77 5.24 -27.96
C PHE A 307 34.41 5.54 -29.41
N GLN A 308 34.66 4.60 -30.32
CA GLN A 308 34.34 4.76 -31.73
C GLN A 308 32.88 5.18 -31.92
N GLY A 309 32.66 6.35 -32.55
CA GLY A 309 31.33 6.85 -32.84
C GLY A 309 30.66 7.48 -31.62
N ARG A 310 31.34 7.46 -30.46
CA ARG A 310 30.75 7.87 -29.18
C ARG A 310 31.45 9.07 -28.54
N VAL A 311 32.75 9.09 -28.62
CA VAL A 311 33.59 10.23 -28.26
C VAL A 311 34.66 10.39 -29.35
N LEU A 312 34.57 11.49 -30.10
CA LEU A 312 35.58 11.88 -31.08
C LEU A 312 36.82 12.33 -30.33
N MET A 313 37.93 11.62 -30.50
CA MET A 313 39.14 11.90 -29.76
C MET A 313 40.22 12.35 -30.74
N THR A 314 40.51 13.65 -30.82
CA THR A 314 41.59 14.12 -31.69
C THR A 314 41.94 15.55 -31.33
N SER A 315 43.21 15.88 -31.56
CA SER A 315 43.68 17.25 -31.44
C SER A 315 43.41 18.04 -32.72
N ASP A 316 43.02 17.36 -33.79
CA ASP A 316 42.87 18.03 -35.07
C ASP A 316 41.52 18.76 -35.11
N LEU A 317 41.56 20.09 -35.02
CA LEU A 317 40.35 20.89 -34.89
C LEU A 317 39.56 20.94 -36.20
N ASP A 318 40.23 20.72 -37.34
CA ASP A 318 39.53 20.55 -38.60
C ASP A 318 38.63 19.30 -38.53
N ARG A 319 39.09 18.22 -37.91
CA ARG A 319 38.31 17.00 -37.79
C ARG A 319 37.09 17.28 -36.89
N HIS A 320 37.24 18.08 -35.83
CA HIS A 320 36.11 18.46 -34.99
C HIS A 320 35.10 19.24 -35.82
N GLY A 321 35.58 20.16 -36.67
CA GLY A 321 34.74 20.93 -37.56
C GLY A 321 33.92 20.07 -38.52
N GLU A 322 34.57 19.07 -39.13
CA GLU A 322 33.93 18.20 -40.12
C GLU A 322 32.89 17.33 -39.44
N PHE A 323 33.20 16.84 -38.23
CA PHE A 323 32.28 16.01 -37.47
C PHE A 323 30.98 16.76 -37.17
N LEU A 324 31.11 18.05 -36.76
CA LEU A 324 29.95 18.84 -36.39
C LEU A 324 29.15 19.19 -37.66
N GLN A 325 29.86 19.52 -38.76
CA GLN A 325 29.20 19.93 -39.98
C GLN A 325 28.33 18.79 -40.53
N HIS A 326 28.85 17.56 -40.41
CA HIS A 326 28.15 16.38 -40.90
C HIS A 326 26.79 16.29 -40.21
N LEU A 327 26.77 16.57 -38.90
CA LEU A 327 25.55 16.50 -38.11
C LEU A 327 24.56 17.60 -38.52
N ILE A 328 25.07 18.79 -38.85
CA ILE A 328 24.20 19.83 -39.39
C ILE A 328 23.58 19.35 -40.70
N ASP A 329 24.39 18.72 -41.55
CA ASP A 329 23.97 18.25 -42.85
C ASP A 329 22.88 17.18 -42.73
N LEU A 330 22.89 16.35 -41.67
CA LEU A 330 21.84 15.37 -41.42
C LEU A 330 20.53 16.05 -41.06
N GLY A 331 20.57 17.30 -40.56
CA GLY A 331 19.39 18.11 -40.33
C GLY A 331 19.19 18.53 -38.87
N PHE A 332 20.20 18.34 -38.02
CA PHE A 332 20.16 18.87 -36.66
C PHE A 332 20.30 20.41 -36.69
N THR A 333 19.43 21.08 -35.95
CA THR A 333 19.34 22.53 -35.89
C THR A 333 20.17 23.10 -34.72
N GLU A 334 20.59 22.23 -33.79
CA GLU A 334 21.44 22.63 -32.70
C GLU A 334 22.30 21.45 -32.28
N ILE A 335 23.55 21.77 -31.89
CA ILE A 335 24.49 20.77 -31.44
C ILE A 335 25.07 21.26 -30.12
N TYR A 336 25.01 20.41 -29.10
CA TYR A 336 25.60 20.71 -27.82
C TYR A 336 26.81 19.82 -27.65
N VAL A 337 27.98 20.44 -27.42
CA VAL A 337 29.24 19.71 -27.41
C VAL A 337 29.75 19.62 -25.97
N HIS A 338 29.97 18.38 -25.53
CA HIS A 338 30.62 18.07 -24.26
C HIS A 338 32.06 17.66 -24.55
N ASN A 339 33.01 18.51 -24.16
CA ASN A 339 34.42 18.13 -24.15
C ASN A 339 34.69 17.38 -22.85
N VAL A 340 35.21 16.17 -22.94
CA VAL A 340 35.28 15.28 -21.78
C VAL A 340 36.49 15.63 -20.91
N GLY A 341 37.49 16.36 -21.47
CA GLY A 341 38.68 16.67 -20.68
C GLY A 341 38.42 17.80 -19.69
N ARG A 342 39.30 17.96 -18.71
CA ARG A 342 39.20 19.01 -17.72
C ARG A 342 39.70 20.35 -18.26
N ASN A 343 40.23 20.34 -19.50
CA ASN A 343 40.76 21.52 -20.16
C ASN A 343 39.62 22.30 -20.84
N GLN A 344 38.59 22.66 -20.07
CA GLN A 344 37.39 23.29 -20.59
C GLN A 344 37.71 24.67 -21.16
N GLU A 345 38.50 25.45 -20.45
CA GLU A 345 38.77 26.82 -20.89
C GLU A 345 39.51 26.77 -22.22
N GLU A 346 40.47 25.85 -22.36
CA GLU A 346 41.29 25.75 -23.57
C GLU A 346 40.43 25.23 -24.71
N PHE A 347 39.55 24.27 -24.42
CA PHE A 347 38.62 23.73 -25.39
C PHE A 347 37.74 24.85 -25.93
N ILE A 348 37.17 25.65 -25.05
CA ILE A 348 36.22 26.68 -25.43
C ILE A 348 36.90 27.70 -26.38
N ARG A 349 38.12 28.11 -26.03
CA ARG A 349 38.83 29.10 -26.83
C ARG A 349 39.23 28.53 -28.19
N ALA A 350 39.66 27.26 -28.18
CA ALA A 350 40.03 26.58 -29.42
C ALA A 350 38.82 26.43 -30.35
N TYR A 351 37.67 26.06 -29.82
CA TYR A 351 36.46 25.96 -30.62
C TYR A 351 36.05 27.34 -31.14
N GLY A 352 36.15 28.36 -30.27
CA GLY A 352 35.67 29.68 -30.61
C GLY A 352 36.40 30.24 -31.83
N ARG A 353 37.70 29.92 -31.88
CA ARG A 353 38.59 30.39 -32.93
C ARG A 353 38.57 29.51 -34.18
N ALA A 354 38.65 28.18 -34.01
CA ALA A 354 38.99 27.27 -35.10
C ALA A 354 37.80 26.39 -35.54
N VAL A 355 36.66 26.38 -34.84
CA VAL A 355 35.54 25.52 -35.20
C VAL A 355 34.28 26.33 -35.49
N ILE A 356 33.79 27.05 -34.49
CA ILE A 356 32.49 27.71 -34.56
C ILE A 356 32.37 28.63 -35.78
N PRO A 357 33.34 29.51 -36.10
CA PRO A 357 33.17 30.44 -37.21
C PRO A 357 33.09 29.75 -38.57
N HIS A 358 33.44 28.46 -38.67
CA HIS A 358 33.52 27.78 -39.96
C HIS A 358 32.31 26.86 -40.19
N LEU A 359 31.53 26.56 -39.14
CA LEU A 359 30.29 25.82 -39.29
C LEU A 359 29.32 26.62 -40.16
N ARG A 360 28.60 25.93 -41.07
CA ARG A 360 27.60 26.55 -41.91
C ARG A 360 26.21 26.03 -41.54
N TRP A 361 25.42 26.87 -40.87
CA TRP A 361 24.06 26.55 -40.49
C TRP A 361 23.10 26.93 -41.61
N PRO A 362 21.96 26.23 -41.81
CA PRO A 362 20.96 26.71 -42.75
C PRO A 362 20.44 28.03 -42.19
N ALA A 363 20.04 28.91 -43.11
CA ALA A 363 19.66 30.28 -42.82
C ALA A 363 18.50 30.37 -41.82
N ASP A 364 17.52 29.46 -41.90
CA ASP A 364 16.29 29.67 -41.14
C ASP A 364 16.03 28.60 -40.07
N ALA A 365 17.09 27.96 -39.55
CA ALA A 365 16.96 26.78 -38.71
C ALA A 365 16.28 27.11 -37.38
N PRO A 366 15.25 26.34 -36.93
CA PRO A 366 14.62 26.56 -35.62
C PRO A 366 15.48 26.21 -34.40
N VAL A 367 15.49 27.16 -33.47
CA VAL A 367 16.22 27.07 -32.22
C VAL A 367 15.21 26.89 -31.08
N ALA A 368 15.61 26.19 -30.02
CA ALA A 368 14.75 25.92 -28.86
C ALA A 368 14.49 27.20 -28.04
N GLN A 369 13.25 27.71 -28.12
CA GLN A 369 12.84 28.94 -27.43
C GLN A 369 11.41 29.35 -27.83
N ALA A 370 10.63 29.94 -26.90
CA ALA A 370 9.70 31.02 -27.28
C ALA A 370 9.24 31.75 -26.00
N SER B 35 25.58 48.13 10.78
CA SER B 35 24.32 48.71 10.20
C SER B 35 23.69 47.75 9.18
N ARG B 36 22.42 47.32 9.37
CA ARG B 36 21.90 46.17 8.62
C ARG B 36 20.43 45.85 8.91
N LEU B 37 19.81 45.03 8.05
CA LEU B 37 18.42 44.61 8.19
C LEU B 37 18.12 43.59 7.10
N GLY B 38 17.17 42.71 7.35
CA GLY B 38 16.76 41.70 6.39
C GLY B 38 15.56 42.13 5.57
N TYR B 39 15.51 41.72 4.30
CA TYR B 39 14.40 41.98 3.41
C TYR B 39 13.67 40.68 3.10
N SER B 40 12.34 40.67 3.26
CA SER B 40 11.52 39.51 2.93
C SER B 40 11.02 39.61 1.50
N ALA B 41 11.39 38.63 0.69
CA ALA B 41 10.98 38.57 -0.70
C ALA B 41 9.69 37.76 -0.79
N SER B 42 8.58 38.44 -1.05
CA SER B 42 7.25 37.83 -1.03
C SER B 42 6.92 37.22 -2.39
N PHE B 43 7.23 35.92 -2.55
CA PHE B 43 6.97 35.18 -3.78
C PHE B 43 5.48 35.05 -4.03
N GLU B 44 4.68 35.18 -2.96
CA GLU B 44 3.23 35.07 -3.07
C GLU B 44 2.67 36.25 -3.88
N GLN B 45 3.39 37.39 -3.84
CA GLN B 45 2.84 38.63 -4.35
C GLN B 45 3.55 39.12 -5.61
N PHE B 46 4.87 38.89 -5.74
CA PHE B 46 5.69 39.63 -6.70
C PHE B 46 6.38 38.72 -7.70
N HIS B 47 6.36 39.16 -8.96
CA HIS B 47 7.06 38.51 -10.04
C HIS B 47 8.52 38.36 -9.64
N PRO B 48 9.16 37.19 -9.87
CA PRO B 48 10.55 37.00 -9.46
C PRO B 48 11.55 37.98 -10.06
N SER B 49 11.28 38.49 -11.26
CA SER B 49 12.13 39.53 -11.83
C SER B 49 12.06 40.81 -10.99
N ASP B 50 10.87 41.16 -10.51
CA ASP B 50 10.74 42.34 -9.67
C ASP B 50 11.48 42.11 -8.35
N LEU B 51 11.35 40.91 -7.79
CA LEU B 51 11.99 40.60 -6.52
C LEU B 51 13.51 40.70 -6.67
N LEU B 52 14.03 40.22 -7.80
CA LEU B 52 15.48 40.25 -8.02
C LEU B 52 15.97 41.69 -8.05
N ARG B 53 15.30 42.53 -8.82
CA ARG B 53 15.63 43.96 -8.95
C ARG B 53 15.52 44.65 -7.57
N TRP B 54 14.48 44.35 -6.79
CA TRP B 54 14.30 44.99 -5.49
C TRP B 54 15.35 44.53 -4.48
N CYS B 55 15.79 43.26 -4.56
CA CYS B 55 16.86 42.81 -3.68
C CYS B 55 18.16 43.52 -4.00
N GLN B 56 18.42 43.77 -5.29
CA GLN B 56 19.62 44.49 -5.71
C GLN B 56 19.60 45.91 -5.16
N LEU B 57 18.40 46.52 -5.16
CA LEU B 57 18.20 47.85 -4.62
C LEU B 57 18.35 47.83 -3.10
N ALA B 58 17.77 46.80 -2.46
CA ALA B 58 17.85 46.70 -1.00
C ALA B 58 19.31 46.63 -0.55
N GLU B 59 20.12 45.92 -1.31
CA GLU B 59 21.54 45.87 -1.02
C GLU B 59 22.15 47.28 -1.02
N GLN B 60 21.86 48.06 -2.06
CA GLN B 60 22.37 49.43 -2.15
C GLN B 60 21.86 50.28 -0.99
N GLU B 61 20.67 49.97 -0.45
CA GLU B 61 20.02 50.81 0.55
C GLU B 61 20.31 50.34 1.97
N GLY B 62 21.16 49.31 2.17
CA GLY B 62 21.67 48.98 3.50
C GLY B 62 21.11 47.68 4.08
N PHE B 63 20.17 47.02 3.39
CA PHE B 63 19.77 45.68 3.78
C PHE B 63 20.93 44.74 3.51
N ASP B 64 21.10 43.70 4.33
CA ASP B 64 22.26 42.81 4.22
C ASP B 64 21.90 41.37 3.95
N SER B 65 20.60 41.02 3.91
CA SER B 65 20.17 39.63 3.81
C SER B 65 18.74 39.54 3.29
N VAL B 66 18.38 38.36 2.76
CA VAL B 66 17.08 38.16 2.15
C VAL B 66 16.50 36.86 2.68
N LEU B 67 15.19 36.88 2.98
CA LEU B 67 14.40 35.70 3.30
C LEU B 67 13.44 35.49 2.14
N ALA B 68 13.47 34.30 1.55
CA ALA B 68 12.66 33.97 0.39
C ALA B 68 11.71 32.82 0.69
N ALA B 69 10.43 33.14 0.49
CA ALA B 69 9.34 32.20 0.66
C ALA B 69 9.48 31.07 -0.36
N ASP B 70 9.29 29.83 0.09
CA ASP B 70 9.24 28.66 -0.77
C ASP B 70 7.79 28.22 -0.93
N HIS B 71 7.08 28.82 -1.89
CA HIS B 71 5.68 28.51 -2.11
C HIS B 71 5.48 27.93 -3.50
N PHE B 72 4.33 27.25 -3.65
CA PHE B 72 3.81 26.83 -4.93
C PHE B 72 2.61 27.68 -5.27
N HIS B 73 1.84 28.09 -4.24
CA HIS B 73 0.67 28.92 -4.41
C HIS B 73 0.75 30.17 -3.53
N PRO B 74 0.12 31.28 -3.97
CA PRO B 74 -0.11 32.44 -3.11
C PRO B 74 -1.24 32.11 -2.14
N TRP B 75 -1.35 32.89 -1.06
CA TRP B 75 -2.47 32.75 -0.14
C TRP B 75 -3.79 33.11 -0.82
N THR B 76 -3.79 34.15 -1.67
CA THR B 76 -5.00 34.59 -2.37
C THR B 76 -4.68 34.81 -3.85
N PRO B 77 -5.67 34.74 -4.77
CA PRO B 77 -5.45 35.09 -6.16
C PRO B 77 -4.97 36.52 -6.34
N GLU B 78 -5.44 37.42 -5.47
CA GLU B 78 -5.09 38.83 -5.56
C GLU B 78 -3.60 39.03 -5.31
N GLN B 79 -2.95 38.13 -4.56
CA GLN B 79 -1.51 38.21 -4.40
C GLN B 79 -0.86 37.84 -5.72
N GLY B 80 -1.22 36.67 -6.25
CA GLY B 80 -1.15 36.45 -7.69
C GLY B 80 0.17 35.90 -8.21
N GLN B 81 1.11 35.43 -7.36
CA GLN B 81 2.37 34.87 -7.84
C GLN B 81 2.81 33.67 -7.00
N SER B 82 3.81 32.91 -7.50
CA SER B 82 4.61 31.95 -6.74
C SER B 82 5.74 31.38 -7.60
N GLY B 83 6.85 32.10 -7.70
CA GLY B 83 8.02 31.60 -8.39
C GLY B 83 8.68 30.45 -7.64
N PHE B 84 9.40 29.62 -8.39
CA PHE B 84 10.21 28.54 -7.83
C PHE B 84 11.48 29.15 -7.22
N VAL B 85 11.52 29.18 -5.88
CA VAL B 85 12.52 29.93 -5.14
C VAL B 85 13.93 29.43 -5.48
N TRP B 86 14.10 28.13 -5.73
CA TRP B 86 15.45 27.58 -5.83
C TRP B 86 16.19 28.13 -7.04
N ALA B 87 15.46 28.33 -8.15
CA ALA B 87 16.05 28.92 -9.34
C ALA B 87 16.38 30.39 -9.09
N TRP B 88 15.48 31.10 -8.45
CA TRP B 88 15.64 32.52 -8.21
C TRP B 88 16.86 32.76 -7.32
N LEU B 89 17.12 31.86 -6.35
CA LEU B 89 18.21 32.09 -5.41
C LEU B 89 19.55 32.07 -6.13
N GLY B 90 19.67 31.30 -7.20
CA GLY B 90 20.87 31.33 -8.01
C GLY B 90 21.12 32.70 -8.64
N ALA B 91 20.03 33.34 -9.12
CA ALA B 91 20.14 34.67 -9.71
C ALA B 91 20.54 35.70 -8.65
N LEU B 92 19.94 35.58 -7.47
CA LEU B 92 20.22 36.50 -6.38
C LEU B 92 21.70 36.37 -5.99
N GLY B 93 22.14 35.13 -5.85
CA GLY B 93 23.50 34.86 -5.41
C GLY B 93 24.52 35.42 -6.39
N ALA B 94 24.22 35.33 -7.68
CA ALA B 94 25.17 35.73 -8.72
C ALA B 94 25.16 37.23 -8.95
N THR B 95 24.16 37.98 -8.47
CA THR B 95 24.07 39.40 -8.82
C THR B 95 24.15 40.30 -7.57
N THR B 96 24.33 39.73 -6.36
CA THR B 96 24.48 40.54 -5.15
C THR B 96 25.53 39.88 -4.26
N ARG B 97 25.83 40.51 -3.13
CA ARG B 97 26.67 39.94 -2.08
C ARG B 97 25.88 39.64 -0.81
N LEU B 98 24.54 39.72 -0.92
CA LEU B 98 23.62 39.50 0.18
C LEU B 98 23.73 38.07 0.71
N ARG B 99 23.50 37.91 2.01
CA ARG B 99 23.16 36.62 2.58
C ARG B 99 21.71 36.35 2.23
N PHE B 100 21.34 35.06 2.17
CA PHE B 100 19.98 34.71 1.80
C PHE B 100 19.64 33.32 2.30
N GLY B 101 18.33 33.10 2.49
CA GLY B 101 17.82 31.86 3.03
C GLY B 101 16.37 31.60 2.61
N THR B 102 16.01 30.31 2.62
CA THR B 102 14.64 29.89 2.43
C THR B 102 13.92 30.14 3.73
N GLY B 103 12.71 30.74 3.66
CA GLY B 103 11.94 30.99 4.86
C GLY B 103 10.46 30.63 4.68
N VAL B 104 10.08 29.34 4.62
CA VAL B 104 10.97 28.21 4.77
C VAL B 104 10.59 27.13 3.76
N THR B 105 11.47 26.15 3.56
CA THR B 105 11.21 25.00 2.72
C THR B 105 10.74 23.86 3.62
N PRO B 106 9.66 23.14 3.26
CA PRO B 106 9.31 21.89 3.94
C PRO B 106 9.94 20.66 3.30
N PRO B 107 11.00 20.08 3.90
CA PRO B 107 11.72 18.96 3.29
C PRO B 107 11.15 17.61 3.71
N ILE B 108 9.82 17.50 3.73
CA ILE B 108 9.18 16.38 4.39
C ILE B 108 8.43 15.51 3.39
N GLY B 109 8.79 15.65 2.10
CA GLY B 109 8.51 14.63 1.11
C GLY B 109 7.22 14.86 0.35
N PHE B 110 6.65 16.09 0.31
CA PHE B 110 5.49 16.34 -0.53
C PHE B 110 5.99 16.99 -1.82
N ARG B 111 6.13 18.31 -1.87
CA ARG B 111 6.82 18.92 -3.00
C ARG B 111 8.28 18.48 -3.05
N TYR B 112 8.92 18.30 -1.89
CA TYR B 112 10.36 18.13 -1.87
C TYR B 112 10.80 16.97 -0.97
N HIS B 113 11.60 16.07 -1.55
CA HIS B 113 12.21 15.00 -0.78
C HIS B 113 13.41 15.62 -0.06
N PRO B 114 13.69 15.23 1.20
CA PRO B 114 14.79 15.83 1.94
C PRO B 114 16.16 15.75 1.27
N ALA B 115 16.41 14.70 0.49
CA ALA B 115 17.71 14.57 -0.16
C ALA B 115 17.92 15.67 -1.21
N ILE B 116 16.84 16.06 -1.88
CA ILE B 116 16.91 17.09 -2.92
C ILE B 116 17.13 18.45 -2.25
N VAL B 117 16.47 18.69 -1.12
CA VAL B 117 16.68 19.93 -0.41
C VAL B 117 18.15 20.03 0.02
N ALA B 118 18.68 18.91 0.53
CA ALA B 118 20.08 18.93 0.96
C ALA B 118 21.01 19.30 -0.20
N GLN B 119 20.79 18.68 -1.37
CA GLN B 119 21.62 18.92 -2.55
C GLN B 119 21.52 20.39 -2.99
N ALA B 120 20.29 20.92 -3.03
CA ALA B 120 20.04 22.29 -3.41
C ALA B 120 20.77 23.24 -2.47
N ALA B 121 20.69 22.97 -1.16
CA ALA B 121 21.34 23.79 -0.16
C ALA B 121 22.85 23.75 -0.33
N ALA B 122 23.40 22.54 -0.51
CA ALA B 122 24.83 22.38 -0.63
C ALA B 122 25.33 23.10 -1.88
N THR B 123 24.56 23.05 -2.96
CA THR B 123 24.98 23.70 -4.21
C THR B 123 24.98 25.24 -4.03
N LEU B 124 23.96 25.80 -3.39
CA LEU B 124 23.92 27.23 -3.15
C LEU B 124 25.12 27.67 -2.29
N GLU B 125 25.36 26.91 -1.21
CA GLU B 125 26.49 27.25 -0.34
C GLU B 125 27.82 27.13 -1.10
N ALA B 126 27.94 26.12 -1.97
CA ALA B 126 29.18 25.89 -2.69
C ALA B 126 29.43 27.01 -3.69
N MET B 127 28.35 27.49 -4.33
CA MET B 127 28.48 28.56 -5.31
C MET B 127 28.65 29.92 -4.64
N PHE B 128 28.04 30.10 -3.44
CA PHE B 128 28.04 31.37 -2.73
C PHE B 128 28.48 31.18 -1.28
N PRO B 129 29.75 30.82 -1.04
CA PRO B 129 30.22 30.44 0.29
C PRO B 129 29.95 31.50 1.34
N GLY B 130 29.42 31.06 2.49
CA GLY B 130 29.17 31.93 3.62
C GLY B 130 27.88 32.73 3.51
N ARG B 131 27.08 32.47 2.46
CA ARG B 131 25.97 33.38 2.17
C ARG B 131 24.61 32.72 2.36
N PHE B 132 24.53 31.38 2.32
CA PHE B 132 23.24 30.70 2.33
C PHE B 132 22.94 30.12 3.70
N TRP B 133 21.66 30.23 4.13
CA TRP B 133 21.15 29.50 5.27
C TRP B 133 19.89 28.73 4.88
N LEU B 134 19.83 27.46 5.25
CA LEU B 134 18.73 26.58 4.88
C LEU B 134 17.64 26.69 5.94
N GLY B 135 16.58 27.45 5.62
CA GLY B 135 15.44 27.56 6.52
C GLY B 135 14.42 26.49 6.18
N ILE B 136 14.01 25.69 7.19
CA ILE B 136 13.08 24.59 6.98
C ILE B 136 11.92 24.68 7.96
N GLY B 137 10.80 24.04 7.59
CA GLY B 137 9.65 23.93 8.47
C GLY B 137 8.72 22.79 8.08
N ALA B 138 7.58 22.72 8.78
CA ALA B 138 6.62 21.64 8.72
C ALA B 138 5.60 21.79 7.58
N GLY B 139 5.61 22.95 6.91
CA GLY B 139 4.84 23.14 5.69
C GLY B 139 3.36 23.51 5.90
N GLU B 140 2.75 23.91 4.79
CA GLU B 140 1.36 24.31 4.71
C GLU B 140 0.67 23.53 3.60
N ALA B 141 -0.58 23.13 3.85
CA ALA B 141 -1.35 22.42 2.82
C ALA B 141 -1.49 23.22 1.54
N LEU B 142 -1.54 24.54 1.66
CA LEU B 142 -1.66 25.44 0.54
C LEU B 142 -0.70 25.03 -0.56
N ASN B 143 0.54 24.67 -0.16
CA ASN B 143 1.59 24.29 -1.09
C ASN B 143 1.70 22.75 -1.27
N GLU B 144 1.57 21.99 -0.18
CA GLU B 144 1.91 20.57 -0.22
C GLU B 144 0.75 19.72 -0.76
N HIS B 145 -0.49 20.23 -0.76
CA HIS B 145 -1.63 19.40 -1.08
C HIS B 145 -1.65 19.00 -2.56
N ILE B 146 -0.86 19.70 -3.39
CA ILE B 146 -0.91 19.49 -4.82
C ILE B 146 -0.56 18.05 -5.20
N VAL B 147 0.24 17.34 -4.37
CA VAL B 147 0.69 16.00 -4.73
C VAL B 147 -0.31 14.95 -4.28
N GLY B 148 -1.40 15.35 -3.61
CA GLY B 148 -2.53 14.46 -3.35
C GLY B 148 -2.24 13.35 -2.34
N ARG B 149 -1.53 13.68 -1.24
CA ARG B 149 -1.19 12.71 -0.22
C ARG B 149 -1.79 13.08 1.12
N TYR B 150 -1.88 12.07 2.00
CA TYR B 150 -2.35 12.26 3.36
C TYR B 150 -1.56 13.39 3.99
N TRP B 151 -2.28 14.36 4.56
CA TRP B 151 -1.68 15.50 5.26
C TRP B 151 -1.76 15.30 6.77
N PRO B 152 -0.64 14.95 7.44
CA PRO B 152 -0.65 14.70 8.88
C PRO B 152 -0.94 15.96 9.68
N GLU B 153 -1.40 15.76 10.90
CA GLU B 153 -1.57 16.85 11.86
C GLU B 153 -0.21 17.49 12.15
N PRO B 154 -0.18 18.75 12.59
CA PRO B 154 1.08 19.43 12.91
C PRO B 154 2.05 18.63 13.79
N ALA B 155 1.58 17.96 14.83
CA ALA B 155 2.52 17.24 15.69
C ALA B 155 3.22 16.13 14.93
N GLU B 156 2.51 15.50 14.00
CA GLU B 156 3.13 14.45 13.19
C GLU B 156 4.09 15.08 12.18
N ARG B 157 3.72 16.20 11.57
CA ARG B 157 4.63 16.86 10.64
C ARG B 157 5.92 17.29 11.34
N ILE B 158 5.87 17.64 12.63
CA ILE B 158 7.06 17.91 13.42
C ILE B 158 7.96 16.67 13.46
N ARG B 159 7.38 15.49 13.68
CA ARG B 159 8.14 14.25 13.66
C ARG B 159 8.78 14.04 12.29
N MET B 160 8.06 14.38 11.22
CA MET B 160 8.59 14.23 9.88
C MET B 160 9.77 15.19 9.68
N LEU B 161 9.63 16.43 10.17
CA LEU B 161 10.67 17.44 10.04
C LEU B 161 11.94 16.99 10.76
N ILE B 162 11.78 16.37 11.94
CA ILE B 162 12.92 15.92 12.71
C ILE B 162 13.65 14.82 11.96
N GLU B 163 12.91 13.92 11.29
CA GLU B 163 13.57 12.88 10.53
C GLU B 163 14.24 13.48 9.30
N ALA B 164 13.62 14.48 8.68
CA ALA B 164 14.21 15.15 7.53
C ALA B 164 15.54 15.81 7.89
N ILE B 165 15.60 16.42 9.08
CA ILE B 165 16.83 17.03 9.57
C ILE B 165 17.94 15.98 9.62
N GLU B 166 17.59 14.77 10.05
CA GLU B 166 18.55 13.69 10.15
C GLU B 166 19.09 13.34 8.75
N VAL B 167 18.20 13.27 7.75
CA VAL B 167 18.60 12.98 6.39
C VAL B 167 19.53 14.09 5.88
N ILE B 168 19.15 15.35 6.09
CA ILE B 168 19.92 16.46 5.57
C ILE B 168 21.31 16.47 6.18
N GLN B 169 21.39 16.21 7.47
CA GLN B 169 22.66 16.23 8.17
C GLN B 169 23.57 15.07 7.77
N LYS B 170 22.96 13.90 7.50
CA LYS B 170 23.75 12.79 6.99
C LYS B 170 24.39 13.18 5.66
N LEU B 171 23.60 13.74 4.75
CA LEU B 171 24.11 14.12 3.45
C LEU B 171 25.17 15.21 3.56
N PHE B 172 25.01 16.09 4.56
CA PHE B 172 25.93 17.20 4.74
C PHE B 172 27.28 16.71 5.26
N THR B 173 27.43 15.44 5.67
CA THR B 173 28.74 14.92 6.05
C THR B 173 29.61 14.77 4.79
N GLY B 174 28.97 14.76 3.61
CA GLY B 174 29.68 14.65 2.36
C GLY B 174 30.18 13.24 2.08
N LYS B 175 29.69 12.25 2.84
CA LYS B 175 30.03 10.85 2.60
C LYS B 175 28.84 10.12 1.99
N VAL B 176 29.08 8.88 1.55
CA VAL B 176 28.02 7.95 1.17
C VAL B 176 27.26 7.58 2.44
N ILE B 177 25.95 7.83 2.43
CA ILE B 177 25.07 7.52 3.54
C ILE B 177 23.86 6.75 3.02
N ARG B 178 23.20 6.09 3.99
CA ARG B 178 21.94 5.39 3.81
C ARG B 178 21.03 5.80 4.96
N HIS B 179 19.73 5.72 4.77
CA HIS B 179 18.79 6.07 5.81
C HIS B 179 17.52 5.24 5.62
N GLU B 180 17.01 4.73 6.73
CA GLU B 180 15.65 4.19 6.74
C GLU B 180 14.98 4.57 8.06
N GLY B 181 13.92 5.36 8.01
CA GLY B 181 13.17 5.68 9.21
C GLY B 181 11.68 5.52 8.97
N VAL B 182 10.88 6.11 9.86
CA VAL B 182 9.44 6.00 9.74
C VAL B 182 8.97 6.62 8.42
N TYR B 183 9.54 7.77 8.03
CA TYR B 183 9.00 8.57 6.95
C TYR B 183 9.84 8.47 5.68
N PHE B 184 11.14 8.28 5.77
CA PHE B 184 12.02 8.45 4.61
C PHE B 184 12.93 7.25 4.45
N LYS B 185 13.19 6.93 3.19
CA LYS B 185 14.13 5.91 2.79
C LYS B 185 15.13 6.61 1.88
N VAL B 186 16.42 6.45 2.17
CA VAL B 186 17.44 6.95 1.27
C VAL B 186 18.41 5.81 1.02
N GLU B 187 18.52 5.41 -0.25
CA GLU B 187 19.51 4.45 -0.70
C GLU B 187 20.87 5.14 -0.82
N SER B 188 21.93 4.35 -0.93
CA SER B 188 23.28 4.88 -0.98
C SER B 188 23.32 6.21 -1.74
N ALA B 189 23.66 7.28 -1.03
CA ALA B 189 23.62 8.62 -1.58
C ALA B 189 24.75 9.47 -1.00
N LYS B 190 25.34 10.29 -1.88
CA LYS B 190 26.43 11.18 -1.49
C LYS B 190 26.30 12.53 -2.22
N LEU B 191 26.49 13.62 -1.47
CA LEU B 191 26.64 14.92 -2.07
C LEU B 191 28.10 15.14 -2.45
N TYR B 192 28.38 14.98 -3.76
CA TYR B 192 29.72 15.20 -4.26
C TYR B 192 30.06 16.70 -4.34
N THR B 193 29.07 17.55 -4.65
CA THR B 193 29.25 18.98 -4.63
C THR B 193 28.84 19.49 -3.25
N MET B 194 29.82 19.67 -2.38
CA MET B 194 29.59 19.88 -0.96
C MET B 194 30.60 20.93 -0.49
N PRO B 195 30.23 22.12 0.05
CA PRO B 195 31.23 23.03 0.59
C PRO B 195 31.93 22.45 1.82
N ASP B 196 33.11 22.99 2.14
CA ASP B 196 33.89 22.49 3.27
C ASP B 196 33.09 22.61 4.55
N VAL B 197 32.39 23.75 4.68
CA VAL B 197 31.52 23.99 5.81
C VAL B 197 30.09 23.99 5.31
N PRO B 198 29.19 23.13 5.85
CA PRO B 198 27.78 23.13 5.43
C PRO B 198 27.10 24.45 5.75
N PRO B 199 26.04 24.83 5.01
CA PRO B 199 25.25 25.99 5.39
C PRO B 199 24.56 25.64 6.70
N PRO B 200 24.21 26.64 7.54
CA PRO B 200 23.41 26.41 8.74
C PRO B 200 22.01 25.94 8.39
N ILE B 201 21.48 25.07 9.24
CA ILE B 201 20.08 24.69 9.21
C ILE B 201 19.32 25.51 10.26
N ILE B 202 18.36 26.29 9.76
CA ILE B 202 17.50 27.14 10.57
C ILE B 202 16.08 26.58 10.51
N VAL B 203 15.45 26.37 11.68
CA VAL B 203 14.07 25.90 11.72
C VAL B 203 13.16 27.09 11.95
N GLY B 204 12.19 27.27 11.04
CA GLY B 204 11.09 28.21 11.23
C GLY B 204 9.94 27.54 11.97
N THR B 205 9.61 28.04 13.17
CA THR B 205 8.57 27.47 14.01
C THR B 205 8.12 28.52 15.04
N ALA B 206 6.84 28.42 15.44
CA ALA B 206 6.31 29.15 16.58
C ALA B 206 5.97 28.20 17.74
N GLY B 207 6.35 26.91 17.61
CA GLY B 207 6.00 25.91 18.60
C GLY B 207 7.10 25.77 19.64
N PRO B 208 6.79 25.92 20.95
CA PRO B 208 7.78 25.74 22.02
C PRO B 208 8.56 24.43 21.96
N TYR B 209 7.89 23.33 21.62
CA TYR B 209 8.54 22.04 21.57
C TYR B 209 9.58 22.05 20.44
N MET B 210 9.19 22.47 19.22
CA MET B 210 10.11 22.43 18.10
C MET B 210 11.23 23.46 18.29
N ALA B 211 10.94 24.57 18.97
CA ALA B 211 11.96 25.59 19.21
C ALA B 211 13.09 25.00 20.04
N LYS B 212 12.74 24.15 21.02
CA LYS B 212 13.74 23.47 21.84
C LYS B 212 14.53 22.46 21.00
N LYS B 213 13.82 21.71 20.15
CA LYS B 213 14.45 20.74 19.28
C LYS B 213 15.42 21.41 18.32
N THR B 214 15.05 22.64 17.89
CA THR B 214 15.87 23.43 16.99
C THR B 214 17.21 23.76 17.64
N GLY B 215 17.17 24.19 18.89
CA GLY B 215 18.39 24.46 19.64
C GLY B 215 19.25 23.22 19.76
N GLN B 216 18.59 22.09 19.95
CA GLN B 216 19.28 20.83 20.16
C GLN B 216 19.91 20.30 18.89
N LEU B 217 19.17 20.35 17.77
CA LEU B 217 19.50 19.57 16.59
C LEU B 217 20.06 20.45 15.47
N CYS B 218 19.75 21.75 15.46
CA CYS B 218 20.04 22.57 14.30
C CYS B 218 20.89 23.75 14.73
N ASP B 219 20.98 24.78 13.88
CA ASP B 219 21.99 25.81 14.06
C ASP B 219 21.38 27.15 14.47
N GLY B 220 20.06 27.34 14.30
CA GLY B 220 19.43 28.58 14.72
C GLY B 220 17.92 28.57 14.48
N LEU B 221 17.23 29.61 14.99
CA LEU B 221 15.77 29.66 14.98
C LEU B 221 15.27 30.80 14.11
N LEU B 222 14.16 30.56 13.41
CA LEU B 222 13.39 31.62 12.77
C LEU B 222 11.96 31.53 13.27
N THR B 223 11.38 32.66 13.71
CA THR B 223 10.05 32.64 14.25
C THR B 223 9.29 33.87 13.75
N PRO B 224 7.94 33.83 13.68
CA PRO B 224 7.17 34.99 13.24
C PRO B 224 7.02 36.01 14.35
N GLY B 225 6.54 37.19 13.98
CA GLY B 225 6.19 38.22 14.92
C GLY B 225 5.10 37.69 15.83
N ALA B 226 5.22 38.00 17.11
CA ALA B 226 4.27 37.59 18.13
C ALA B 226 4.48 38.52 19.31
N ASN B 227 3.66 38.39 20.35
CA ASN B 227 3.78 39.24 21.52
C ASN B 227 5.04 38.85 22.27
N ASP B 228 5.44 39.72 23.20
CA ASP B 228 6.70 39.61 23.92
C ASP B 228 6.77 38.30 24.70
N GLU B 229 5.64 37.86 25.27
CA GLU B 229 5.65 36.69 26.14
C GLU B 229 5.97 35.44 25.31
N LYS B 230 5.35 35.32 24.13
CA LYS B 230 5.60 34.16 23.28
C LYS B 230 7.02 34.16 22.75
N LEU B 231 7.50 35.32 22.28
CA LEU B 231 8.83 35.45 21.72
C LEU B 231 9.85 35.08 22.81
N ARG B 232 9.67 35.56 24.04
CA ARG B 232 10.60 35.23 25.12
C ARG B 232 10.59 33.74 25.44
N LEU B 233 9.42 33.10 25.37
CA LEU B 233 9.30 31.67 25.66
C LEU B 233 10.06 30.86 24.61
N LEU B 234 9.87 31.20 23.33
CA LEU B 234 10.52 30.49 22.23
C LEU B 234 12.04 30.66 22.31
N LEU B 235 12.51 31.87 22.65
CA LEU B 235 13.94 32.13 22.79
C LEU B 235 14.48 31.27 23.92
N SER B 236 13.75 31.24 25.04
CA SER B 236 14.13 30.48 26.22
C SER B 236 14.20 28.97 25.93
N ARG B 237 13.22 28.45 25.19
CA ARG B 237 13.21 27.05 24.82
C ARG B 237 14.38 26.68 23.90
N PHE B 238 14.63 27.53 22.88
CA PHE B 238 15.77 27.37 21.99
C PHE B 238 17.09 27.32 22.77
N GLU B 239 17.27 28.24 23.71
CA GLU B 239 18.47 28.27 24.56
C GLU B 239 18.60 26.99 25.39
N GLU B 240 17.51 26.56 26.01
CA GLU B 240 17.48 25.33 26.80
C GLU B 240 17.93 24.14 25.96
N GLY B 241 17.40 24.04 24.75
CA GLY B 241 17.72 22.95 23.84
C GLY B 241 19.19 22.92 23.46
N ALA B 242 19.72 24.11 23.11
CA ALA B 242 21.12 24.27 22.74
C ALA B 242 22.02 23.87 23.90
N ARG B 243 21.76 24.41 25.08
CA ARG B 243 22.64 24.20 26.22
C ARG B 243 22.65 22.74 26.66
N ALA B 244 21.50 22.07 26.61
CA ALA B 244 21.40 20.67 26.97
C ALA B 244 22.16 19.81 25.96
N ALA B 245 22.35 20.31 24.73
CA ALA B 245 23.13 19.63 23.72
C ALA B 245 24.59 20.08 23.71
N GLY B 246 25.00 20.89 24.70
CA GLY B 246 26.40 21.30 24.85
C GLY B 246 26.79 22.48 23.95
N LYS B 247 25.81 23.21 23.39
CA LYS B 247 26.07 24.31 22.47
C LYS B 247 25.93 25.64 23.22
N ASP B 248 26.50 26.71 22.64
CA ASP B 248 26.40 28.05 23.19
C ASP B 248 25.40 28.86 22.36
N PRO B 249 24.17 29.12 22.89
CA PRO B 249 23.13 29.76 22.09
C PRO B 249 23.33 31.24 21.80
N ARG B 250 24.25 31.87 22.54
CA ARG B 250 24.56 33.28 22.32
C ARG B 250 25.33 33.45 21.01
N ARG B 251 25.87 32.36 20.45
CA ARG B 251 26.52 32.42 19.17
C ARG B 251 25.68 31.80 18.05
N MET B 252 24.39 31.53 18.30
CA MET B 252 23.54 30.92 17.29
C MET B 252 22.48 31.93 16.86
N PRO B 253 22.19 32.01 15.54
CA PRO B 253 21.17 32.95 15.04
C PRO B 253 19.80 32.77 15.69
N ARG B 254 19.21 33.89 16.09
CA ARG B 254 17.82 33.97 16.52
C ARG B 254 17.15 35.03 15.66
N MET B 255 16.35 34.55 14.71
CA MET B 255 15.86 35.37 13.63
C MET B 255 14.35 35.50 13.79
N ILE B 256 13.83 36.65 13.38
CA ILE B 256 12.39 36.88 13.43
C ILE B 256 11.95 37.47 12.09
N GLN B 257 10.77 37.06 11.65
CA GLN B 257 10.18 37.55 10.43
C GLN B 257 8.93 38.33 10.79
N VAL B 258 8.86 39.58 10.37
CA VAL B 258 7.75 40.45 10.69
C VAL B 258 7.14 41.01 9.41
N HIS B 259 5.91 41.49 9.56
CA HIS B 259 5.13 42.06 8.48
C HIS B 259 4.77 43.48 8.88
N VAL B 260 4.97 44.42 7.95
CA VAL B 260 4.62 45.82 8.16
C VAL B 260 3.88 46.33 6.93
N SER B 261 3.24 47.48 7.07
CA SER B 261 2.71 48.21 5.93
C SER B 261 3.17 49.66 6.06
N TRP B 262 4.12 50.07 5.22
CA TRP B 262 4.48 51.48 5.11
C TRP B 262 3.87 52.04 3.83
N ALA B 263 3.34 53.26 3.93
CA ALA B 263 2.87 54.00 2.78
C ALA B 263 2.91 55.49 3.09
N GLU B 264 2.42 56.31 2.16
CA GLU B 264 2.51 57.75 2.32
C GLU B 264 1.61 58.22 3.45
N THR B 265 0.44 57.57 3.60
CA THR B 265 -0.49 57.90 4.69
C THR B 265 -0.84 56.62 5.44
N ASP B 266 -1.31 56.79 6.68
CA ASP B 266 -1.81 55.67 7.48
C ASP B 266 -2.97 55.00 6.73
N GLU B 267 -3.88 55.78 6.17
CA GLU B 267 -5.05 55.25 5.47
C GLU B 267 -4.58 54.31 4.36
N GLN B 268 -3.57 54.71 3.60
CA GLN B 268 -3.11 53.92 2.47
C GLN B 268 -2.43 52.65 3.00
N ALA B 269 -1.74 52.74 4.14
CA ALA B 269 -1.02 51.61 4.71
C ALA B 269 -1.99 50.52 5.15
N ILE B 270 -3.12 50.93 5.75
CA ILE B 270 -4.17 50.04 6.21
C ILE B 270 -4.81 49.38 5.00
N GLU B 271 -5.17 50.18 4.00
CA GLU B 271 -5.83 49.66 2.80
C GLU B 271 -4.96 48.64 2.09
N ASN B 272 -3.64 48.85 2.09
CA ASN B 272 -2.71 47.91 1.48
C ASN B 272 -2.71 46.59 2.23
N ALA B 273 -2.70 46.63 3.57
CA ALA B 273 -2.73 45.42 4.39
C ALA B 273 -3.99 44.63 4.11
N LEU B 274 -5.15 45.30 4.05
CA LEU B 274 -6.41 44.62 3.80
C LEU B 274 -6.42 43.96 2.43
N ARG B 275 -5.96 44.68 1.40
CA ARG B 275 -6.08 44.17 0.04
C ARG B 275 -5.02 43.09 -0.22
N GLU B 276 -3.80 43.26 0.31
CA GLU B 276 -2.64 42.49 -0.11
C GLU B 276 -2.35 41.30 0.82
N TRP B 277 -2.66 41.43 2.13
CA TRP B 277 -2.20 40.47 3.11
C TRP B 277 -3.28 40.19 4.17
N PRO B 278 -4.52 39.87 3.75
CA PRO B 278 -5.58 39.62 4.73
C PRO B 278 -5.25 38.39 5.60
N ASN B 279 -4.43 37.50 5.07
CA ASN B 279 -3.98 36.34 5.83
C ASN B 279 -3.21 36.74 7.08
N GLY B 280 -2.59 37.92 7.05
CA GLY B 280 -1.92 38.49 8.20
C GLY B 280 -2.89 38.79 9.34
N GLY B 281 -4.19 38.93 9.04
CA GLY B 281 -5.21 39.23 10.04
C GLY B 281 -5.98 37.98 10.46
N MET B 282 -5.43 36.80 10.16
CA MET B 282 -6.11 35.55 10.45
C MET B 282 -5.38 34.83 11.59
N ALA B 283 -5.78 35.14 12.82
CA ALA B 283 -5.15 34.62 14.03
C ALA B 283 -5.69 33.23 14.37
N PHE B 284 -5.41 32.28 13.50
CA PHE B 284 -5.95 30.94 13.67
C PHE B 284 -5.10 29.98 12.83
N PRO B 285 -5.15 28.67 13.11
CA PRO B 285 -4.28 27.74 12.38
C PRO B 285 -4.67 27.68 10.90
N LYS B 286 -3.69 27.87 10.02
CA LYS B 286 -3.93 27.95 8.58
C LYS B 286 -3.33 26.77 7.80
N GLY B 287 -2.64 25.84 8.49
CA GLY B 287 -1.86 24.81 7.80
C GLY B 287 -2.68 23.73 7.06
N ASP B 288 -3.99 23.65 7.24
CA ASP B 288 -4.84 22.65 6.61
C ASP B 288 -5.62 23.22 5.41
N ILE B 289 -5.59 24.53 5.21
CA ILE B 289 -6.40 25.14 4.16
C ILE B 289 -5.68 25.02 2.82
N ARG B 290 -6.40 24.51 1.81
CA ARG B 290 -5.76 23.99 0.61
C ARG B 290 -5.66 25.00 -0.53
N ASN B 291 -6.66 25.86 -0.69
CA ASN B 291 -6.77 26.63 -1.93
C ASN B 291 -6.65 28.14 -1.70
N PRO B 292 -6.00 28.87 -2.64
CA PRO B 292 -6.09 30.33 -2.66
C PRO B 292 -7.52 30.86 -2.55
N GLU B 293 -8.47 30.18 -3.19
CA GLU B 293 -9.86 30.61 -3.20
C GLU B 293 -10.48 30.46 -1.79
N ASP B 294 -9.95 29.53 -0.98
CA ASP B 294 -10.43 29.36 0.38
C ASP B 294 -10.02 30.55 1.24
N PHE B 295 -8.74 30.91 1.18
CA PHE B 295 -8.25 32.08 1.88
C PHE B 295 -8.92 33.35 1.37
N GLN B 296 -9.18 33.40 0.07
CA GLN B 296 -9.83 34.55 -0.55
C GLN B 296 -11.18 34.80 0.10
N ALA B 297 -11.97 33.73 0.32
CA ALA B 297 -13.30 33.90 0.90
C ALA B 297 -13.20 34.24 2.39
N MET B 298 -12.26 33.59 3.10
CA MET B 298 -12.00 33.89 4.50
C MET B 298 -11.59 35.35 4.70
N ALA B 299 -10.84 35.91 3.75
CA ALA B 299 -10.31 37.27 3.82
C ALA B 299 -11.42 38.29 4.00
N ARG B 300 -12.62 37.97 3.50
CA ARG B 300 -13.74 38.89 3.55
C ARG B 300 -14.13 39.22 4.99
N LEU B 301 -13.70 38.43 5.99
CA LEU B 301 -14.06 38.70 7.38
C LEU B 301 -13.05 39.61 8.06
N VAL B 302 -11.90 39.83 7.39
CA VAL B 302 -10.77 40.47 8.04
C VAL B 302 -10.97 42.00 8.04
N ARG B 303 -10.64 42.62 9.17
CA ARG B 303 -10.81 44.04 9.37
C ARG B 303 -9.50 44.59 9.96
N PRO B 304 -9.30 45.91 9.92
CA PRO B 304 -8.05 46.49 10.40
C PRO B 304 -7.61 46.09 11.80
N GLU B 305 -8.56 45.95 12.74
CA GLU B 305 -8.21 45.59 14.10
C GLU B 305 -7.53 44.22 14.15
N HIS B 306 -7.82 43.34 13.19
CA HIS B 306 -7.24 41.99 13.21
C HIS B 306 -5.73 41.99 12.96
N PHE B 307 -5.15 43.13 12.56
CA PHE B 307 -3.73 43.19 12.24
C PHE B 307 -2.89 43.55 13.47
N GLN B 308 -3.56 43.89 14.58
CA GLN B 308 -2.90 44.27 15.81
C GLN B 308 -1.84 43.25 16.22
N GLY B 309 -0.58 43.69 16.34
CA GLY B 309 0.50 42.83 16.79
C GLY B 309 1.01 41.93 15.68
N ARG B 310 0.43 42.03 14.47
CA ARG B 310 0.69 41.10 13.38
C ARG B 310 1.25 41.82 12.15
N VAL B 311 0.67 42.99 11.84
CA VAL B 311 1.11 43.85 10.75
C VAL B 311 1.06 45.29 11.25
N LEU B 312 2.22 45.91 11.42
CA LEU B 312 2.30 47.30 11.81
C LEU B 312 1.96 48.17 10.60
N MET B 313 0.88 48.95 10.71
CA MET B 313 0.39 49.73 9.59
C MET B 313 0.53 51.22 9.93
N THR B 314 1.56 51.91 9.40
CA THR B 314 1.73 53.32 9.65
C THR B 314 2.71 53.92 8.64
N SER B 315 2.48 55.21 8.33
CA SER B 315 3.41 55.98 7.51
C SER B 315 4.55 56.53 8.37
N ASP B 316 4.41 56.45 9.70
CA ASP B 316 5.40 57.05 10.59
C ASP B 316 6.60 56.11 10.72
N LEU B 317 7.71 56.49 10.09
CA LEU B 317 8.89 55.65 9.98
C LEU B 317 9.63 55.59 11.32
N ASP B 318 9.44 56.56 12.21
CA ASP B 318 9.93 56.48 13.58
C ASP B 318 9.27 55.30 14.29
N ARG B 319 7.97 55.09 14.05
CA ARG B 319 7.24 53.99 14.66
C ARG B 319 7.80 52.66 14.14
N HIS B 320 8.12 52.59 12.85
CA HIS B 320 8.72 51.39 12.28
C HIS B 320 10.07 51.14 12.96
N GLY B 321 10.86 52.21 13.15
CA GLY B 321 12.15 52.11 13.82
C GLY B 321 12.05 51.54 15.23
N GLU B 322 11.08 52.05 16.02
CA GLU B 322 10.92 51.64 17.40
C GLU B 322 10.46 50.19 17.48
N PHE B 323 9.56 49.79 16.56
CA PHE B 323 9.07 48.42 16.50
C PHE B 323 10.22 47.43 16.28
N LEU B 324 11.14 47.76 15.35
CA LEU B 324 12.24 46.88 15.02
C LEU B 324 13.25 46.87 16.16
N GLN B 325 13.50 48.03 16.77
CA GLN B 325 14.50 48.16 17.83
C GLN B 325 14.09 47.31 19.04
N HIS B 326 12.77 47.29 19.32
CA HIS B 326 12.23 46.51 20.42
C HIS B 326 12.60 45.05 20.26
N LEU B 327 12.49 44.56 19.02
CA LEU B 327 12.78 43.16 18.72
C LEU B 327 14.27 42.87 18.88
N ILE B 328 15.14 43.83 18.51
CA ILE B 328 16.57 43.67 18.75
C ILE B 328 16.80 43.55 20.26
N ASP B 329 16.13 44.41 21.03
CA ASP B 329 16.29 44.48 22.48
C ASP B 329 15.87 43.16 23.14
N LEU B 330 14.87 42.45 22.59
CA LEU B 330 14.46 41.14 23.09
C LEU B 330 15.55 40.09 22.88
N GLY B 331 16.44 40.32 21.88
CA GLY B 331 17.61 39.49 21.67
C GLY B 331 17.64 38.80 20.30
N PHE B 332 16.77 39.21 19.37
CA PHE B 332 16.85 38.75 18.00
C PHE B 332 18.08 39.37 17.33
N THR B 333 18.84 38.51 16.62
CA THR B 333 20.08 38.88 15.97
C THR B 333 19.83 39.28 14.52
N GLU B 334 18.64 38.95 13.98
CA GLU B 334 18.29 39.33 12.62
C GLU B 334 16.78 39.52 12.55
N ILE B 335 16.36 40.49 11.74
CA ILE B 335 14.97 40.73 11.47
C ILE B 335 14.80 40.79 9.97
N TYR B 336 13.83 40.03 9.46
CA TYR B 336 13.45 40.07 8.06
C TYR B 336 12.09 40.78 7.97
N VAL B 337 12.04 41.86 7.19
CA VAL B 337 10.86 42.70 7.10
C VAL B 337 10.15 42.49 5.77
N HIS B 338 8.87 42.11 5.87
CA HIS B 338 7.96 42.01 4.73
C HIS B 338 7.05 43.23 4.74
N ASN B 339 7.21 44.12 3.76
CA ASN B 339 6.26 45.19 3.53
C ASN B 339 5.15 44.63 2.65
N VAL B 340 3.90 44.75 3.09
CA VAL B 340 2.81 44.04 2.45
C VAL B 340 2.33 44.80 1.22
N GLY B 341 2.64 46.11 1.12
CA GLY B 341 2.16 46.88 -0.01
C GLY B 341 2.93 46.58 -1.28
N ARG B 342 2.37 46.97 -2.43
CA ARG B 342 3.04 46.78 -3.72
C ARG B 342 4.11 47.83 -3.97
N ASN B 343 4.22 48.80 -3.05
CA ASN B 343 5.17 49.90 -3.13
C ASN B 343 6.54 49.47 -2.59
N GLN B 344 7.10 48.38 -3.12
CA GLN B 344 8.33 47.81 -2.58
C GLN B 344 9.52 48.75 -2.77
N GLU B 345 9.64 49.33 -3.97
CA GLU B 345 10.77 50.21 -4.23
C GLU B 345 10.74 51.40 -3.27
N GLU B 346 9.55 51.97 -3.05
CA GLU B 346 9.40 53.14 -2.18
C GLU B 346 9.66 52.74 -0.72
N PHE B 347 9.18 51.56 -0.32
CA PHE B 347 9.41 51.04 1.02
C PHE B 347 10.90 50.88 1.28
N ILE B 348 11.61 50.27 0.33
CA ILE B 348 13.01 49.98 0.51
C ILE B 348 13.80 51.29 0.69
N ARG B 349 13.51 52.30 -0.12
CA ARG B 349 14.22 53.58 -0.06
C ARG B 349 13.89 54.32 1.22
N ALA B 350 12.62 54.26 1.65
CA ALA B 350 12.19 54.88 2.91
C ALA B 350 12.90 54.23 4.10
N TYR B 351 13.01 52.90 4.11
CA TYR B 351 13.71 52.21 5.19
C TYR B 351 15.20 52.56 5.13
N GLY B 352 15.76 52.59 3.93
CA GLY B 352 17.19 52.78 3.76
C GLY B 352 17.63 54.12 4.32
N ARG B 353 16.77 55.12 4.16
CA ARG B 353 17.01 56.49 4.56
C ARG B 353 16.68 56.74 6.03
N ALA B 354 15.50 56.30 6.47
CA ALA B 354 14.94 56.76 7.74
C ALA B 354 14.93 55.69 8.85
N VAL B 355 15.21 54.41 8.55
CA VAL B 355 15.10 53.36 9.54
C VAL B 355 16.43 52.68 9.79
N ILE B 356 16.99 52.07 8.72
CA ILE B 356 18.13 51.18 8.85
C ILE B 356 19.31 51.86 9.53
N PRO B 357 19.71 53.09 9.14
CA PRO B 357 20.90 53.69 9.72
C PRO B 357 20.75 54.02 11.22
N HIS B 358 19.53 53.95 11.78
CA HIS B 358 19.31 54.34 13.16
C HIS B 358 19.15 53.14 14.10
N LEU B 359 18.90 51.94 13.55
CA LEU B 359 18.83 50.74 14.37
C LEU B 359 20.16 50.50 15.08
N ARG B 360 20.13 50.09 16.36
CA ARG B 360 21.34 49.78 17.11
C ARG B 360 21.40 48.27 17.41
N TRP B 361 22.25 47.55 16.67
CA TRP B 361 22.50 46.14 16.88
C TRP B 361 23.61 45.92 17.89
N PRO B 362 23.66 44.82 18.66
CA PRO B 362 24.87 44.47 19.41
C PRO B 362 26.01 44.30 18.41
N ALA B 363 27.23 44.70 18.82
CA ALA B 363 28.38 44.71 17.93
C ALA B 363 28.75 43.30 17.44
N ASP B 364 28.52 42.26 18.24
CA ASP B 364 29.01 40.92 17.99
C ASP B 364 27.85 39.93 17.83
N ALA B 365 26.67 40.38 17.37
CA ALA B 365 25.49 39.53 17.25
C ALA B 365 25.72 38.47 16.16
N PRO B 366 25.42 37.17 16.42
CA PRO B 366 25.55 36.14 15.39
C PRO B 366 24.57 36.20 14.22
N VAL B 367 25.16 36.12 13.03
CA VAL B 367 24.44 36.15 11.78
C VAL B 367 24.42 34.74 11.17
N ALA B 368 23.34 34.42 10.43
CA ALA B 368 23.18 33.12 9.78
C ALA B 368 24.19 32.91 8.63
N GLN B 369 25.10 31.93 8.86
CA GLN B 369 26.28 31.57 8.06
C GLN B 369 27.21 30.75 8.97
N SER C 34 -52.48 21.19 5.19
CA SER C 34 -52.42 20.52 6.51
C SER C 34 -51.10 20.87 7.22
N SER C 35 -51.19 21.15 8.54
CA SER C 35 -50.22 21.92 9.32
C SER C 35 -48.93 21.14 9.61
N ARG C 36 -47.73 21.71 9.36
CA ARG C 36 -46.50 20.97 9.64
C ARG C 36 -45.20 21.79 9.49
N LEU C 37 -44.09 21.22 10.00
CA LEU C 37 -42.77 21.83 9.93
C LEU C 37 -41.75 20.84 10.49
N GLY C 38 -40.51 20.95 10.02
CA GLY C 38 -39.42 20.09 10.49
C GLY C 38 -38.61 20.75 11.60
N TYR C 39 -38.11 19.93 12.53
CA TYR C 39 -37.25 20.38 13.62
C TYR C 39 -35.86 19.80 13.43
N SER C 40 -34.84 20.65 13.51
CA SER C 40 -33.45 20.22 13.40
C SER C 40 -32.89 19.96 14.79
N ALA C 41 -32.45 18.72 15.00
CA ALA C 41 -31.86 18.31 16.27
C ALA C 41 -30.36 18.52 16.19
N SER C 42 -29.85 19.51 16.92
CA SER C 42 -28.46 19.91 16.87
C SER C 42 -27.61 19.10 17.85
N PHE C 43 -27.06 17.98 17.35
CA PHE C 43 -26.21 17.12 18.15
C PHE C 43 -24.91 17.81 18.54
N GLU C 44 -24.53 18.86 17.78
CA GLU C 44 -23.33 19.62 18.08
C GLU C 44 -23.45 20.37 19.41
N GLN C 45 -24.69 20.69 19.78
CA GLN C 45 -24.95 21.60 20.88
C GLN C 45 -25.59 20.92 22.09
N PHE C 46 -26.46 19.93 21.87
CA PHE C 46 -27.38 19.48 22.92
C PHE C 46 -27.21 18.01 23.28
N HIS C 47 -27.24 17.74 24.58
CA HIS C 47 -27.24 16.39 25.11
C HIS C 47 -28.38 15.60 24.47
N PRO C 48 -28.14 14.35 24.04
CA PRO C 48 -29.17 13.58 23.35
C PRO C 48 -30.46 13.35 24.14
N SER C 49 -30.37 13.32 25.48
CA SER C 49 -31.57 13.22 26.30
C SER C 49 -32.43 14.47 26.13
N ASP C 50 -31.79 15.63 26.07
CA ASP C 50 -32.53 16.88 25.90
C ASP C 50 -33.16 16.88 24.52
N LEU C 51 -32.41 16.44 23.49
CA LEU C 51 -32.95 16.42 22.14
C LEU C 51 -34.16 15.51 22.04
N LEU C 52 -34.11 14.37 22.74
CA LEU C 52 -35.22 13.41 22.70
C LEU C 52 -36.47 14.06 23.29
N ARG C 53 -36.31 14.66 24.48
CA ARG C 53 -37.40 15.35 25.16
C ARG C 53 -37.96 16.48 24.29
N TRP C 54 -37.09 17.27 23.63
CA TRP C 54 -37.55 18.40 22.83
C TRP C 54 -38.26 17.92 21.56
N CYS C 55 -37.83 16.80 20.97
CA CYS C 55 -38.53 16.25 19.82
C CYS C 55 -39.93 15.79 20.21
N GLN C 56 -40.07 15.21 21.40
CA GLN C 56 -41.37 14.77 21.90
C GLN C 56 -42.30 15.97 22.09
N LEU C 57 -41.74 17.09 22.55
CA LEU C 57 -42.46 18.33 22.71
C LEU C 57 -42.82 18.91 21.34
N ALA C 58 -41.84 18.88 20.41
CA ALA C 58 -42.08 19.43 19.08
C ALA C 58 -43.24 18.71 18.41
N GLU C 59 -43.34 17.41 18.65
CA GLU C 59 -44.45 16.65 18.12
C GLU C 59 -45.77 17.21 18.64
N GLN C 60 -45.87 17.43 19.95
CA GLN C 60 -47.08 17.99 20.56
C GLN C 60 -47.39 19.38 19.98
N GLU C 61 -46.35 20.13 19.56
CA GLU C 61 -46.52 21.51 19.14
C GLU C 61 -46.72 21.65 17.63
N GLY C 62 -46.75 20.55 16.88
CA GLY C 62 -47.18 20.57 15.48
C GLY C 62 -46.05 20.32 14.47
N PHE C 63 -44.82 20.18 14.95
CA PHE C 63 -43.73 19.73 14.08
C PHE C 63 -44.01 18.27 13.72
N ASP C 64 -43.66 17.86 12.50
CA ASP C 64 -44.04 16.53 12.02
C ASP C 64 -42.83 15.67 11.66
N SER C 65 -41.60 16.21 11.73
CA SER C 65 -40.41 15.51 11.27
C SER C 65 -39.16 16.08 11.93
N VAL C 66 -38.09 15.28 11.93
CA VAL C 66 -36.84 15.65 12.58
C VAL C 66 -35.69 15.38 11.61
N LEU C 67 -34.75 16.32 11.57
CA LEU C 67 -33.47 16.15 10.89
C LEU C 67 -32.40 16.06 11.98
N ALA C 68 -31.60 15.00 11.93
CA ALA C 68 -30.58 14.76 12.94
C ALA C 68 -29.19 14.73 12.32
N ALA C 69 -28.36 15.60 12.87
CA ALA C 69 -26.96 15.71 12.51
C ALA C 69 -26.23 14.41 12.83
N ASP C 70 -25.40 13.95 11.89
CA ASP C 70 -24.51 12.82 12.12
C ASP C 70 -23.10 13.35 12.32
N HIS C 71 -22.76 13.74 13.56
CA HIS C 71 -21.45 14.29 13.84
C HIS C 71 -20.70 13.40 14.82
N PHE C 72 -19.36 13.57 14.81
CA PHE C 72 -18.50 13.04 15.86
C PHE C 72 -18.02 14.19 16.75
N HIS C 73 -17.84 15.36 16.14
CA HIS C 73 -17.40 16.55 16.86
C HIS C 73 -18.37 17.72 16.64
N PRO C 74 -18.48 18.60 17.66
CA PRO C 74 -19.11 19.90 17.48
C PRO C 74 -18.19 20.81 16.68
N TRP C 75 -18.75 21.87 16.09
CA TRP C 75 -17.96 22.86 15.39
C TRP C 75 -17.03 23.59 16.36
N THR C 76 -17.53 23.91 17.58
CA THR C 76 -16.73 24.59 18.58
C THR C 76 -16.87 23.88 19.92
N PRO C 77 -15.89 24.00 20.84
CA PRO C 77 -16.05 23.44 22.18
C PRO C 77 -17.23 24.04 22.93
N GLU C 78 -17.54 25.31 22.66
CA GLU C 78 -18.65 25.98 23.33
C GLU C 78 -19.98 25.33 22.97
N GLN C 79 -20.09 24.69 21.80
CA GLN C 79 -21.28 23.94 21.46
C GLN C 79 -21.36 22.69 22.34
N GLY C 80 -20.28 21.92 22.35
CA GLY C 80 -19.95 21.06 23.48
C GLY C 80 -20.57 19.65 23.46
N GLN C 81 -21.16 19.17 22.34
CA GLN C 81 -21.74 17.82 22.30
C GLN C 81 -21.53 17.16 20.94
N SER C 82 -21.72 15.83 20.89
CA SER C 82 -21.88 15.06 19.64
C SER C 82 -22.27 13.61 19.92
N GLY C 83 -23.56 13.39 20.14
CA GLY C 83 -24.06 12.04 20.33
C GLY C 83 -24.05 11.24 19.05
N PHE C 84 -23.97 9.90 19.20
CA PHE C 84 -24.08 8.97 18.10
C PHE C 84 -25.53 8.87 17.65
N VAL C 85 -25.81 9.47 16.48
CA VAL C 85 -27.16 9.69 16.00
C VAL C 85 -27.91 8.38 15.85
N TRP C 86 -27.22 7.30 15.44
CA TRP C 86 -27.92 6.09 15.03
C TRP C 86 -28.62 5.44 16.22
N ALA C 87 -28.00 5.49 17.40
CA ALA C 87 -28.62 4.98 18.61
C ALA C 87 -29.80 5.87 19.02
N TRP C 88 -29.61 7.18 18.96
CA TRP C 88 -30.67 8.12 19.34
C TRP C 88 -31.90 7.94 18.47
N LEU C 89 -31.72 7.65 17.18
CA LEU C 89 -32.85 7.55 16.26
C LEU C 89 -33.79 6.41 16.67
N GLY C 90 -33.23 5.34 17.24
CA GLY C 90 -34.07 4.26 17.76
C GLY C 90 -34.99 4.74 18.89
N ALA C 91 -34.46 5.58 19.79
CA ALA C 91 -35.26 6.12 20.88
C ALA C 91 -36.35 7.04 20.35
N LEU C 92 -35.99 7.87 19.37
CA LEU C 92 -36.94 8.79 18.77
C LEU C 92 -38.08 8.01 18.13
N GLY C 93 -37.70 6.99 17.36
CA GLY C 93 -38.65 6.19 16.62
C GLY C 93 -39.65 5.52 17.54
N ALA C 94 -39.16 5.05 18.70
CA ALA C 94 -39.98 4.28 19.63
C ALA C 94 -40.86 5.17 20.49
N THR C 95 -40.58 6.48 20.59
CA THR C 95 -41.30 7.32 21.54
C THR C 95 -42.09 8.44 20.86
N THR C 96 -42.07 8.50 19.52
CA THR C 96 -42.86 9.50 18.80
C THR C 96 -43.45 8.86 17.55
N ARG C 97 -44.24 9.62 16.79
CA ARG C 97 -44.74 9.20 15.50
C ARG C 97 -44.15 10.04 14.36
N LEU C 98 -43.14 10.86 14.72
CA LEU C 98 -42.44 11.75 13.80
C LEU C 98 -41.77 10.97 12.69
N ARG C 99 -41.70 11.59 11.50
CA ARG C 99 -40.75 11.17 10.48
C ARG C 99 -39.39 11.70 10.90
N PHE C 100 -38.32 11.03 10.47
CA PHE C 100 -37.00 11.45 10.86
C PHE C 100 -35.96 10.96 9.85
N GLY C 101 -34.85 11.70 9.80
CA GLY C 101 -33.78 11.41 8.86
C GLY C 101 -32.44 11.91 9.36
N THR C 102 -31.37 11.27 8.84
CA THR C 102 -30.01 11.75 9.03
C THR C 102 -29.82 12.94 8.10
N GLY C 103 -29.22 14.01 8.62
CA GLY C 103 -28.97 15.20 7.82
C GLY C 103 -27.58 15.80 8.04
N VAL C 104 -26.51 15.19 7.53
CA VAL C 104 -26.54 13.96 6.76
C VAL C 104 -25.40 13.04 7.23
N THR C 105 -25.48 11.76 6.83
N THR C 105 -25.48 11.76 6.81
CA THR C 105 -24.44 10.79 7.09
CA THR C 105 -24.44 10.79 7.10
C THR C 105 -23.54 10.71 5.87
C THR C 105 -23.54 10.70 5.87
N PRO C 106 -22.19 10.73 6.03
CA PRO C 106 -21.28 10.41 4.93
C PRO C 106 -20.94 8.93 4.85
N PRO C 107 -21.53 8.17 3.89
CA PRO C 107 -21.28 6.72 3.80
C PRO C 107 -20.09 6.40 2.92
N ILE C 108 -19.00 7.15 3.08
CA ILE C 108 -17.91 7.10 2.10
C ILE C 108 -16.65 6.52 2.71
N GLY C 109 -16.78 5.85 3.86
CA GLY C 109 -15.78 4.90 4.29
C GLY C 109 -14.77 5.49 5.27
N PHE C 110 -15.08 6.59 5.94
CA PHE C 110 -14.20 7.11 6.98
C PHE C 110 -14.76 6.64 8.31
N ARG C 111 -15.70 7.37 8.89
CA ARG C 111 -16.40 6.90 10.06
C ARG C 111 -17.26 5.70 9.71
N TYR C 112 -17.84 5.69 8.50
CA TYR C 112 -18.86 4.72 8.18
C TYR C 112 -18.63 4.08 6.81
N HIS C 113 -18.63 2.74 6.81
CA HIS C 113 -18.64 2.00 5.56
C HIS C 113 -20.06 2.05 5.00
N PRO C 114 -20.24 2.20 3.67
CA PRO C 114 -21.59 2.26 3.09
C PRO C 114 -22.50 1.08 3.43
N ALA C 115 -21.92 -0.12 3.60
CA ALA C 115 -22.75 -1.29 3.88
C ALA C 115 -23.41 -1.19 5.27
N ILE C 116 -22.70 -0.58 6.22
CA ILE C 116 -23.20 -0.41 7.58
C ILE C 116 -24.30 0.65 7.57
N VAL C 117 -24.13 1.72 6.79
CA VAL C 117 -25.18 2.71 6.69
C VAL C 117 -26.44 2.07 6.11
N ALA C 118 -26.27 1.24 5.09
CA ALA C 118 -27.41 0.59 4.46
C ALA C 118 -28.17 -0.25 5.49
N GLN C 119 -27.43 -1.03 6.30
CA GLN C 119 -28.04 -1.91 7.29
C GLN C 119 -28.79 -1.07 8.33
N ALA C 120 -28.14 0.00 8.81
CA ALA C 120 -28.72 0.87 9.82
C ALA C 120 -30.03 1.48 9.29
N ALA C 121 -30.00 1.94 8.04
CA ALA C 121 -31.17 2.56 7.42
C ALA C 121 -32.30 1.54 7.29
N ALA C 122 -31.97 0.33 6.83
CA ALA C 122 -32.95 -0.70 6.61
C ALA C 122 -33.60 -1.09 7.94
N THR C 123 -32.79 -1.12 9.01
CA THR C 123 -33.29 -1.51 10.33
C THR C 123 -34.27 -0.45 10.84
N LEU C 124 -33.92 0.84 10.72
CA LEU C 124 -34.81 1.89 11.18
C LEU C 124 -36.12 1.82 10.41
N GLU C 125 -36.06 1.68 9.07
CA GLU C 125 -37.28 1.64 8.27
C GLU C 125 -38.12 0.42 8.65
N ALA C 126 -37.46 -0.72 8.93
CA ALA C 126 -38.16 -1.95 9.25
C ALA C 126 -38.87 -1.81 10.61
N MET C 127 -38.22 -1.15 11.58
CA MET C 127 -38.80 -0.95 12.91
C MET C 127 -39.85 0.14 12.88
N PHE C 128 -39.69 1.16 12.01
CA PHE C 128 -40.56 2.33 11.96
C PHE C 128 -41.03 2.61 10.53
N PRO C 129 -41.85 1.72 9.94
CA PRO C 129 -42.19 1.79 8.52
C PRO C 129 -42.81 3.13 8.13
N GLY C 130 -42.31 3.67 7.01
CA GLY C 130 -42.82 4.90 6.44
C GLY C 130 -42.28 6.16 7.11
N ARG C 131 -41.31 6.02 8.03
CA ARG C 131 -40.96 7.14 8.89
C ARG C 131 -39.52 7.59 8.67
N PHE C 132 -38.66 6.74 8.11
CA PHE C 132 -37.25 7.06 8.04
C PHE C 132 -36.88 7.50 6.62
N TRP C 133 -36.02 8.53 6.52
CA TRP C 133 -35.35 8.87 5.27
C TRP C 133 -33.84 8.95 5.49
N LEU C 134 -33.09 8.30 4.58
CA LEU C 134 -31.66 8.22 4.69
C LEU C 134 -31.04 9.44 4.01
N GLY C 135 -30.59 10.41 4.79
CA GLY C 135 -29.92 11.57 4.24
C GLY C 135 -28.41 11.34 4.23
N ILE C 136 -27.78 11.52 3.05
CA ILE C 136 -26.36 11.26 2.88
C ILE C 136 -25.67 12.45 2.23
N GLY C 137 -24.35 12.55 2.45
CA GLY C 137 -23.53 13.57 1.82
C GLY C 137 -22.04 13.24 1.85
N ALA C 138 -21.25 14.22 1.40
CA ALA C 138 -19.84 14.06 1.08
C ALA C 138 -18.93 14.24 2.30
N GLY C 139 -19.50 14.68 3.43
CA GLY C 139 -18.81 14.73 4.70
C GLY C 139 -17.95 15.97 4.94
N GLU C 140 -17.53 16.11 6.19
CA GLU C 140 -16.66 17.17 6.67
C GLU C 140 -15.47 16.57 7.40
N ALA C 141 -14.29 17.18 7.22
CA ALA C 141 -13.09 16.73 7.91
C ALA C 141 -13.28 16.77 9.43
N LEU C 142 -14.05 17.74 9.93
CA LEU C 142 -14.30 17.89 11.34
C LEU C 142 -14.63 16.54 11.97
N ASN C 143 -15.43 15.72 11.25
CA ASN C 143 -15.89 14.43 11.72
C ASN C 143 -15.04 13.28 11.16
N GLU C 144 -14.65 13.33 9.89
CA GLU C 144 -14.05 12.19 9.23
C GLU C 144 -12.54 12.10 9.52
N HIS C 145 -11.90 13.19 9.97
CA HIS C 145 -10.44 13.19 10.04
C HIS C 145 -9.95 12.27 11.16
N ILE C 146 -10.85 11.88 12.05
CA ILE C 146 -10.44 11.12 13.22
C ILE C 146 -9.79 9.79 12.82
N VAL C 147 -10.11 9.25 11.64
CA VAL C 147 -9.60 7.93 11.25
C VAL C 147 -8.22 8.05 10.58
N GLY C 148 -7.72 9.26 10.38
CA GLY C 148 -6.35 9.47 9.95
C GLY C 148 -6.09 9.04 8.50
N ARG C 149 -7.03 9.35 7.58
CA ARG C 149 -6.88 8.96 6.19
C ARG C 149 -6.82 10.19 5.28
N TYR C 150 -6.30 9.94 4.08
CA TYR C 150 -6.29 10.92 3.00
C TYR C 150 -7.69 11.49 2.84
N TRP C 151 -7.79 12.82 2.87
CA TRP C 151 -9.06 13.52 2.71
C TRP C 151 -9.13 14.12 1.29
N PRO C 152 -9.92 13.49 0.38
CA PRO C 152 -9.99 13.97 -1.00
C PRO C 152 -10.64 15.35 -1.09
N GLU C 153 -10.34 16.03 -2.19
CA GLU C 153 -11.03 17.27 -2.52
C GLU C 153 -12.52 17.00 -2.73
N PRO C 154 -13.39 18.01 -2.55
CA PRO C 154 -14.83 17.85 -2.72
C PRO C 154 -15.27 17.10 -3.98
N ALA C 155 -14.69 17.41 -5.13
CA ALA C 155 -15.14 16.77 -6.36
C ALA C 155 -14.90 15.26 -6.30
N GLU C 156 -13.80 14.86 -5.67
CA GLU C 156 -13.50 13.44 -5.55
C GLU C 156 -14.47 12.82 -4.54
N ARG C 157 -14.73 13.50 -3.42
CA ARG C 157 -15.67 12.97 -2.43
C ARG C 157 -17.06 12.76 -3.04
N ILE C 158 -17.45 13.61 -4.01
CA ILE C 158 -18.70 13.41 -4.74
C ILE C 158 -18.66 12.08 -5.50
N ARG C 159 -17.53 11.79 -6.16
N ARG C 159 -17.53 11.79 -6.16
CA ARG C 159 -17.38 10.51 -6.85
CA ARG C 159 -17.39 10.51 -6.85
C ARG C 159 -17.50 9.35 -5.86
C ARG C 159 -17.50 9.35 -5.86
N MET C 160 -16.97 9.53 -4.65
CA MET C 160 -17.06 8.51 -3.63
C MET C 160 -18.52 8.31 -3.22
N LEU C 161 -19.26 9.43 -3.05
CA LEU C 161 -20.64 9.39 -2.64
C LEU C 161 -21.49 8.66 -3.69
N ILE C 162 -21.20 8.90 -4.97
CA ILE C 162 -21.94 8.26 -6.05
C ILE C 162 -21.73 6.75 -6.01
N GLU C 163 -20.50 6.31 -5.72
CA GLU C 163 -20.24 4.89 -5.61
C GLU C 163 -20.93 4.32 -4.37
N ALA C 164 -20.95 5.08 -3.26
CA ALA C 164 -21.62 4.64 -2.05
C ALA C 164 -23.12 4.43 -2.27
N ILE C 165 -23.74 5.32 -3.07
CA ILE C 165 -25.15 5.19 -3.40
C ILE C 165 -25.37 3.87 -4.12
N GLU C 166 -24.45 3.50 -5.01
CA GLU C 166 -24.56 2.24 -5.74
C GLU C 166 -24.53 1.06 -4.76
N VAL C 167 -23.65 1.10 -3.76
CA VAL C 167 -23.55 0.05 -2.78
C VAL C 167 -24.85 -0.05 -1.99
N ILE C 168 -25.36 1.10 -1.53
CA ILE C 168 -26.53 1.11 -0.68
C ILE C 168 -27.73 0.56 -1.46
N GLN C 169 -27.85 0.94 -2.73
CA GLN C 169 -28.95 0.50 -3.56
C GLN C 169 -28.90 -0.98 -3.89
N LYS C 170 -27.69 -1.50 -4.09
CA LYS C 170 -27.53 -2.93 -4.27
C LYS C 170 -28.05 -3.68 -3.02
N LEU C 171 -27.61 -3.24 -1.84
CA LEU C 171 -28.02 -3.90 -0.61
C LEU C 171 -29.53 -3.78 -0.39
N PHE C 172 -30.11 -2.65 -0.83
CA PHE C 172 -31.53 -2.38 -0.64
C PHE C 172 -32.38 -3.29 -1.54
N THR C 173 -31.78 -4.02 -2.52
CA THR C 173 -32.55 -4.98 -3.30
C THR C 173 -32.95 -6.16 -2.43
N GLY C 174 -32.27 -6.32 -1.29
CA GLY C 174 -32.58 -7.40 -0.37
C GLY C 174 -32.05 -8.75 -0.82
N LYS C 175 -31.17 -8.77 -1.83
CA LYS C 175 -30.56 -10.02 -2.30
C LYS C 175 -29.08 -10.05 -1.89
N VAL C 176 -28.43 -11.21 -2.10
CA VAL C 176 -26.98 -11.35 -2.03
C VAL C 176 -26.39 -10.56 -3.18
N ILE C 177 -25.52 -9.61 -2.85
CA ILE C 177 -24.82 -8.78 -3.83
C ILE C 177 -23.33 -8.80 -3.51
N ARG C 178 -22.56 -8.41 -4.54
CA ARG C 178 -21.14 -8.16 -4.51
C ARG C 178 -20.88 -6.81 -5.17
N HIS C 179 -19.79 -6.16 -4.81
CA HIS C 179 -19.45 -4.88 -5.39
C HIS C 179 -17.95 -4.73 -5.40
N GLU C 180 -17.43 -4.25 -6.53
CA GLU C 180 -16.04 -3.78 -6.56
C GLU C 180 -15.98 -2.54 -7.45
N GLY C 181 -15.62 -1.40 -6.86
CA GLY C 181 -15.41 -0.18 -7.63
C GLY C 181 -14.10 0.48 -7.22
N VAL C 182 -13.95 1.76 -7.57
CA VAL C 182 -12.72 2.46 -7.26
C VAL C 182 -12.55 2.56 -5.76
N TYR C 183 -13.63 2.82 -5.00
CA TYR C 183 -13.51 3.18 -3.60
C TYR C 183 -13.94 2.05 -2.66
N PHE C 184 -14.86 1.17 -3.07
CA PHE C 184 -15.45 0.23 -2.14
C PHE C 184 -15.41 -1.18 -2.71
N LYS C 185 -15.21 -2.14 -1.81
CA LYS C 185 -15.25 -3.55 -2.09
C LYS C 185 -16.28 -4.13 -1.12
N VAL C 186 -17.24 -4.87 -1.68
CA VAL C 186 -18.18 -5.58 -0.83
C VAL C 186 -18.22 -7.03 -1.26
N GLU C 187 -17.82 -7.93 -0.35
CA GLU C 187 -17.94 -9.37 -0.57
C GLU C 187 -19.40 -9.78 -0.37
N SER C 188 -19.74 -10.99 -0.81
CA SER C 188 -21.11 -11.48 -0.77
C SER C 188 -21.82 -11.00 0.49
N ALA C 189 -22.85 -10.17 0.29
CA ALA C 189 -23.53 -9.52 1.39
C ALA C 189 -25.02 -9.37 1.08
N LYS C 190 -25.85 -9.60 2.11
CA LYS C 190 -27.29 -9.46 2.00
C LYS C 190 -27.87 -8.83 3.27
N LEU C 191 -28.79 -7.88 3.08
CA LEU C 191 -29.59 -7.40 4.20
C LEU C 191 -30.80 -8.31 4.34
N TYR C 192 -30.76 -9.19 5.34
CA TYR C 192 -31.87 -10.07 5.68
C TYR C 192 -33.01 -9.30 6.35
N THR C 193 -32.68 -8.30 7.18
CA THR C 193 -33.66 -7.43 7.80
C THR C 193 -33.84 -6.21 6.90
N MET C 194 -34.86 -6.26 6.05
CA MET C 194 -35.03 -5.33 4.95
C MET C 194 -36.53 -5.08 4.83
N PRO C 195 -37.08 -3.84 4.94
CA PRO C 195 -38.51 -3.64 4.70
C PRO C 195 -38.86 -3.89 3.23
N ASP C 196 -40.15 -4.13 2.95
CA ASP C 196 -40.63 -4.42 1.60
C ASP C 196 -40.27 -3.27 0.67
N VAL C 197 -40.46 -2.04 1.18
CA VAL C 197 -40.14 -0.83 0.45
C VAL C 197 -38.96 -0.16 1.16
N PRO C 198 -37.83 0.09 0.45
CA PRO C 198 -36.69 0.75 1.07
C PRO C 198 -37.01 2.16 1.54
N PRO C 199 -36.30 2.69 2.54
CA PRO C 199 -36.43 4.11 2.89
C PRO C 199 -35.88 4.90 1.71
N PRO C 200 -36.36 6.14 1.48
CA PRO C 200 -35.82 7.01 0.45
C PRO C 200 -34.40 7.41 0.77
N ILE C 201 -33.59 7.55 -0.29
CA ILE C 201 -32.27 8.13 -0.18
C ILE C 201 -32.34 9.59 -0.60
N ILE C 202 -31.98 10.46 0.36
CA ILE C 202 -31.94 11.91 0.17
C ILE C 202 -30.48 12.38 0.19
N VAL C 203 -30.05 13.14 -0.83
CA VAL C 203 -28.70 13.68 -0.85
C VAL C 203 -28.73 15.11 -0.36
N GLY C 204 -27.93 15.40 0.68
CA GLY C 204 -27.70 16.76 1.11
C GLY C 204 -26.50 17.35 0.36
N THR C 205 -26.72 18.41 -0.43
CA THR C 205 -25.68 19.02 -1.24
C THR C 205 -26.10 20.45 -1.60
N ALA C 206 -25.10 21.32 -1.81
CA ALA C 206 -25.33 22.64 -2.41
C ALA C 206 -24.68 22.73 -3.78
N GLY C 207 -24.16 21.61 -4.29
CA GLY C 207 -23.48 21.57 -5.57
C GLY C 207 -24.44 21.31 -6.72
N PRO C 208 -24.50 22.19 -7.75
CA PRO C 208 -25.35 21.94 -8.93
C PRO C 208 -25.13 20.60 -9.59
N TYR C 209 -23.88 20.13 -9.67
CA TYR C 209 -23.61 18.86 -10.33
C TYR C 209 -24.25 17.72 -9.51
N MET C 210 -24.02 17.69 -8.20
CA MET C 210 -24.53 16.59 -7.38
C MET C 210 -26.05 16.69 -7.26
N ALA C 211 -26.60 17.90 -7.31
CA ALA C 211 -28.04 18.07 -7.24
C ALA C 211 -28.70 17.38 -8.43
N LYS C 212 -28.08 17.46 -9.61
CA LYS C 212 -28.58 16.80 -10.80
C LYS C 212 -28.45 15.29 -10.65
N LYS C 213 -27.31 14.83 -10.14
CA LYS C 213 -27.08 13.41 -9.92
C LYS C 213 -28.10 12.85 -8.93
N THR C 214 -28.48 13.67 -7.94
CA THR C 214 -29.44 13.30 -6.92
C THR C 214 -30.80 13.00 -7.57
N GLY C 215 -31.23 13.88 -8.47
CA GLY C 215 -32.47 13.67 -9.20
C GLY C 215 -32.42 12.38 -10.00
N GLN C 216 -31.25 12.12 -10.57
CA GLN C 216 -31.08 10.96 -11.44
C GLN C 216 -31.03 9.65 -10.65
N LEU C 217 -30.30 9.64 -9.53
CA LEU C 217 -29.89 8.40 -8.88
C LEU C 217 -30.68 8.14 -7.58
N CYS C 218 -31.23 9.17 -6.95
CA CYS C 218 -31.75 9.05 -5.60
C CYS C 218 -33.22 9.49 -5.59
N ASP C 219 -33.77 9.74 -4.38
CA ASP C 219 -35.21 9.91 -4.23
C ASP C 219 -35.59 11.34 -3.91
N GLY C 220 -34.65 12.17 -3.44
CA GLY C 220 -34.96 13.57 -3.15
C GLY C 220 -33.74 14.37 -2.72
N LEU C 221 -33.89 15.69 -2.60
CA LEU C 221 -32.79 16.59 -2.32
C LEU C 221 -32.96 17.27 -0.97
N LEU C 222 -31.84 17.48 -0.27
CA LEU C 222 -31.78 18.34 0.89
C LEU C 222 -30.68 19.38 0.67
N THR C 223 -30.97 20.66 0.89
CA THR C 223 -30.00 21.71 0.61
C THR C 223 -30.07 22.77 1.71
N PRO C 224 -29.00 23.53 1.99
CA PRO C 224 -29.02 24.58 3.00
C PRO C 224 -29.71 25.82 2.49
N GLY C 225 -29.99 26.72 3.42
CA GLY C 225 -30.52 28.02 3.09
C GLY C 225 -29.51 28.74 2.22
N ALA C 226 -29.99 29.42 1.17
CA ALA C 226 -29.13 30.17 0.26
C ALA C 226 -30.02 31.21 -0.42
N ASN C 227 -29.45 32.06 -1.28
CA ASN C 227 -30.24 33.08 -1.93
C ASN C 227 -31.12 32.42 -2.99
N ASP C 228 -32.10 33.18 -3.49
CA ASP C 228 -33.12 32.68 -4.39
C ASP C 228 -32.50 32.09 -5.66
N GLU C 229 -31.45 32.75 -6.17
CA GLU C 229 -30.89 32.33 -7.46
C GLU C 229 -30.24 30.96 -7.32
N LYS C 230 -29.50 30.73 -6.23
CA LYS C 230 -28.85 29.44 -6.00
C LYS C 230 -29.88 28.34 -5.76
N LEU C 231 -30.90 28.62 -4.93
CA LEU C 231 -31.94 27.66 -4.61
C LEU C 231 -32.66 27.27 -5.90
N ARG C 232 -32.99 28.24 -6.75
CA ARG C 232 -33.66 27.94 -8.00
C ARG C 232 -32.80 27.07 -8.91
N LEU C 233 -31.49 27.30 -8.94
CA LEU C 233 -30.57 26.55 -9.77
C LEU C 233 -30.54 25.08 -9.33
N LEU C 234 -30.40 24.87 -7.99
CA LEU C 234 -30.34 23.52 -7.44
C LEU C 234 -31.64 22.76 -7.72
N LEU C 235 -32.79 23.45 -7.57
CA LEU C 235 -34.09 22.83 -7.82
C LEU C 235 -34.16 22.43 -9.29
N SER C 236 -33.75 23.35 -10.16
CA SER C 236 -33.78 23.14 -11.60
C SER C 236 -32.88 21.97 -12.04
N ARG C 237 -31.70 21.86 -11.43
CA ARG C 237 -30.78 20.77 -11.73
C ARG C 237 -31.34 19.42 -11.31
N PHE C 238 -31.88 19.38 -10.08
CA PHE C 238 -32.53 18.20 -9.54
C PHE C 238 -33.65 17.73 -10.47
N GLU C 239 -34.51 18.65 -10.92
CA GLU C 239 -35.59 18.33 -11.83
C GLU C 239 -35.08 17.77 -13.16
N GLU C 240 -34.07 18.43 -13.74
CA GLU C 240 -33.46 17.98 -14.98
C GLU C 240 -32.97 16.54 -14.87
N GLY C 241 -32.28 16.25 -13.75
CA GLY C 241 -31.73 14.93 -13.49
C GLY C 241 -32.82 13.86 -13.40
N ALA C 242 -33.87 14.17 -12.63
CA ALA C 242 -35.01 13.28 -12.44
C ALA C 242 -35.66 12.97 -13.78
N ARG C 243 -35.98 14.03 -14.55
CA ARG C 243 -36.76 13.86 -15.77
C ARG C 243 -35.97 13.04 -16.80
N ALA C 244 -34.66 13.28 -16.89
CA ALA C 244 -33.81 12.55 -17.81
C ALA C 244 -33.72 11.07 -17.43
N ALA C 245 -33.95 10.76 -16.15
CA ALA C 245 -33.97 9.39 -15.67
C ALA C 245 -35.39 8.80 -15.66
N GLY C 246 -36.37 9.52 -16.25
CA GLY C 246 -37.71 9.01 -16.41
C GLY C 246 -38.58 9.18 -15.16
N LYS C 247 -38.17 10.02 -14.20
CA LYS C 247 -38.88 10.20 -12.95
C LYS C 247 -39.69 11.50 -13.01
N ASP C 248 -40.68 11.63 -12.13
CA ASP C 248 -41.48 12.84 -11.99
C ASP C 248 -41.02 13.61 -10.76
N PRO C 249 -40.27 14.73 -10.91
CA PRO C 249 -39.69 15.42 -9.75
C PRO C 249 -40.67 16.15 -8.86
N ARG C 250 -41.89 16.39 -9.36
CA ARG C 250 -42.93 17.05 -8.58
C ARG C 250 -43.46 16.11 -7.52
N ARG C 251 -43.16 14.82 -7.62
CA ARG C 251 -43.54 13.87 -6.59
C ARG C 251 -42.34 13.43 -5.75
N MET C 252 -41.19 14.12 -5.85
CA MET C 252 -40.01 13.77 -5.08
C MET C 252 -39.70 14.88 -4.07
N PRO C 253 -39.34 14.55 -2.82
CA PRO C 253 -39.03 15.55 -1.80
C PRO C 253 -37.94 16.55 -2.20
N ARG C 254 -38.22 17.83 -1.97
CA ARG C 254 -37.25 18.90 -2.08
C ARG C 254 -37.20 19.63 -0.75
N MET C 255 -36.15 19.37 0.02
CA MET C 255 -36.09 19.73 1.42
C MET C 255 -35.02 20.79 1.59
N ILE C 256 -35.22 21.69 2.56
CA ILE C 256 -34.25 22.72 2.85
C ILE C 256 -34.04 22.78 4.37
N GLN C 257 -32.80 23.02 4.76
CA GLN C 257 -32.42 23.15 6.15
C GLN C 257 -31.95 24.57 6.40
N VAL C 258 -32.58 25.23 7.38
CA VAL C 258 -32.28 26.62 7.67
C VAL C 258 -31.92 26.79 9.14
N HIS C 259 -31.29 27.92 9.44
CA HIS C 259 -30.85 28.26 10.77
C HIS C 259 -31.47 29.60 11.14
N VAL C 260 -32.04 29.69 12.36
CA VAL C 260 -32.65 30.91 12.84
C VAL C 260 -32.21 31.15 14.27
N SER C 261 -32.43 32.36 14.78
CA SER C 261 -32.26 32.64 16.20
C SER C 261 -33.52 33.38 16.66
N TRP C 262 -34.37 32.69 17.42
CA TRP C 262 -35.49 33.36 18.08
C TRP C 262 -35.16 33.50 19.56
N ALA C 263 -35.51 34.64 20.12
CA ALA C 263 -35.42 34.88 21.56
C ALA C 263 -36.41 35.97 21.94
N GLU C 264 -36.40 36.35 23.21
CA GLU C 264 -37.39 37.30 23.69
C GLU C 264 -37.13 38.69 23.10
N THR C 265 -35.85 39.04 22.91
CA THR C 265 -35.48 40.30 22.28
C THR C 265 -34.54 40.02 21.10
N ASP C 266 -34.46 41.00 20.18
CA ASP C 266 -33.51 40.95 19.08
C ASP C 266 -32.09 40.86 19.63
N GLU C 267 -31.77 41.65 20.64
CA GLU C 267 -30.43 41.67 21.21
C GLU C 267 -30.04 40.27 21.67
N GLN C 268 -30.96 39.56 22.35
CA GLN C 268 -30.67 38.24 22.87
C GLN C 268 -30.50 37.26 21.70
N ALA C 269 -31.28 37.45 20.63
CA ALA C 269 -31.24 36.56 19.47
C ALA C 269 -29.88 36.62 18.78
N ILE C 270 -29.35 37.84 18.64
CA ILE C 270 -28.06 38.09 18.03
C ILE C 270 -26.95 37.51 18.91
N GLU C 271 -27.00 37.78 20.21
CA GLU C 271 -26.01 37.28 21.14
C GLU C 271 -25.93 35.75 21.11
N ASN C 272 -27.10 35.11 20.98
CA ASN C 272 -27.17 33.66 20.91
C ASN C 272 -26.47 33.14 19.65
N ALA C 273 -26.73 33.78 18.51
CA ALA C 273 -26.10 33.39 17.25
C ALA C 273 -24.58 33.48 17.36
N LEU C 274 -24.06 34.58 17.91
CA LEU C 274 -22.62 34.77 18.02
C LEU C 274 -22.01 33.72 18.93
N ARG C 275 -22.65 33.44 20.07
CA ARG C 275 -22.05 32.55 21.06
C ARG C 275 -22.17 31.09 20.64
N GLU C 276 -23.31 30.73 20.02
CA GLU C 276 -23.68 29.34 19.82
C GLU C 276 -23.31 28.82 18.43
N TRP C 277 -23.38 29.69 17.40
CA TRP C 277 -23.30 29.24 16.02
C TRP C 277 -22.49 30.19 15.16
N PRO C 278 -21.25 30.55 15.57
CA PRO C 278 -20.44 31.45 14.78
C PRO C 278 -20.09 30.85 13.42
N ASN C 279 -20.10 29.51 13.33
CA ASN C 279 -19.87 28.83 12.08
C ASN C 279 -20.93 29.19 11.03
N GLY C 280 -22.11 29.58 11.51
CA GLY C 280 -23.18 30.09 10.65
C GLY C 280 -22.78 31.36 9.91
N GLY C 281 -21.82 32.09 10.46
CA GLY C 281 -21.35 33.36 9.90
C GLY C 281 -20.08 33.20 9.08
N MET C 282 -19.75 31.96 8.71
CA MET C 282 -18.53 31.65 8.00
C MET C 282 -18.87 31.27 6.57
N ALA C 283 -18.96 32.27 5.69
CA ALA C 283 -19.34 32.09 4.29
C ALA C 283 -18.14 31.67 3.46
N PHE C 284 -17.61 30.49 3.75
CA PHE C 284 -16.44 29.99 3.05
C PHE C 284 -16.40 28.47 3.23
N PRO C 285 -15.66 27.74 2.37
CA PRO C 285 -15.66 26.28 2.43
C PRO C 285 -15.06 25.82 3.76
N LYS C 286 -15.77 24.95 4.47
CA LYS C 286 -15.37 24.52 5.81
C LYS C 286 -15.01 23.03 5.87
N GLY C 287 -15.09 22.31 4.74
CA GLY C 287 -14.98 20.86 4.75
C GLY C 287 -13.57 20.31 5.04
N ASP C 288 -12.52 21.14 5.04
CA ASP C 288 -11.16 20.70 5.27
C ASP C 288 -10.68 20.98 6.70
N ILE C 289 -11.44 21.77 7.48
CA ILE C 289 -11.00 22.18 8.79
C ILE C 289 -11.29 21.05 9.80
N ARG C 290 -10.27 20.69 10.57
CA ARG C 290 -10.24 19.42 11.27
C ARG C 290 -10.72 19.54 12.72
N ASN C 291 -10.43 20.65 13.42
CA ASN C 291 -10.62 20.68 14.87
C ASN C 291 -11.68 21.69 15.32
N PRO C 292 -12.45 21.37 16.38
CA PRO C 292 -13.26 22.36 17.06
C PRO C 292 -12.47 23.61 17.45
N GLU C 293 -11.21 23.44 17.87
CA GLU C 293 -10.37 24.55 18.29
C GLU C 293 -10.04 25.47 17.10
N ASP C 294 -10.03 24.90 15.88
CA ASP C 294 -9.77 25.70 14.69
C ASP C 294 -10.96 26.62 14.43
N PHE C 295 -12.18 26.05 14.44
CA PHE C 295 -13.37 26.85 14.28
C PHE C 295 -13.50 27.87 15.40
N GLN C 296 -13.13 27.45 16.62
CA GLN C 296 -13.21 28.34 17.78
C GLN C 296 -12.38 29.62 17.54
N ALA C 297 -11.18 29.48 16.99
CA ALA C 297 -10.31 30.63 16.73
C ALA C 297 -10.83 31.48 15.57
N MET C 298 -11.32 30.82 14.52
CA MET C 298 -11.94 31.47 13.38
C MET C 298 -13.16 32.28 13.81
N ALA C 299 -13.91 31.76 14.78
CA ALA C 299 -15.16 32.36 15.26
C ALA C 299 -14.92 33.80 15.73
N ARG C 300 -13.71 34.07 16.22
CA ARG C 300 -13.39 35.38 16.77
C ARG C 300 -13.51 36.48 15.71
N LEU C 301 -13.56 36.16 14.42
CA LEU C 301 -13.69 37.16 13.37
C LEU C 301 -15.15 37.46 13.04
N VAL C 302 -16.06 36.63 13.55
CA VAL C 302 -17.45 36.67 13.12
C VAL C 302 -18.21 37.80 13.83
N ARG C 303 -19.03 38.49 13.07
CA ARG C 303 -19.81 39.61 13.56
C ARG C 303 -21.26 39.42 13.10
N PRO C 304 -22.23 40.16 13.69
CA PRO C 304 -23.64 40.02 13.31
C PRO C 304 -23.94 40.12 11.81
N GLU C 305 -23.25 41.01 11.09
CA GLU C 305 -23.47 41.19 9.66
C GLU C 305 -23.25 39.89 8.91
N HIS C 306 -22.34 39.04 9.40
CA HIS C 306 -21.97 37.81 8.69
C HIS C 306 -23.11 36.77 8.65
N PHE C 307 -24.17 37.00 9.43
CA PHE C 307 -25.29 36.06 9.50
C PHE C 307 -26.36 36.35 8.45
N GLN C 308 -26.23 37.48 7.76
CA GLN C 308 -27.19 37.91 6.73
C GLN C 308 -27.43 36.76 5.72
N GLY C 309 -28.70 36.36 5.59
CA GLY C 309 -29.10 35.34 4.64
C GLY C 309 -28.78 33.93 5.13
N ARG C 310 -28.20 33.79 6.34
CA ARG C 310 -27.65 32.53 6.82
C ARG C 310 -28.28 32.11 8.15
N VAL C 311 -28.47 33.08 9.05
CA VAL C 311 -29.19 32.91 10.30
C VAL C 311 -30.08 34.12 10.51
N LEU C 312 -31.40 33.91 10.41
CA LEU C 312 -32.35 34.96 10.71
C LEU C 312 -32.41 35.19 12.22
N MET C 313 -32.05 36.39 12.66
CA MET C 313 -31.96 36.68 14.07
C MET C 313 -33.01 37.74 14.41
N THR C 314 -34.13 37.34 15.04
CA THR C 314 -35.16 38.28 15.44
C THR C 314 -36.13 37.62 16.42
N SER C 315 -36.68 38.44 17.31
CA SER C 315 -37.76 38.03 18.20
C SER C 315 -39.11 38.10 17.50
N ASP C 316 -39.16 38.73 16.32
CA ASP C 316 -40.42 38.96 15.64
C ASP C 316 -40.83 37.68 14.88
N LEU C 317 -41.85 37.00 15.40
CA LEU C 317 -42.25 35.69 14.89
C LEU C 317 -42.98 35.82 13.56
N ASP C 318 -43.55 36.99 13.25
CA ASP C 318 -44.07 37.28 11.92
C ASP C 318 -42.92 37.19 10.90
N ARG C 319 -41.75 37.72 11.26
CA ARG C 319 -40.61 37.71 10.35
C ARG C 319 -40.15 36.26 10.11
N HIS C 320 -40.18 35.43 11.17
CA HIS C 320 -39.86 34.02 11.02
C HIS C 320 -40.84 33.37 10.04
N GLY C 321 -42.14 33.69 10.22
CA GLY C 321 -43.19 33.18 9.34
C GLY C 321 -42.97 33.52 7.87
N GLU C 322 -42.62 34.79 7.59
CA GLU C 322 -42.45 35.27 6.22
C GLU C 322 -41.25 34.59 5.57
N PHE C 323 -40.17 34.43 6.35
CA PHE C 323 -38.95 33.77 5.87
C PHE C 323 -39.23 32.34 5.42
N LEU C 324 -40.01 31.60 6.23
CA LEU C 324 -40.29 30.20 5.96
C LEU C 324 -41.25 30.10 4.77
N GLN C 325 -42.24 31.01 4.70
CA GLN C 325 -43.26 30.96 3.66
C GLN C 325 -42.62 31.18 2.30
N HIS C 326 -41.62 32.08 2.25
CA HIS C 326 -40.91 32.40 1.03
C HIS C 326 -40.29 31.12 0.45
N LEU C 327 -39.72 30.30 1.34
CA LEU C 327 -39.07 29.06 0.95
C LEU C 327 -40.08 28.05 0.42
N ILE C 328 -41.27 28.00 1.02
CA ILE C 328 -42.34 27.15 0.50
C ILE C 328 -42.68 27.62 -0.91
N ASP C 329 -42.79 28.93 -1.09
CA ASP C 329 -43.18 29.53 -2.36
C ASP C 329 -42.16 29.21 -3.47
N LEU C 330 -40.87 29.08 -3.12
CA LEU C 330 -39.85 28.67 -4.09
C LEU C 330 -40.04 27.22 -4.55
N GLY C 331 -40.72 26.40 -3.72
CA GLY C 331 -41.15 25.07 -4.11
C GLY C 331 -40.57 23.96 -3.23
N PHE C 332 -39.98 24.32 -2.08
CA PHE C 332 -39.56 23.33 -1.11
C PHE C 332 -40.79 22.71 -0.43
N THR C 333 -40.76 21.37 -0.32
CA THR C 333 -41.85 20.59 0.21
C THR C 333 -41.65 20.33 1.71
N GLU C 334 -40.46 20.58 2.24
CA GLU C 334 -40.20 20.44 3.67
C GLU C 334 -39.12 21.43 4.08
N ILE C 335 -39.23 21.96 5.29
CA ILE C 335 -38.24 22.85 5.87
C ILE C 335 -37.91 22.31 7.26
N TYR C 336 -36.60 22.15 7.53
CA TYR C 336 -36.12 21.79 8.84
C TYR C 336 -35.48 23.03 9.46
N VAL C 337 -35.96 23.42 10.65
CA VAL C 337 -35.51 24.65 11.30
C VAL C 337 -34.61 24.32 12.50
N HIS C 338 -33.39 24.87 12.46
CA HIS C 338 -32.45 24.85 13.57
C HIS C 338 -32.47 26.22 14.27
N ASN C 339 -32.99 26.27 15.49
CA ASN C 339 -32.85 27.44 16.34
C ASN C 339 -31.51 27.34 17.06
N VAL C 340 -30.67 28.36 16.94
CA VAL C 340 -29.28 28.25 17.38
C VAL C 340 -29.16 28.47 18.90
N GLY C 341 -30.17 29.08 19.52
CA GLY C 341 -30.10 29.38 20.94
C GLY C 341 -30.35 28.12 21.78
N ARG C 342 -29.96 28.19 23.07
CA ARG C 342 -30.15 27.09 23.98
C ARG C 342 -31.58 27.03 24.53
N ASN C 343 -32.40 28.02 24.13
CA ASN C 343 -33.79 28.15 24.54
C ASN C 343 -34.69 27.29 23.66
N GLN C 344 -34.38 25.99 23.53
CA GLN C 344 -35.08 25.13 22.57
C GLN C 344 -36.56 24.98 22.94
N GLU C 345 -36.82 24.77 24.23
CA GLU C 345 -38.19 24.54 24.64
C GLU C 345 -39.04 25.79 24.35
N GLU C 346 -38.50 26.98 24.61
CA GLU C 346 -39.24 28.23 24.38
C GLU C 346 -39.42 28.47 22.87
N PHE C 347 -38.38 28.13 22.09
CA PHE C 347 -38.44 28.26 20.64
C PHE C 347 -39.57 27.38 20.08
N ILE C 348 -39.60 26.13 20.54
CA ILE C 348 -40.57 25.17 20.02
C ILE C 348 -42.00 25.65 20.31
N ARG C 349 -42.26 26.15 21.52
CA ARG C 349 -43.58 26.59 21.91
C ARG C 349 -43.99 27.84 21.13
N ALA C 350 -43.03 28.76 20.94
CA ALA C 350 -43.27 29.97 20.17
C ALA C 350 -43.64 29.65 18.71
N TYR C 351 -42.90 28.71 18.10
CA TYR C 351 -43.20 28.32 16.74
C TYR C 351 -44.56 27.62 16.67
N GLY C 352 -44.83 26.76 17.67
CA GLY C 352 -46.03 25.94 17.65
C GLY C 352 -47.28 26.80 17.65
N ARG C 353 -47.20 27.91 18.39
CA ARG C 353 -48.29 28.85 18.58
C ARG C 353 -48.39 29.87 17.44
N ALA C 354 -47.26 30.50 17.06
CA ALA C 354 -47.30 31.70 16.23
C ALA C 354 -46.82 31.49 14.79
N VAL C 355 -46.19 30.36 14.46
CA VAL C 355 -45.61 30.18 13.14
C VAL C 355 -46.24 29.02 12.38
N ILE C 356 -46.13 27.81 12.94
CA ILE C 356 -46.53 26.60 12.25
C ILE C 356 -47.97 26.66 11.75
N PRO C 357 -48.97 27.07 12.57
CA PRO C 357 -50.37 27.07 12.12
C PRO C 357 -50.65 28.01 10.96
N HIS C 358 -49.75 28.95 10.66
CA HIS C 358 -50.00 29.97 9.66
C HIS C 358 -49.28 29.69 8.33
N LEU C 359 -48.30 28.79 8.32
CA LEU C 359 -47.65 28.39 7.08
C LEU C 359 -48.68 27.76 6.13
N ARG C 360 -48.60 28.09 4.83
CA ARG C 360 -49.49 27.52 3.83
C ARG C 360 -48.68 26.64 2.88
N TRP C 361 -48.83 25.32 3.02
CA TRP C 361 -48.19 24.34 2.16
C TRP C 361 -49.06 24.05 0.93
N PRO C 362 -48.51 23.70 -0.24
CA PRO C 362 -49.34 23.17 -1.33
C PRO C 362 -49.99 21.88 -0.84
N ALA C 363 -51.22 21.63 -1.32
CA ALA C 363 -52.08 20.56 -0.83
C ALA C 363 -51.43 19.18 -1.01
N ASP C 364 -50.69 18.96 -2.10
CA ASP C 364 -50.26 17.64 -2.49
C ASP C 364 -48.73 17.51 -2.48
N ALA C 365 -48.04 18.28 -1.62
CA ALA C 365 -46.58 18.30 -1.59
C ALA C 365 -46.01 16.95 -1.14
N PRO C 366 -45.02 16.36 -1.86
CA PRO C 366 -44.36 15.14 -1.41
C PRO C 366 -43.43 15.30 -0.20
N VAL C 367 -43.61 14.38 0.73
CA VAL C 367 -42.84 14.30 1.96
C VAL C 367 -41.90 13.08 1.88
N ALA C 368 -40.75 13.16 2.57
CA ALA C 368 -39.77 12.07 2.58
C ALA C 368 -40.28 10.84 3.34
N GLN C 369 -40.50 9.72 2.63
CA GLN C 369 -40.95 8.40 3.18
C GLN C 369 -40.04 7.77 4.29
N SER D 34 40.85 -39.23 1.35
CA SER D 34 40.04 -40.04 0.41
C SER D 34 39.44 -39.16 -0.72
N SER D 35 39.46 -39.68 -1.97
CA SER D 35 39.33 -38.92 -3.21
C SER D 35 37.93 -38.38 -3.47
N ARG D 36 37.82 -37.11 -3.88
CA ARG D 36 36.52 -36.51 -4.16
C ARG D 36 36.64 -35.09 -4.75
N LEU D 37 35.51 -34.57 -5.27
CA LEU D 37 35.43 -33.24 -5.84
C LEU D 37 33.97 -32.93 -6.18
N GLY D 38 33.60 -31.65 -6.17
CA GLY D 38 32.25 -31.23 -6.50
C GLY D 38 32.13 -30.82 -7.97
N TYR D 39 30.96 -31.09 -8.56
CA TYR D 39 30.64 -30.69 -9.92
C TYR D 39 29.56 -29.62 -9.90
N SER D 40 29.80 -28.51 -10.61
CA SER D 40 28.83 -27.44 -10.74
C SER D 40 27.96 -27.66 -11.97
N ALA D 41 26.65 -27.80 -11.74
CA ALA D 41 25.70 -28.00 -12.81
C ALA D 41 25.18 -26.64 -13.26
N SER D 42 25.61 -26.20 -14.43
CA SER D 42 25.29 -24.88 -14.95
C SER D 42 23.95 -24.87 -15.69
N PHE D 43 22.88 -24.54 -14.95
CA PHE D 43 21.53 -24.46 -15.49
C PHE D 43 21.42 -23.32 -16.51
N GLU D 44 22.33 -22.35 -16.42
CA GLU D 44 22.32 -21.22 -17.33
C GLU D 44 22.66 -21.68 -18.76
N GLN D 45 23.42 -22.77 -18.87
CA GLN D 45 24.01 -23.16 -20.13
C GLN D 45 23.39 -24.44 -20.70
N PHE D 46 23.02 -25.39 -19.84
CA PHE D 46 22.79 -26.76 -20.29
C PHE D 46 21.36 -27.25 -20.00
N HIS D 47 20.79 -27.93 -21.00
CA HIS D 47 19.53 -28.60 -20.89
C HIS D 47 19.55 -29.52 -19.67
N PRO D 48 18.49 -29.53 -18.85
CA PRO D 48 18.51 -30.33 -17.63
C PRO D 48 18.73 -31.83 -17.85
N SER D 49 18.29 -32.37 -18.99
CA SER D 49 18.56 -33.76 -19.32
C SER D 49 20.05 -33.99 -19.48
N ASP D 50 20.76 -33.05 -20.11
CA ASP D 50 22.20 -33.18 -20.28
C ASP D 50 22.87 -33.14 -18.92
N LEU D 51 22.42 -32.21 -18.05
CA LEU D 51 23.03 -32.07 -16.73
C LEU D 51 22.84 -33.35 -15.93
N LEU D 52 21.66 -33.98 -16.05
CA LEU D 52 21.37 -35.19 -15.29
C LEU D 52 22.35 -36.29 -15.73
N ARG D 53 22.46 -36.49 -17.05
CA ARG D 53 23.35 -37.49 -17.63
C ARG D 53 24.80 -37.22 -17.20
N TRP D 54 25.24 -35.94 -17.24
CA TRP D 54 26.63 -35.63 -16.91
C TRP D 54 26.90 -35.81 -15.43
N CYS D 55 25.92 -35.53 -14.55
CA CYS D 55 26.11 -35.78 -13.14
C CYS D 55 26.26 -37.28 -12.85
N GLN D 56 25.52 -38.11 -13.60
CA GLN D 56 25.62 -39.56 -13.44
C GLN D 56 27.02 -40.04 -13.86
N LEU D 57 27.56 -39.41 -14.91
CA LEU D 57 28.91 -39.70 -15.38
C LEU D 57 29.93 -39.20 -14.36
N ALA D 58 29.72 -37.99 -13.82
CA ALA D 58 30.64 -37.42 -12.86
C ALA D 58 30.76 -38.34 -11.63
N GLU D 59 29.64 -38.94 -11.24
CA GLU D 59 29.63 -39.89 -10.14
C GLU D 59 30.59 -41.03 -10.45
N GLN D 60 30.48 -41.60 -11.65
CA GLN D 60 31.33 -42.72 -12.06
C GLN D 60 32.79 -42.29 -12.08
N GLU D 61 33.07 -40.99 -12.34
CA GLU D 61 34.43 -40.53 -12.55
C GLU D 61 35.05 -39.98 -11.26
N GLY D 62 34.35 -40.04 -10.11
CA GLY D 62 34.97 -39.75 -8.82
C GLY D 62 34.47 -38.46 -8.16
N PHE D 63 33.63 -37.68 -8.86
CA PHE D 63 32.98 -36.54 -8.22
C PHE D 63 32.00 -37.07 -7.20
N ASP D 64 31.79 -36.38 -6.08
CA ASP D 64 30.98 -36.88 -4.98
C ASP D 64 29.79 -35.99 -4.65
N SER D 65 29.65 -34.83 -5.31
CA SER D 65 28.63 -33.86 -4.94
C SER D 65 28.35 -32.91 -6.10
N VAL D 66 27.18 -32.27 -6.06
CA VAL D 66 26.73 -31.40 -7.14
C VAL D 66 26.24 -30.09 -6.50
N LEU D 67 26.60 -28.98 -7.14
CA LEU D 67 26.05 -27.66 -6.86
C LEU D 67 25.17 -27.28 -8.04
N ALA D 68 23.92 -26.96 -7.77
CA ALA D 68 22.96 -26.62 -8.81
C ALA D 68 22.46 -25.19 -8.64
N ALA D 69 22.67 -24.43 -9.69
CA ALA D 69 22.23 -23.05 -9.81
C ALA D 69 20.71 -23.01 -9.78
N ASP D 70 20.17 -22.05 -9.02
CA ASP D 70 18.74 -21.80 -8.99
C ASP D 70 18.45 -20.53 -9.79
N HIS D 71 18.30 -20.66 -11.11
CA HIS D 71 18.06 -19.49 -11.95
C HIS D 71 16.70 -19.56 -12.60
N PHE D 72 16.24 -18.39 -13.08
CA PHE D 72 15.11 -18.28 -13.98
C PHE D 72 15.61 -17.91 -15.37
N HIS D 73 16.69 -17.11 -15.41
CA HIS D 73 17.29 -16.67 -16.65
C HIS D 73 18.78 -17.01 -16.69
N PRO D 74 19.30 -17.25 -17.89
CA PRO D 74 20.76 -17.32 -18.11
C PRO D 74 21.33 -15.91 -18.08
N TRP D 75 22.64 -15.79 -17.89
CA TRP D 75 23.30 -14.48 -17.95
C TRP D 75 23.23 -13.91 -19.35
N THR D 76 23.39 -14.76 -20.38
CA THR D 76 23.32 -14.31 -21.78
C THR D 76 22.41 -15.23 -22.58
N PRO D 77 21.84 -14.78 -23.72
CA PRO D 77 21.08 -15.68 -24.58
C PRO D 77 21.93 -16.82 -25.12
N GLU D 78 23.22 -16.56 -25.33
CA GLU D 78 24.14 -17.56 -25.88
C GLU D 78 24.29 -18.73 -24.91
N GLN D 79 24.11 -18.50 -23.60
CA GLN D 79 24.13 -19.60 -22.65
C GLN D 79 22.87 -20.45 -22.84
N GLY D 80 21.72 -19.79 -22.82
CA GLY D 80 20.53 -20.27 -23.52
C GLY D 80 19.63 -21.21 -22.72
N GLN D 81 19.81 -21.39 -21.40
CA GLN D 81 18.95 -22.29 -20.63
C GLN D 81 18.65 -21.74 -19.23
N SER D 82 17.64 -22.34 -18.55
CA SER D 82 17.39 -22.17 -17.12
C SER D 82 16.26 -23.09 -16.65
N GLY D 83 16.60 -24.34 -16.36
CA GLY D 83 15.64 -25.26 -15.79
C GLY D 83 15.30 -24.91 -14.35
N PHE D 84 14.10 -25.33 -13.94
CA PHE D 84 13.63 -25.22 -12.57
C PHE D 84 14.36 -26.28 -11.73
N VAL D 85 15.28 -25.79 -10.88
CA VAL D 85 16.25 -26.66 -10.23
C VAL D 85 15.54 -27.68 -9.32
N TRP D 86 14.42 -27.28 -8.70
CA TRP D 86 13.84 -28.09 -7.65
C TRP D 86 13.29 -29.41 -8.21
N ALA D 87 12.73 -29.38 -9.42
CA ALA D 87 12.28 -30.59 -10.09
C ALA D 87 13.46 -31.47 -10.48
N TRP D 88 14.51 -30.86 -11.02
CA TRP D 88 15.67 -31.61 -11.45
C TRP D 88 16.34 -32.33 -10.28
N LEU D 89 16.34 -31.70 -9.09
CA LEU D 89 17.03 -32.27 -7.96
C LEU D 89 16.39 -33.60 -7.53
N GLY D 90 15.08 -33.75 -7.74
CA GLY D 90 14.42 -35.01 -7.50
C GLY D 90 14.95 -36.12 -8.40
N ALA D 91 15.18 -35.81 -9.67
CA ALA D 91 15.71 -36.77 -10.63
C ALA D 91 17.14 -37.15 -10.26
N LEU D 92 17.93 -36.14 -9.87
CA LEU D 92 19.31 -36.38 -9.48
C LEU D 92 19.35 -37.33 -8.27
N GLY D 93 18.52 -37.00 -7.29
CA GLY D 93 18.49 -37.73 -6.04
C GLY D 93 18.14 -39.20 -6.27
N ALA D 94 17.20 -39.44 -7.20
CA ALA D 94 16.67 -40.76 -7.45
C ALA D 94 17.59 -41.60 -8.32
N THR D 95 18.55 -41.00 -9.03
CA THR D 95 19.33 -41.76 -10.00
C THR D 95 20.82 -41.79 -9.64
N THR D 96 21.25 -41.18 -8.53
CA THR D 96 22.64 -41.19 -8.13
C THR D 96 22.71 -41.33 -6.62
N ARG D 97 23.93 -41.43 -6.07
CA ARG D 97 24.17 -41.39 -4.63
C ARG D 97 24.91 -40.11 -4.21
N LEU D 98 25.04 -39.17 -5.16
CA LEU D 98 25.71 -37.88 -4.95
C LEU D 98 25.03 -37.07 -3.86
N ARG D 99 25.83 -36.30 -3.12
CA ARG D 99 25.32 -35.18 -2.34
C ARG D 99 25.02 -34.05 -3.32
N PHE D 100 24.09 -33.19 -2.95
CA PHE D 100 23.71 -32.10 -3.85
C PHE D 100 23.09 -30.95 -3.05
N GLY D 101 23.20 -29.76 -3.63
CA GLY D 101 22.72 -28.55 -2.99
C GLY D 101 22.40 -27.45 -4.00
N THR D 102 21.51 -26.54 -3.59
CA THR D 102 21.23 -25.34 -4.32
C THR D 102 22.40 -24.38 -4.10
N GLY D 103 22.86 -23.75 -5.20
CA GLY D 103 23.97 -22.82 -5.09
C GLY D 103 23.77 -21.55 -5.93
N VAL D 104 22.87 -20.64 -5.53
CA VAL D 104 22.05 -20.73 -4.33
C VAL D 104 20.61 -20.30 -4.64
N THR D 105 19.69 -20.60 -3.72
CA THR D 105 18.31 -20.16 -3.82
C THR D 105 18.18 -18.87 -2.99
N PRO D 106 17.53 -17.81 -3.51
CA PRO D 106 17.16 -16.66 -2.69
C PRO D 106 15.75 -16.83 -2.11
N PRO D 107 15.65 -17.13 -0.79
CA PRO D 107 14.34 -17.37 -0.17
C PRO D 107 13.72 -16.10 0.39
N ILE D 108 13.79 -15.00 -0.37
CA ILE D 108 13.51 -13.69 0.18
C ILE D 108 12.27 -13.08 -0.44
N GLY D 109 11.45 -13.91 -1.06
CA GLY D 109 10.07 -13.56 -1.33
C GLY D 109 9.83 -12.96 -2.72
N PHE D 110 10.73 -13.16 -3.69
CA PHE D 110 10.47 -12.71 -5.06
C PHE D 110 9.98 -13.92 -5.84
N ARG D 111 10.90 -14.72 -6.39
CA ARG D 111 10.50 -15.97 -7.00
C ARG D 111 9.97 -16.93 -5.92
N TYR D 112 10.55 -16.88 -4.73
CA TYR D 112 10.31 -17.91 -3.73
C TYR D 112 10.04 -17.33 -2.35
N HIS D 113 8.92 -17.74 -1.77
CA HIS D 113 8.63 -17.44 -0.38
C HIS D 113 9.46 -18.39 0.49
N PRO D 114 10.03 -17.92 1.61
CA PRO D 114 10.86 -18.78 2.45
C PRO D 114 10.17 -20.06 2.94
N ALA D 115 8.86 -20.05 3.15
CA ALA D 115 8.17 -21.23 3.63
C ALA D 115 8.20 -22.36 2.58
N ILE D 116 8.13 -21.98 1.29
CA ILE D 116 8.14 -22.94 0.21
C ILE D 116 9.55 -23.51 0.05
N VAL D 117 10.56 -22.67 0.22
CA VAL D 117 11.93 -23.17 0.17
C VAL D 117 12.13 -24.19 1.28
N ALA D 118 11.62 -23.87 2.47
CA ALA D 118 11.78 -24.78 3.61
C ALA D 118 11.16 -26.14 3.29
N GLN D 119 9.96 -26.14 2.72
CA GLN D 119 9.23 -27.35 2.41
C GLN D 119 9.99 -28.18 1.37
N ALA D 120 10.48 -27.49 0.31
CA ALA D 120 11.22 -28.12 -0.76
C ALA D 120 12.48 -28.81 -0.19
N ALA D 121 13.18 -28.09 0.69
CA ALA D 121 14.40 -28.59 1.31
C ALA D 121 14.11 -29.81 2.16
N ALA D 122 13.05 -29.70 2.98
CA ALA D 122 12.69 -30.77 3.88
C ALA D 122 12.34 -32.03 3.08
N THR D 123 11.64 -31.84 1.97
CA THR D 123 11.19 -32.97 1.17
C THR D 123 12.40 -33.67 0.54
N LEU D 124 13.35 -32.91 -0.02
CA LEU D 124 14.53 -33.50 -0.63
C LEU D 124 15.31 -34.29 0.43
N GLU D 125 15.53 -33.67 1.60
CA GLU D 125 16.28 -34.37 2.65
C GLU D 125 15.53 -35.63 3.12
N ALA D 126 14.21 -35.56 3.18
CA ALA D 126 13.41 -36.71 3.62
C ALA D 126 13.48 -37.85 2.62
N MET D 127 13.48 -37.53 1.31
CA MET D 127 13.56 -38.53 0.26
C MET D 127 14.98 -39.04 0.11
N PHE D 128 15.98 -38.20 0.36
CA PHE D 128 17.39 -38.54 0.15
C PHE D 128 18.24 -38.19 1.38
N PRO D 129 18.03 -38.91 2.50
CA PRO D 129 18.63 -38.54 3.77
C PRO D 129 20.15 -38.45 3.72
N GLY D 130 20.69 -37.37 4.29
CA GLY D 130 22.12 -37.17 4.41
C GLY D 130 22.74 -36.59 3.12
N ARG D 131 21.91 -36.24 2.11
CA ARG D 131 22.47 -35.95 0.81
C ARG D 131 22.25 -34.50 0.41
N PHE D 132 21.28 -33.81 1.00
CA PHE D 132 20.88 -32.49 0.52
C PHE D 132 21.44 -31.41 1.44
N TRP D 133 21.92 -30.30 0.85
CA TRP D 133 22.26 -29.11 1.61
C TRP D 133 21.57 -27.91 0.97
N LEU D 134 20.92 -27.09 1.82
CA LEU D 134 20.16 -25.95 1.35
C LEU D 134 21.09 -24.75 1.24
N GLY D 135 21.51 -24.41 0.01
CA GLY D 135 22.32 -23.23 -0.19
C GLY D 135 21.42 -22.04 -0.49
N ILE D 136 21.60 -20.95 0.27
CA ILE D 136 20.78 -19.75 0.12
C ILE D 136 21.64 -18.49 -0.06
N GLY D 137 21.04 -17.44 -0.64
CA GLY D 137 21.70 -16.16 -0.78
C GLY D 137 20.73 -15.02 -1.06
N ALA D 138 21.33 -13.84 -1.32
CA ALA D 138 20.61 -12.58 -1.40
C ALA D 138 19.99 -12.32 -2.78
N GLY D 139 20.36 -13.15 -3.77
CA GLY D 139 19.71 -13.13 -5.06
C GLY D 139 20.28 -12.11 -6.04
N GLU D 140 19.87 -12.27 -7.31
CA GLU D 140 20.25 -11.42 -8.41
C GLU D 140 19.00 -10.92 -9.12
N ALA D 141 19.00 -9.65 -9.54
CA ALA D 141 17.87 -9.11 -10.26
C ALA D 141 17.58 -9.88 -11.55
N LEU D 142 18.63 -10.45 -12.16
CA LEU D 142 18.48 -11.23 -13.38
C LEU D 142 17.32 -12.22 -13.25
N ASN D 143 17.21 -12.83 -12.06
CA ASN D 143 16.19 -13.83 -11.77
C ASN D 143 14.97 -13.23 -11.06
N GLU D 144 15.17 -12.33 -10.10
CA GLU D 144 14.11 -11.91 -9.21
C GLU D 144 13.25 -10.81 -9.85
N HIS D 145 13.75 -10.10 -10.89
CA HIS D 145 13.06 -8.92 -11.35
C HIS D 145 11.74 -9.25 -12.05
N ILE D 146 11.58 -10.52 -12.42
CA ILE D 146 10.44 -10.92 -13.23
C ILE D 146 9.14 -10.63 -12.50
N VAL D 147 9.13 -10.57 -11.15
CA VAL D 147 7.89 -10.41 -10.41
C VAL D 147 7.54 -8.93 -10.24
N GLY D 148 8.40 -8.01 -10.71
CA GLY D 148 8.05 -6.60 -10.81
C GLY D 148 7.96 -5.90 -9.46
N ARG D 149 8.89 -6.16 -8.53
CA ARG D 149 8.88 -5.56 -7.22
C ARG D 149 10.15 -4.74 -6.98
N TYR D 150 10.05 -3.87 -5.95
CA TYR D 150 11.16 -3.07 -5.50
C TYR D 150 12.34 -4.00 -5.23
N TRP D 151 13.50 -3.68 -5.80
CA TRP D 151 14.74 -4.44 -5.60
C TRP D 151 15.66 -3.71 -4.61
N PRO D 152 15.73 -4.14 -3.33
CA PRO D 152 16.55 -3.45 -2.34
C PRO D 152 18.03 -3.52 -2.66
N GLU D 153 18.80 -2.60 -2.08
CA GLU D 153 20.24 -2.65 -2.13
C GLU D 153 20.73 -3.92 -1.43
N PRO D 154 21.94 -4.43 -1.78
CA PRO D 154 22.49 -5.63 -1.13
C PRO D 154 22.40 -5.67 0.39
N ALA D 155 22.73 -4.59 1.08
CA ALA D 155 22.71 -4.61 2.54
C ALA D 155 21.30 -4.89 3.06
N GLU D 156 20.28 -4.36 2.37
CA GLU D 156 18.91 -4.62 2.78
C GLU D 156 18.54 -6.06 2.46
N ARG D 157 18.94 -6.57 1.28
CA ARG D 157 18.67 -7.95 0.93
C ARG D 157 19.30 -8.92 1.94
N ILE D 158 20.46 -8.56 2.52
CA ILE D 158 21.06 -9.34 3.59
C ILE D 158 20.12 -9.41 4.78
N ARG D 159 19.51 -8.28 5.16
CA ARG D 159 18.54 -8.27 6.26
C ARG D 159 17.36 -9.17 5.92
N MET D 160 16.93 -9.17 4.65
CA MET D 160 15.84 -10.03 4.23
C MET D 160 16.26 -11.51 4.39
N LEU D 161 17.48 -11.83 3.98
CA LEU D 161 17.99 -13.19 4.03
C LEU D 161 18.04 -13.68 5.47
N ILE D 162 18.46 -12.82 6.39
CA ILE D 162 18.55 -13.19 7.79
C ILE D 162 17.16 -13.47 8.35
N GLU D 163 16.14 -12.73 7.94
CA GLU D 163 14.79 -13.00 8.38
C GLU D 163 14.29 -14.31 7.74
N ALA D 164 14.65 -14.55 6.49
CA ALA D 164 14.25 -15.80 5.83
C ALA D 164 14.86 -17.02 6.53
N ILE D 165 16.10 -16.91 7.02
CA ILE D 165 16.75 -17.96 7.76
C ILE D 165 15.91 -18.27 9.00
N GLU D 166 15.40 -17.23 9.67
CA GLU D 166 14.57 -17.40 10.85
C GLU D 166 13.30 -18.19 10.50
N VAL D 167 12.67 -17.86 9.37
CA VAL D 167 11.47 -18.55 8.95
C VAL D 167 11.78 -20.02 8.67
N ILE D 168 12.86 -20.28 7.92
CA ILE D 168 13.18 -21.64 7.53
C ILE D 168 13.49 -22.46 8.77
N GLN D 169 14.20 -21.89 9.74
CA GLN D 169 14.58 -22.61 10.95
C GLN D 169 13.37 -22.90 11.84
N LYS D 170 12.43 -21.97 11.90
CA LYS D 170 11.19 -22.22 12.61
C LYS D 170 10.48 -23.43 12.00
N LEU D 171 10.33 -23.44 10.66
CA LEU D 171 9.63 -24.52 10.02
C LEU D 171 10.38 -25.86 10.20
N PHE D 172 11.71 -25.78 10.26
CA PHE D 172 12.55 -26.96 10.39
C PHE D 172 12.40 -27.58 11.78
N THR D 173 11.78 -26.91 12.76
CA THR D 173 11.53 -27.52 14.07
C THR D 173 10.49 -28.63 13.93
N GLY D 174 9.75 -28.62 12.81
CA GLY D 174 8.74 -29.64 12.56
C GLY D 174 7.47 -29.41 13.37
N LYS D 175 7.32 -28.24 14.00
CA LYS D 175 6.11 -27.92 14.75
C LYS D 175 5.30 -26.86 14.01
N VAL D 176 4.08 -26.62 14.50
CA VAL D 176 3.26 -25.49 14.08
C VAL D 176 3.94 -24.23 14.58
N ILE D 177 4.26 -23.33 13.65
CA ILE D 177 4.88 -22.05 13.96
C ILE D 177 4.10 -20.94 13.26
N ARG D 178 4.35 -19.72 13.77
CA ARG D 178 3.88 -18.46 13.23
C ARG D 178 5.07 -17.52 13.17
N HIS D 179 5.03 -16.55 12.26
CA HIS D 179 6.11 -15.59 12.16
C HIS D 179 5.53 -14.27 11.67
N GLU D 180 5.99 -13.17 12.28
CA GLU D 180 5.74 -11.85 11.72
C GLU D 180 6.98 -10.98 11.92
N GLY D 181 7.63 -10.57 10.85
CA GLY D 181 8.78 -9.67 10.95
C GLY D 181 8.63 -8.54 9.94
N VAL D 182 9.75 -7.84 9.68
CA VAL D 182 9.73 -6.73 8.75
C VAL D 182 9.31 -7.21 7.37
N TYR D 183 9.81 -8.35 6.90
CA TYR D 183 9.69 -8.74 5.51
C TYR D 183 8.68 -9.88 5.30
N PHE D 184 8.47 -10.76 6.30
CA PHE D 184 7.69 -11.96 6.05
C PHE D 184 6.64 -12.12 7.13
N LYS D 185 5.50 -12.65 6.67
CA LYS D 185 4.40 -13.03 7.53
C LYS D 185 4.13 -14.50 7.26
N VAL D 186 4.08 -15.31 8.31
CA VAL D 186 3.70 -16.70 8.15
C VAL D 186 2.59 -17.01 9.15
N GLU D 187 1.41 -17.37 8.65
CA GLU D 187 0.31 -17.87 9.46
C GLU D 187 0.60 -19.33 9.87
N SER D 188 -0.14 -19.82 10.84
CA SER D 188 0.06 -21.14 11.39
C SER D 188 0.48 -22.13 10.33
N ALA D 189 1.71 -22.63 10.43
CA ALA D 189 2.28 -23.48 9.41
C ALA D 189 3.19 -24.54 10.03
N LYS D 190 3.15 -25.74 9.45
CA LYS D 190 3.95 -26.88 9.91
C LYS D 190 4.39 -27.74 8.74
N LEU D 191 5.67 -28.14 8.74
CA LEU D 191 6.16 -29.11 7.79
C LEU D 191 5.90 -30.51 8.36
N TYR D 192 4.87 -31.16 7.83
CA TYR D 192 4.53 -32.52 8.23
C TYR D 192 5.53 -33.55 7.66
N THR D 193 6.03 -33.34 6.46
CA THR D 193 7.05 -34.20 5.86
C THR D 193 8.41 -33.59 6.18
N MET D 194 9.05 -34.07 7.24
CA MET D 194 10.21 -33.42 7.83
C MET D 194 11.18 -34.51 8.25
N PRO D 195 12.44 -34.58 7.76
CA PRO D 195 13.37 -35.61 8.25
C PRO D 195 13.72 -35.38 9.72
N ASP D 196 14.23 -36.42 10.38
CA ASP D 196 14.57 -36.36 11.80
C ASP D 196 15.59 -35.26 12.03
N VAL D 197 16.58 -35.20 11.13
CA VAL D 197 17.62 -34.20 11.17
C VAL D 197 17.43 -33.29 9.96
N PRO D 198 17.26 -31.96 10.15
CA PRO D 198 17.10 -31.04 9.01
C PRO D 198 18.35 -31.03 8.14
N PRO D 199 18.23 -30.69 6.85
CA PRO D 199 19.40 -30.51 6.00
C PRO D 199 20.13 -29.28 6.54
N PRO D 200 21.47 -29.20 6.38
CA PRO D 200 22.22 -28.01 6.71
C PRO D 200 21.80 -26.82 5.84
N ILE D 201 21.83 -25.63 6.48
CA ILE D 201 21.69 -24.38 5.77
C ILE D 201 23.08 -23.81 5.50
N ILE D 202 23.40 -23.63 4.21
CA ILE D 202 24.64 -23.05 3.75
C ILE D 202 24.35 -21.70 3.11
N VAL D 203 25.07 -20.65 3.52
CA VAL D 203 24.90 -19.33 2.92
C VAL D 203 26.00 -19.11 1.89
N GLY D 204 25.60 -18.82 0.66
CA GLY D 204 26.51 -18.34 -0.38
C GLY D 204 26.68 -16.82 -0.31
N THR D 205 27.90 -16.34 0.00
CA THR D 205 28.16 -14.92 0.16
C THR D 205 29.66 -14.67 -0.01
N ALA D 206 29.98 -13.48 -0.49
CA ALA D 206 31.34 -12.97 -0.55
C ALA D 206 31.51 -11.79 0.41
N GLY D 207 30.47 -11.50 1.21
CA GLY D 207 30.49 -10.37 2.13
C GLY D 207 31.03 -10.79 3.50
N PRO D 208 32.09 -10.13 4.02
CA PRO D 208 32.56 -10.39 5.38
C PRO D 208 31.48 -10.33 6.47
N TYR D 209 30.53 -9.38 6.36
CA TYR D 209 29.50 -9.27 7.38
C TYR D 209 28.61 -10.51 7.36
N MET D 210 28.12 -10.90 6.18
CA MET D 210 27.20 -12.03 6.10
C MET D 210 27.95 -13.33 6.39
N ALA D 211 29.24 -13.39 6.08
CA ALA D 211 30.02 -14.59 6.37
C ALA D 211 30.04 -14.83 7.88
N LYS D 212 30.15 -13.76 8.66
CA LYS D 212 30.12 -13.87 10.12
C LYS D 212 28.73 -14.30 10.59
N LYS D 213 27.69 -13.74 10.00
CA LYS D 213 26.32 -14.09 10.34
C LYS D 213 26.04 -15.55 10.02
N THR D 214 26.66 -16.04 8.94
CA THR D 214 26.53 -17.43 8.51
C THR D 214 27.08 -18.36 9.59
N GLY D 215 28.27 -18.04 10.11
CA GLY D 215 28.86 -18.82 11.16
C GLY D 215 27.96 -18.83 12.40
N GLN D 216 27.33 -17.70 12.66
CA GLN D 216 26.52 -17.54 13.85
C GLN D 216 25.19 -18.27 13.72
N LEU D 217 24.52 -18.17 12.56
CA LEU D 217 23.12 -18.54 12.43
C LEU D 217 22.93 -19.84 11.65
N CYS D 218 23.89 -20.24 10.82
CA CYS D 218 23.67 -21.31 9.87
C CYS D 218 24.72 -22.41 10.10
N ASP D 219 24.85 -23.31 9.11
CA ASP D 219 25.63 -24.52 9.32
C ASP D 219 26.94 -24.51 8.53
N GLY D 220 27.08 -23.63 7.52
CA GLY D 220 28.32 -23.58 6.76
C GLY D 220 28.31 -22.51 5.68
N LEU D 221 29.47 -22.27 5.05
CA LEU D 221 29.66 -21.17 4.12
C LEU D 221 29.93 -21.70 2.71
N LEU D 222 29.41 -20.98 1.71
CA LEU D 222 29.79 -21.19 0.31
C LEU D 222 30.22 -19.82 -0.24
N THR D 223 31.37 -19.75 -0.90
CA THR D 223 31.87 -18.48 -1.41
C THR D 223 32.48 -18.68 -2.80
N PRO D 224 32.55 -17.66 -3.65
CA PRO D 224 33.20 -17.78 -4.97
C PRO D 224 34.71 -17.73 -4.86
N GLY D 225 35.37 -18.11 -5.95
CA GLY D 225 36.81 -17.99 -6.05
C GLY D 225 37.19 -16.52 -5.92
N ALA D 226 38.26 -16.23 -5.18
CA ALA D 226 38.74 -14.88 -4.99
C ALA D 226 40.21 -14.96 -4.60
N ASN D 227 40.88 -13.82 -4.39
CA ASN D 227 42.28 -13.86 -4.02
C ASN D 227 42.42 -14.35 -2.58
N ASP D 228 43.66 -14.69 -2.20
CA ASP D 228 43.95 -15.31 -0.93
C ASP D 228 43.50 -14.43 0.24
N GLU D 229 43.69 -13.11 0.10
CA GLU D 229 43.42 -12.21 1.20
C GLU D 229 41.91 -12.16 1.48
N LYS D 230 41.09 -12.12 0.44
CA LYS D 230 39.64 -12.08 0.62
C LYS D 230 39.13 -13.41 1.19
N LEU D 231 39.61 -14.53 0.64
CA LEU D 231 39.19 -15.85 1.09
C LEU D 231 39.58 -16.02 2.56
N ARG D 232 40.77 -15.60 2.96
CA ARG D 232 41.18 -15.69 4.36
C ARG D 232 40.29 -14.85 5.28
N LEU D 233 39.89 -13.66 4.82
CA LEU D 233 39.03 -12.78 5.62
C LEU D 233 37.65 -13.44 5.84
N LEU D 234 37.07 -13.98 4.77
CA LEU D 234 35.77 -14.62 4.84
C LEU D 234 35.81 -15.84 5.77
N LEU D 235 36.88 -16.64 5.69
CA LEU D 235 37.05 -17.83 6.55
C LEU D 235 37.13 -17.37 8.00
N SER D 236 37.93 -16.31 8.23
CA SER D 236 38.15 -15.78 9.56
C SER D 236 36.86 -15.23 10.17
N ARG D 237 36.05 -14.54 9.36
CA ARG D 237 34.79 -13.99 9.82
C ARG D 237 33.78 -15.09 10.18
N PHE D 238 33.67 -16.09 9.30
CA PHE D 238 32.83 -17.26 9.54
C PHE D 238 33.20 -17.95 10.85
N GLU D 239 34.50 -18.15 11.09
CA GLU D 239 34.98 -18.76 12.32
C GLU D 239 34.61 -17.92 13.54
N GLU D 240 34.86 -16.61 13.47
CA GLU D 240 34.51 -15.67 14.54
C GLU D 240 33.04 -15.78 14.90
N GLY D 241 32.18 -15.80 13.88
CA GLY D 241 30.74 -15.88 14.06
C GLY D 241 30.31 -17.16 14.76
N ALA D 242 30.85 -18.29 14.28
CA ALA D 242 30.59 -19.60 14.86
C ALA D 242 31.00 -19.63 16.33
N ARG D 243 32.24 -19.22 16.60
CA ARG D 243 32.80 -19.34 17.94
C ARG D 243 32.04 -18.46 18.94
N ALA D 244 31.64 -17.26 18.52
CA ALA D 244 30.89 -16.36 19.37
C ALA D 244 29.49 -16.93 19.67
N ALA D 245 28.99 -17.81 18.79
CA ALA D 245 27.72 -18.48 19.01
C ALA D 245 27.91 -19.82 19.71
N GLY D 246 29.12 -20.15 20.17
CA GLY D 246 29.38 -21.36 20.93
C GLY D 246 29.59 -22.60 20.05
N LYS D 247 29.81 -22.43 18.74
CA LYS D 247 29.95 -23.55 17.81
C LYS D 247 31.42 -23.81 17.52
N ASP D 248 31.73 -25.02 17.01
CA ASP D 248 33.07 -25.37 16.56
C ASP D 248 33.16 -25.30 15.04
N PRO D 249 33.81 -24.26 14.46
CA PRO D 249 33.83 -24.07 13.01
C PRO D 249 34.67 -25.07 12.22
N ARG D 250 35.56 -25.79 12.91
CA ARG D 250 36.39 -26.80 12.28
C ARG D 250 35.54 -28.01 11.90
N ARG D 251 34.32 -28.12 12.44
CA ARG D 251 33.41 -29.18 12.04
C ARG D 251 32.29 -28.66 11.14
N MET D 252 32.38 -27.43 10.61
CA MET D 252 31.34 -26.89 9.75
C MET D 252 31.88 -26.73 8.32
N PRO D 253 31.11 -27.12 7.30
CA PRO D 253 31.54 -26.96 5.90
C PRO D 253 31.97 -25.55 5.50
N ARG D 254 33.13 -25.49 4.83
CA ARG D 254 33.61 -24.28 4.18
C ARG D 254 33.83 -24.61 2.71
N MET D 255 32.91 -24.13 1.89
CA MET D 255 32.80 -24.57 0.51
C MET D 255 33.16 -23.40 -0.40
N ILE D 256 33.76 -23.70 -1.55
CA ILE D 256 34.10 -22.69 -2.53
C ILE D 256 33.68 -23.16 -3.91
N GLN D 257 33.21 -22.21 -4.71
CA GLN D 257 32.74 -22.49 -6.06
C GLN D 257 33.64 -21.73 -7.02
N VAL D 258 34.25 -22.47 -7.95
CA VAL D 258 35.22 -21.90 -8.86
C VAL D 258 34.83 -22.22 -10.30
N HIS D 259 35.41 -21.43 -11.21
CA HIS D 259 35.12 -21.55 -12.63
C HIS D 259 36.45 -21.81 -13.34
N VAL D 260 36.45 -22.80 -14.25
CA VAL D 260 37.64 -23.14 -15.01
C VAL D 260 37.23 -23.31 -16.47
N SER D 261 38.23 -23.33 -17.36
CA SER D 261 38.02 -23.72 -18.74
C SER D 261 39.10 -24.74 -19.09
N TRP D 262 38.72 -26.02 -19.20
CA TRP D 262 39.61 -27.03 -19.72
C TRP D 262 39.19 -27.35 -21.15
N ALA D 263 40.18 -27.51 -22.03
CA ALA D 263 39.97 -28.00 -23.38
C ALA D 263 41.27 -28.62 -23.88
N GLU D 264 41.26 -29.12 -25.10
CA GLU D 264 42.41 -29.85 -25.62
C GLU D 264 43.60 -28.89 -25.80
N THR D 265 43.34 -27.61 -26.16
CA THR D 265 44.38 -26.60 -26.24
C THR D 265 44.02 -25.39 -25.39
N ASP D 266 45.03 -24.59 -25.05
CA ASP D 266 44.83 -23.32 -24.37
C ASP D 266 43.96 -22.40 -25.21
N GLU D 267 44.21 -22.34 -26.52
CA GLU D 267 43.44 -21.47 -27.40
C GLU D 267 41.96 -21.80 -27.29
N GLN D 268 41.63 -23.09 -27.30
CA GLN D 268 40.24 -23.51 -27.26
C GLN D 268 39.64 -23.18 -25.91
N ALA D 269 40.45 -23.29 -24.84
CA ALA D 269 39.96 -23.04 -23.48
C ALA D 269 39.57 -21.58 -23.31
N ILE D 270 40.39 -20.68 -23.88
CA ILE D 270 40.14 -19.24 -23.83
C ILE D 270 38.90 -18.91 -24.66
N GLU D 271 38.80 -19.45 -25.87
CA GLU D 271 37.68 -19.19 -26.74
C GLU D 271 36.36 -19.60 -26.07
N ASN D 272 36.40 -20.75 -25.35
CA ASN D 272 35.22 -21.24 -24.65
C ASN D 272 34.79 -20.27 -23.55
N ALA D 273 35.75 -19.76 -22.78
CA ALA D 273 35.46 -18.80 -21.72
C ALA D 273 34.79 -17.55 -22.29
N LEU D 274 35.32 -17.00 -23.38
CA LEU D 274 34.78 -15.80 -24.00
C LEU D 274 33.37 -16.03 -24.51
N ARG D 275 33.13 -17.17 -25.18
CA ARG D 275 31.84 -17.41 -25.80
C ARG D 275 30.79 -17.78 -24.76
N GLU D 276 31.18 -18.58 -23.75
CA GLU D 276 30.23 -19.23 -22.87
C GLU D 276 30.01 -18.48 -21.55
N TRP D 277 31.04 -17.80 -21.04
CA TRP D 277 31.00 -17.27 -19.67
C TRP D 277 31.65 -15.89 -19.58
N PRO D 278 31.25 -14.93 -20.44
CA PRO D 278 31.85 -13.59 -20.39
C PRO D 278 31.56 -12.88 -19.07
N ASN D 279 30.49 -13.30 -18.41
CA ASN D 279 30.16 -12.77 -17.09
C ASN D 279 31.24 -13.08 -16.06
N GLY D 280 31.98 -14.16 -16.30
CA GLY D 280 33.14 -14.51 -15.48
C GLY D 280 34.24 -13.45 -15.51
N GLY D 281 34.24 -12.64 -16.59
CA GLY D 281 35.25 -11.60 -16.77
C GLY D 281 34.73 -10.21 -16.39
N MET D 282 33.64 -10.19 -15.64
CA MET D 282 33.01 -8.95 -15.22
C MET D 282 33.25 -8.74 -13.73
N ALA D 283 34.36 -8.09 -13.40
CA ALA D 283 34.77 -7.83 -12.03
C ALA D 283 34.07 -6.58 -11.49
N PHE D 284 32.76 -6.66 -11.38
CA PHE D 284 31.98 -5.55 -10.89
C PHE D 284 30.65 -6.09 -10.38
N PRO D 285 29.92 -5.34 -9.53
CA PRO D 285 28.66 -5.84 -8.97
C PRO D 285 27.64 -6.05 -10.08
N LYS D 286 27.03 -7.24 -10.12
CA LYS D 286 26.10 -7.61 -11.18
C LYS D 286 24.67 -7.80 -10.70
N GLY D 287 24.41 -7.61 -9.40
CA GLY D 287 23.12 -7.98 -8.81
C GLY D 287 21.93 -7.09 -9.21
N ASP D 288 22.16 -5.95 -9.87
CA ASP D 288 21.07 -5.04 -10.28
C ASP D 288 20.69 -5.19 -11.75
N ILE D 289 21.47 -5.97 -12.52
CA ILE D 289 21.27 -6.04 -13.96
C ILE D 289 20.16 -7.04 -14.26
N ARG D 290 19.18 -6.59 -15.07
CA ARG D 290 17.91 -7.27 -15.18
C ARG D 290 17.84 -8.31 -16.30
N ASN D 291 18.45 -8.02 -17.46
CA ASN D 291 18.18 -8.81 -18.67
C ASN D 291 19.39 -9.56 -19.18
N PRO D 292 19.19 -10.78 -19.71
CA PRO D 292 20.23 -11.44 -20.49
C PRO D 292 20.83 -10.56 -21.60
N GLU D 293 19.99 -9.76 -22.24
CA GLU D 293 20.44 -8.89 -23.33
C GLU D 293 21.38 -7.79 -22.78
N ASP D 294 21.23 -7.44 -21.49
CA ASP D 294 22.09 -6.44 -20.88
C ASP D 294 23.48 -7.02 -20.71
N PHE D 295 23.55 -8.24 -20.15
CA PHE D 295 24.84 -8.91 -20.00
C PHE D 295 25.47 -9.18 -21.37
N GLN D 296 24.63 -9.54 -22.34
CA GLN D 296 25.08 -9.84 -23.69
C GLN D 296 25.85 -8.63 -24.27
N ALA D 297 25.31 -7.42 -24.08
CA ALA D 297 25.97 -6.22 -24.61
C ALA D 297 27.25 -5.90 -23.84
N MET D 298 27.20 -6.03 -22.51
CA MET D 298 28.35 -5.83 -21.65
C MET D 298 29.49 -6.80 -22.01
N ALA D 299 29.14 -8.04 -22.39
CA ALA D 299 30.08 -9.10 -22.70
C ALA D 299 31.04 -8.67 -23.81
N ARG D 300 30.60 -7.78 -24.69
CA ARG D 300 31.39 -7.36 -25.84
C ARG D 300 32.67 -6.68 -25.39
N LEU D 301 32.78 -6.21 -24.14
CA LEU D 301 33.98 -5.52 -23.68
C LEU D 301 34.98 -6.50 -23.06
N VAL D 302 34.54 -7.75 -22.83
CA VAL D 302 35.35 -8.70 -22.08
C VAL D 302 36.42 -9.33 -22.97
N ARG D 303 37.63 -9.44 -22.40
CA ARG D 303 38.78 -9.98 -23.10
C ARG D 303 39.43 -11.03 -22.18
N PRO D 304 40.34 -11.87 -22.71
CA PRO D 304 41.00 -12.90 -21.91
C PRO D 304 41.62 -12.45 -20.59
N GLU D 305 42.25 -11.27 -20.57
CA GLU D 305 42.89 -10.73 -19.38
C GLU D 305 41.88 -10.64 -18.23
N HIS D 306 40.59 -10.38 -18.54
CA HIS D 306 39.59 -10.14 -17.51
C HIS D 306 39.27 -11.39 -16.70
N PHE D 307 39.73 -12.57 -17.15
CA PHE D 307 39.43 -13.83 -16.47
C PHE D 307 40.47 -14.14 -15.40
N GLN D 308 41.56 -13.38 -15.33
CA GLN D 308 42.64 -13.58 -14.39
C GLN D 308 42.10 -13.76 -12.96
N GLY D 309 42.38 -14.92 -12.36
CA GLY D 309 42.00 -15.22 -10.98
C GLY D 309 40.53 -15.59 -10.85
N ARG D 310 39.79 -15.62 -11.98
CA ARG D 310 38.33 -15.78 -11.97
C ARG D 310 37.90 -17.02 -12.75
N VAL D 311 38.55 -17.26 -13.90
CA VAL D 311 38.40 -18.46 -14.69
C VAL D 311 39.79 -18.91 -15.13
N LEU D 312 40.26 -20.03 -14.59
CA LEU D 312 41.51 -20.62 -15.03
C LEU D 312 41.32 -21.26 -16.40
N MET D 313 42.05 -20.76 -17.40
CA MET D 313 41.87 -21.22 -18.76
C MET D 313 43.14 -21.92 -19.23
N THR D 314 43.17 -23.26 -19.22
CA THR D 314 44.34 -23.99 -19.68
C THR D 314 43.98 -25.44 -19.95
N SER D 315 44.72 -26.04 -20.90
CA SER D 315 44.64 -27.47 -21.16
C SER D 315 45.52 -28.25 -20.18
N ASP D 316 46.39 -27.56 -19.45
CA ASP D 316 47.36 -28.21 -18.58
C ASP D 316 46.67 -28.63 -17.28
N LEU D 317 46.41 -29.93 -17.14
CA LEU D 317 45.63 -30.47 -16.04
C LEU D 317 46.43 -30.46 -14.74
N ASP D 318 47.77 -30.42 -14.81
CA ASP D 318 48.58 -30.17 -13.63
C ASP D 318 48.24 -28.80 -13.03
N ARG D 319 48.05 -27.79 -13.90
CA ARG D 319 47.75 -26.44 -13.45
C ARG D 319 46.39 -26.42 -12.76
N HIS D 320 45.41 -27.18 -13.31
CA HIS D 320 44.10 -27.29 -12.69
C HIS D 320 44.25 -27.90 -11.30
N GLY D 321 45.07 -28.96 -11.20
CA GLY D 321 45.32 -29.65 -9.96
C GLY D 321 45.91 -28.72 -8.88
N GLU D 322 46.89 -27.90 -9.26
CA GLU D 322 47.59 -27.03 -8.32
C GLU D 322 46.65 -25.95 -7.83
N PHE D 323 45.82 -25.42 -8.74
CA PHE D 323 44.83 -24.39 -8.40
C PHE D 323 43.86 -24.90 -7.34
N LEU D 324 43.37 -26.13 -7.50
CA LEU D 324 42.38 -26.71 -6.60
C LEU D 324 43.04 -27.03 -5.26
N GLN D 325 44.29 -27.55 -5.30
CA GLN D 325 45.01 -27.95 -4.11
C GLN D 325 45.26 -26.74 -3.21
N HIS D 326 45.57 -25.60 -3.82
CA HIS D 326 45.84 -24.36 -3.11
C HIS D 326 44.64 -24.01 -2.25
N LEU D 327 43.45 -24.17 -2.83
CA LEU D 327 42.20 -23.84 -2.15
C LEU D 327 41.96 -24.79 -0.97
N ILE D 328 42.30 -26.08 -1.13
CA ILE D 328 42.22 -27.02 -0.03
C ILE D 328 43.15 -26.55 1.09
N ASP D 329 44.37 -26.14 0.72
CA ASP D 329 45.39 -25.72 1.66
C ASP D 329 44.95 -24.49 2.46
N LEU D 330 44.16 -23.59 1.87
CA LEU D 330 43.59 -22.44 2.59
C LEU D 330 42.59 -22.88 3.66
N GLY D 331 41.98 -24.07 3.47
CA GLY D 331 41.11 -24.66 4.47
C GLY D 331 39.67 -24.90 3.99
N PHE D 332 39.43 -24.81 2.68
CA PHE D 332 38.13 -25.20 2.13
C PHE D 332 38.00 -26.73 2.18
N THR D 333 36.84 -27.20 2.64
CA THR D 333 36.54 -28.60 2.82
C THR D 333 35.83 -29.17 1.59
N GLU D 334 35.33 -28.32 0.69
CA GLU D 334 34.70 -28.76 -0.54
C GLU D 334 34.91 -27.72 -1.62
N ILE D 335 35.09 -28.19 -2.86
CA ILE D 335 35.24 -27.34 -4.01
C ILE D 335 34.27 -27.84 -5.07
N TYR D 336 33.47 -26.90 -5.61
CA TYR D 336 32.59 -27.19 -6.73
C TYR D 336 33.19 -26.53 -7.96
N VAL D 337 33.43 -27.33 -9.00
CA VAL D 337 34.09 -26.85 -10.21
C VAL D 337 33.08 -26.72 -11.35
N HIS D 338 33.01 -25.51 -11.92
CA HIS D 338 32.23 -25.22 -13.11
C HIS D 338 33.19 -25.10 -14.29
N ASN D 339 33.12 -26.06 -15.22
CA ASN D 339 33.83 -25.94 -16.47
C ASN D 339 32.92 -25.18 -17.42
N VAL D 340 33.44 -24.09 -18.00
CA VAL D 340 32.60 -23.16 -18.73
C VAL D 340 32.32 -23.65 -20.15
N GLY D 341 33.13 -24.57 -20.68
CA GLY D 341 32.95 -25.03 -22.04
C GLY D 341 31.79 -26.02 -22.16
N ARG D 342 31.31 -26.24 -23.38
CA ARG D 342 30.22 -27.18 -23.64
C ARG D 342 30.73 -28.62 -23.70
N ASN D 343 32.06 -28.79 -23.55
CA ASN D 343 32.71 -30.09 -23.59
C ASN D 343 32.64 -30.77 -22.21
N GLN D 344 31.44 -30.87 -21.61
CA GLN D 344 31.29 -31.29 -20.22
C GLN D 344 31.74 -32.75 -20.10
N GLU D 345 31.33 -33.62 -21.03
CA GLU D 345 31.69 -35.02 -20.90
C GLU D 345 33.22 -35.20 -20.94
N GLU D 346 33.91 -34.49 -21.83
CA GLU D 346 35.37 -34.58 -21.95
C GLU D 346 36.03 -33.98 -20.70
N PHE D 347 35.49 -32.88 -20.19
CA PHE D 347 35.99 -32.25 -18.98
C PHE D 347 35.92 -33.22 -17.80
N ILE D 348 34.76 -33.86 -17.65
CA ILE D 348 34.53 -34.75 -16.53
C ILE D 348 35.52 -35.91 -16.55
N ARG D 349 35.74 -36.50 -17.74
CA ARG D 349 36.64 -37.64 -17.87
C ARG D 349 38.08 -37.23 -17.63
N ALA D 350 38.47 -36.04 -18.15
CA ALA D 350 39.80 -35.51 -17.93
C ALA D 350 40.08 -35.27 -16.45
N TYR D 351 39.11 -34.69 -15.73
CA TYR D 351 39.29 -34.45 -14.31
C TYR D 351 39.35 -35.80 -13.56
N GLY D 352 38.50 -36.73 -13.96
CA GLY D 352 38.37 -38.00 -13.26
C GLY D 352 39.68 -38.77 -13.27
N ARG D 353 40.39 -38.66 -14.41
CA ARG D 353 41.64 -39.35 -14.68
C ARG D 353 42.85 -38.60 -14.13
N ALA D 354 42.95 -37.28 -14.38
CA ALA D 354 44.20 -36.55 -14.17
C ALA D 354 44.17 -35.58 -12.98
N VAL D 355 43.01 -35.29 -12.39
CA VAL D 355 42.94 -34.28 -11.34
C VAL D 355 42.47 -34.85 -10.01
N ILE D 356 41.25 -35.40 -9.99
CA ILE D 356 40.59 -35.81 -8.76
C ILE D 356 41.46 -36.78 -7.96
N PRO D 357 42.05 -37.84 -8.56
CA PRO D 357 42.84 -38.79 -7.81
C PRO D 357 44.08 -38.22 -7.12
N HIS D 358 44.52 -37.02 -7.51
CA HIS D 358 45.77 -36.45 -7.02
C HIS D 358 45.54 -35.37 -5.96
N LEU D 359 44.31 -34.86 -5.82
CA LEU D 359 44.01 -33.91 -4.76
C LEU D 359 44.18 -34.56 -3.39
N ARG D 360 44.77 -33.84 -2.42
CA ARG D 360 44.95 -34.34 -1.07
C ARG D 360 44.08 -33.57 -0.08
N TRP D 361 43.00 -34.19 0.38
CA TRP D 361 42.07 -33.61 1.34
C TRP D 361 42.51 -33.90 2.77
N PRO D 362 42.22 -33.05 3.78
CA PRO D 362 42.41 -33.43 5.17
C PRO D 362 41.55 -34.65 5.46
N ALA D 363 42.05 -35.52 6.35
CA ALA D 363 41.47 -36.83 6.60
C ALA D 363 40.04 -36.75 7.13
N ASP D 364 39.73 -35.75 7.97
CA ASP D 364 38.43 -35.71 8.64
C ASP D 364 37.72 -34.39 8.35
N ALA D 365 37.83 -33.91 7.11
CA ALA D 365 37.25 -32.62 6.71
C ALA D 365 35.72 -32.70 6.73
N PRO D 366 35.00 -31.71 7.34
CA PRO D 366 33.53 -31.71 7.30
C PRO D 366 32.89 -31.41 5.95
N VAL D 367 31.92 -32.27 5.60
CA VAL D 367 31.21 -32.20 4.33
C VAL D 367 29.77 -31.77 4.62
N ALA D 368 29.12 -31.07 3.67
CA ALA D 368 27.75 -30.60 3.82
C ALA D 368 26.73 -31.75 3.86
N GLN D 369 26.19 -31.93 5.09
CA GLN D 369 25.17 -32.89 5.51
C GLN D 369 24.82 -32.56 6.99
N SER E 34 -6.34 -50.26 -25.16
CA SER E 34 -5.86 -51.31 -24.22
C SER E 34 -5.94 -50.81 -22.77
N SER E 35 -5.39 -51.62 -21.86
CA SER E 35 -5.58 -51.54 -20.40
C SER E 35 -4.86 -50.33 -19.77
N ARG E 36 -5.57 -49.56 -18.92
CA ARG E 36 -4.93 -48.45 -18.23
C ARG E 36 -5.86 -47.85 -17.17
N LEU E 37 -5.22 -47.05 -16.28
CA LEU E 37 -5.91 -46.39 -15.18
C LEU E 37 -4.92 -45.45 -14.50
N GLY E 38 -5.47 -44.38 -13.91
CA GLY E 38 -4.65 -43.42 -13.19
C GLY E 38 -4.59 -43.73 -11.69
N TYR E 39 -3.43 -43.44 -11.07
CA TYR E 39 -3.23 -43.58 -9.64
C TYR E 39 -3.08 -42.19 -9.02
N SER E 40 -3.83 -41.94 -7.94
CA SER E 40 -3.74 -40.69 -7.19
C SER E 40 -2.73 -40.83 -6.06
N ALA E 41 -1.70 -40.00 -6.10
CA ALA E 41 -0.67 -39.99 -5.08
C ALA E 41 -1.07 -38.97 -4.02
N SER E 42 -1.46 -39.49 -2.84
CA SER E 42 -2.00 -38.66 -1.78
C SER E 42 -0.88 -38.11 -0.90
N PHE E 43 -0.38 -36.92 -1.25
CA PHE E 43 0.69 -36.26 -0.52
C PHE E 43 0.24 -35.89 0.90
N GLU E 44 -1.08 -35.75 1.08
CA GLU E 44 -1.63 -35.41 2.37
C GLU E 44 -1.39 -36.54 3.38
N GLN E 45 -1.26 -37.78 2.89
CA GLN E 45 -1.27 -38.96 3.73
C GLN E 45 0.08 -39.67 3.77
N PHE E 46 0.84 -39.69 2.67
CA PHE E 46 1.93 -40.64 2.51
C PHE E 46 3.28 -39.96 2.27
N HIS E 47 4.31 -40.49 2.96
CA HIS E 47 5.69 -40.05 2.79
C HIS E 47 6.04 -40.14 1.31
N PRO E 48 6.72 -39.14 0.74
CA PRO E 48 7.04 -39.17 -0.69
C PRO E 48 7.88 -40.37 -1.13
N SER E 49 8.72 -40.91 -0.26
CA SER E 49 9.45 -42.14 -0.58
C SER E 49 8.49 -43.30 -0.79
N ASP E 50 7.46 -43.38 0.03
CA ASP E 50 6.47 -44.45 -0.11
C ASP E 50 5.71 -44.25 -1.40
N LEU E 51 5.34 -43.01 -1.70
CA LEU E 51 4.60 -42.71 -2.93
C LEU E 51 5.42 -43.09 -4.16
N LEU E 52 6.73 -42.83 -4.11
CA LEU E 52 7.59 -43.13 -5.25
C LEU E 52 7.62 -44.64 -5.49
N ARG E 53 7.85 -45.41 -4.42
CA ARG E 53 7.88 -46.87 -4.48
C ARG E 53 6.52 -47.40 -4.98
N TRP E 54 5.39 -46.85 -4.49
CA TRP E 54 4.08 -47.33 -4.90
C TRP E 54 3.76 -47.00 -6.35
N CYS E 55 4.23 -45.85 -6.85
CA CYS E 55 4.04 -45.51 -8.25
C CYS E 55 4.82 -46.48 -9.15
N GLN E 56 6.02 -46.88 -8.72
CA GLN E 56 6.84 -47.83 -9.48
C GLN E 56 6.12 -49.18 -9.55
N LEU E 57 5.47 -49.57 -8.43
CA LEU E 57 4.68 -50.78 -8.37
C LEU E 57 3.43 -50.64 -9.25
N ALA E 58 2.76 -49.48 -9.19
CA ALA E 58 1.55 -49.26 -9.95
C ALA E 58 1.84 -49.39 -11.45
N GLU E 59 3.02 -48.92 -11.86
CA GLU E 59 3.42 -49.06 -13.25
C GLU E 59 3.47 -50.55 -13.61
N GLN E 60 4.12 -51.38 -12.77
CA GLN E 60 4.22 -52.82 -13.01
C GLN E 60 2.81 -53.44 -13.07
N GLU E 61 1.83 -52.87 -12.34
CA GLU E 61 0.52 -53.49 -12.18
C GLU E 61 -0.51 -52.93 -13.17
N GLY E 62 -0.11 -52.04 -14.09
CA GLY E 62 -0.97 -51.67 -15.22
C GLY E 62 -1.51 -50.24 -15.17
N PHE E 63 -1.24 -49.51 -14.08
CA PHE E 63 -1.56 -48.09 -14.05
C PHE E 63 -0.63 -47.39 -15.02
N ASP E 64 -1.11 -46.33 -15.70
CA ASP E 64 -0.34 -45.67 -16.74
C ASP E 64 -0.04 -44.21 -16.44
N SER E 65 -0.56 -43.65 -15.34
CA SER E 65 -0.44 -42.21 -15.08
C SER E 65 -0.66 -41.92 -13.59
N VAL E 66 -0.17 -40.76 -13.15
CA VAL E 66 -0.22 -40.38 -11.75
C VAL E 66 -0.75 -38.96 -11.65
N LEU E 67 -1.64 -38.73 -10.67
CA LEU E 67 -2.09 -37.41 -10.28
C LEU E 67 -1.49 -37.11 -8.91
N ALA E 68 -0.79 -35.97 -8.81
CA ALA E 68 -0.10 -35.62 -7.57
C ALA E 68 -0.64 -34.29 -7.04
N ALA E 69 -1.10 -34.38 -5.80
CA ALA E 69 -1.60 -33.28 -5.03
C ALA E 69 -0.48 -32.28 -4.79
N ASP E 70 -0.79 -30.98 -4.96
CA ASP E 70 0.14 -29.92 -4.65
C ASP E 70 -0.31 -29.26 -3.35
N HIS E 71 0.10 -29.82 -2.20
CA HIS E 71 -0.31 -29.30 -0.92
C HIS E 71 0.91 -28.81 -0.16
N PHE E 72 0.61 -27.95 0.83
CA PHE E 72 1.56 -27.57 1.86
C PHE E 72 1.16 -28.24 3.18
N HIS E 73 -0.15 -28.40 3.37
CA HIS E 73 -0.69 -29.05 4.56
C HIS E 73 -1.62 -30.22 4.20
N PRO E 74 -1.68 -31.25 5.06
CA PRO E 74 -2.72 -32.26 5.00
C PRO E 74 -4.04 -31.66 5.48
N TRP E 75 -5.16 -32.31 5.13
CA TRP E 75 -6.45 -31.89 5.63
C TRP E 75 -6.51 -32.09 7.15
N THR E 76 -5.94 -33.18 7.67
CA THR E 76 -5.96 -33.45 9.10
C THR E 76 -4.57 -33.86 9.58
N PRO E 77 -4.23 -33.71 10.87
CA PRO E 77 -2.96 -34.20 11.40
C PRO E 77 -2.81 -35.71 11.24
N GLU E 78 -3.93 -36.42 11.33
CA GLU E 78 -3.92 -37.88 11.23
C GLU E 78 -3.45 -38.32 9.83
N GLN E 79 -3.67 -37.49 8.81
CA GLN E 79 -3.17 -37.80 7.48
C GLN E 79 -1.64 -37.66 7.50
N GLY E 80 -1.16 -36.51 7.95
CA GLY E 80 0.16 -36.41 8.56
C GLY E 80 1.31 -36.14 7.59
N GLN E 81 1.07 -35.78 6.31
CA GLN E 81 2.16 -35.49 5.38
C GLN E 81 1.82 -34.33 4.45
N SER E 82 2.86 -33.79 3.76
CA SER E 82 2.72 -32.89 2.62
C SER E 82 4.08 -32.57 1.99
N GLY E 83 4.54 -33.49 1.14
CA GLY E 83 5.78 -33.28 0.41
C GLY E 83 5.61 -32.22 -0.68
N PHE E 84 6.74 -31.59 -1.02
CA PHE E 84 6.80 -30.61 -2.10
C PHE E 84 6.75 -31.35 -3.42
N VAL E 85 5.60 -31.25 -4.12
CA VAL E 85 5.30 -32.12 -5.23
C VAL E 85 6.33 -31.95 -6.34
N TRP E 86 6.84 -30.73 -6.55
CA TRP E 86 7.63 -30.44 -7.73
C TRP E 86 8.95 -31.21 -7.72
N ALA E 87 9.56 -31.35 -6.53
CA ALA E 87 10.78 -32.14 -6.39
C ALA E 87 10.46 -33.62 -6.60
N TRP E 88 9.37 -34.10 -6.02
CA TRP E 88 9.01 -35.51 -6.15
C TRP E 88 8.77 -35.87 -7.61
N LEU E 89 8.17 -34.96 -8.40
CA LEU E 89 7.83 -35.29 -9.78
C LEU E 89 9.09 -35.56 -10.61
N GLY E 90 10.20 -34.91 -10.28
CA GLY E 90 11.46 -35.21 -10.92
C GLY E 90 11.91 -36.65 -10.68
N ALA E 91 11.73 -37.14 -9.44
CA ALA E 91 12.08 -38.50 -9.09
C ALA E 91 11.20 -39.49 -9.83
N LEU E 92 9.89 -39.18 -9.88
CA LEU E 92 8.93 -40.03 -10.56
C LEU E 92 9.31 -40.14 -12.03
N GLY E 93 9.57 -38.98 -12.64
CA GLY E 93 9.87 -38.89 -14.05
C GLY E 93 11.10 -39.72 -14.40
N ALA E 94 12.11 -39.69 -13.54
CA ALA E 94 13.39 -40.32 -13.81
C ALA E 94 13.36 -41.82 -13.51
N THR E 95 12.36 -42.33 -12.77
CA THR E 95 12.39 -43.74 -12.36
C THR E 95 11.20 -44.53 -12.91
N THR E 96 10.31 -43.91 -13.72
CA THR E 96 9.22 -44.64 -14.34
C THR E 96 9.02 -44.10 -15.76
N ARG E 97 8.08 -44.69 -16.51
CA ARG E 97 7.67 -44.19 -17.81
C ARG E 97 6.22 -43.64 -17.78
N LEU E 98 5.68 -43.50 -16.56
CA LEU E 98 4.33 -43.02 -16.31
C LEU E 98 4.16 -41.59 -16.82
N ARG E 99 2.95 -41.27 -17.29
CA ARG E 99 2.52 -39.89 -17.39
C ARG E 99 2.17 -39.39 -15.99
N PHE E 100 2.26 -38.07 -15.79
CA PHE E 100 1.99 -37.51 -14.48
C PHE E 100 1.60 -36.04 -14.60
N GLY E 101 0.87 -35.58 -13.58
CA GLY E 101 0.36 -34.21 -13.54
C GLY E 101 0.10 -33.74 -12.11
N THR E 102 0.15 -32.42 -11.94
CA THR E 102 -0.28 -31.77 -10.71
C THR E 102 -1.80 -31.76 -10.70
N GLY E 103 -2.39 -32.12 -9.56
CA GLY E 103 -3.84 -32.14 -9.43
C GLY E 103 -4.31 -31.57 -8.09
N VAL E 104 -4.27 -30.23 -7.89
CA VAL E 104 -3.80 -29.26 -8.85
C VAL E 104 -2.94 -28.20 -8.14
N THR E 105 -2.20 -27.43 -8.92
CA THR E 105 -1.38 -26.34 -8.41
C THR E 105 -2.18 -25.05 -8.58
N PRO E 106 -2.27 -24.19 -7.55
CA PRO E 106 -2.83 -22.84 -7.70
C PRO E 106 -1.75 -21.80 -8.08
N PRO E 107 -1.70 -21.38 -9.36
CA PRO E 107 -0.68 -20.45 -9.82
C PRO E 107 -1.07 -18.99 -9.65
N ILE E 108 -1.68 -18.66 -8.50
CA ILE E 108 -2.36 -17.39 -8.37
C ILE E 108 -1.67 -16.49 -7.33
N GLY E 109 -0.43 -16.82 -7.01
CA GLY E 109 0.47 -15.86 -6.40
C GLY E 109 0.51 -15.94 -4.88
N PHE E 110 0.06 -17.04 -4.25
CA PHE E 110 0.21 -17.18 -2.82
C PHE E 110 1.45 -18.02 -2.54
N ARG E 111 1.34 -19.34 -2.56
CA ARG E 111 2.53 -20.17 -2.53
C ARG E 111 3.35 -19.98 -3.80
N TYR E 112 2.67 -19.81 -4.94
CA TYR E 112 3.35 -19.88 -6.22
C TYR E 112 2.96 -18.74 -7.15
N HIS E 113 3.98 -18.05 -7.66
CA HIS E 113 3.77 -17.04 -8.68
C HIS E 113 3.56 -17.78 -9.99
N PRO E 114 2.66 -17.33 -10.89
CA PRO E 114 2.42 -18.02 -12.14
C PRO E 114 3.64 -18.26 -13.02
N ALA E 115 4.60 -17.34 -13.00
CA ALA E 115 5.79 -17.49 -13.81
C ALA E 115 6.63 -18.69 -13.35
N ILE E 116 6.66 -18.95 -12.06
CA ILE E 116 7.43 -20.06 -11.49
C ILE E 116 6.73 -21.37 -11.84
N VAL E 117 5.40 -21.39 -11.81
CA VAL E 117 4.68 -22.58 -12.22
C VAL E 117 4.98 -22.88 -13.68
N ALA E 118 4.98 -21.84 -14.50
CA ALA E 118 5.24 -22.03 -15.93
C ALA E 118 6.61 -22.67 -16.13
N GLN E 119 7.63 -22.15 -15.43
CA GLN E 119 9.00 -22.64 -15.57
C GLN E 119 9.09 -24.10 -15.11
N ALA E 120 8.47 -24.41 -13.98
CA ALA E 120 8.44 -25.75 -13.42
C ALA E 120 7.82 -26.74 -14.40
N ALA E 121 6.69 -26.33 -15.01
CA ALA E 121 5.98 -27.14 -15.97
C ALA E 121 6.85 -27.38 -17.19
N ALA E 122 7.46 -26.30 -17.69
CA ALA E 122 8.26 -26.39 -18.91
C ALA E 122 9.46 -27.31 -18.67
N THR E 123 10.05 -27.25 -17.47
CA THR E 123 11.22 -28.05 -17.17
C THR E 123 10.84 -29.54 -17.11
N LEU E 124 9.71 -29.86 -16.46
CA LEU E 124 9.29 -31.26 -16.38
C LEU E 124 9.02 -31.79 -17.79
N GLU E 125 8.30 -31.03 -18.60
CA GLU E 125 8.00 -31.48 -19.96
C GLU E 125 9.30 -31.62 -20.77
N ALA E 126 10.26 -30.72 -20.57
CA ALA E 126 11.51 -30.78 -21.31
C ALA E 126 12.33 -32.01 -20.92
N MET E 127 12.33 -32.35 -19.63
CA MET E 127 13.07 -33.51 -19.11
C MET E 127 12.35 -34.79 -19.43
N PHE E 128 11.00 -34.77 -19.48
CA PHE E 128 10.18 -35.96 -19.68
C PHE E 128 9.14 -35.74 -20.78
N PRO E 129 9.58 -35.57 -22.05
CA PRO E 129 8.69 -35.14 -23.13
C PRO E 129 7.49 -36.07 -23.29
N GLY E 130 6.32 -35.46 -23.43
CA GLY E 130 5.07 -36.17 -23.68
C GLY E 130 4.46 -36.77 -22.40
N ARG E 131 5.03 -36.47 -21.22
CA ARG E 131 4.64 -37.20 -20.03
C ARG E 131 3.96 -36.30 -19.00
N PHE E 132 4.13 -34.97 -19.09
CA PHE E 132 3.67 -34.07 -18.05
C PHE E 132 2.41 -33.34 -18.50
N TRP E 133 1.45 -33.17 -17.57
CA TRP E 133 0.32 -32.26 -17.78
C TRP E 133 0.20 -31.33 -16.57
N LEU E 134 0.06 -30.02 -16.86
CA LEU E 134 0.01 -29.01 -15.83
C LEU E 134 -1.45 -28.84 -15.36
N GLY E 135 -1.78 -29.40 -14.20
CA GLY E 135 -3.10 -29.24 -13.64
C GLY E 135 -3.13 -28.04 -12.70
N ILE E 136 -4.07 -27.09 -12.92
CA ILE E 136 -4.14 -25.87 -12.14
C ILE E 136 -5.56 -25.66 -11.60
N GLY E 137 -5.65 -24.86 -10.52
CA GLY E 137 -6.94 -24.49 -9.94
C GLY E 137 -6.86 -23.25 -9.05
N ALA E 138 -7.98 -22.95 -8.40
CA ALA E 138 -8.20 -21.70 -7.69
C ALA E 138 -7.71 -21.74 -6.25
N GLY E 139 -7.29 -22.91 -5.78
CA GLY E 139 -6.61 -23.07 -4.51
C GLY E 139 -7.55 -23.23 -3.32
N GLU E 140 -6.94 -23.63 -2.21
CA GLU E 140 -7.60 -23.79 -0.92
C GLU E 140 -6.81 -23.01 0.13
N ALA E 141 -7.53 -22.38 1.06
CA ALA E 141 -6.89 -21.65 2.13
C ALA E 141 -5.96 -22.55 2.95
N LEU E 142 -6.32 -23.83 3.08
CA LEU E 142 -5.52 -24.79 3.83
C LEU E 142 -4.04 -24.66 3.48
N ASN E 143 -3.77 -24.47 2.17
CA ASN E 143 -2.41 -24.36 1.66
C ASN E 143 -1.96 -22.89 1.48
N GLU E 144 -2.85 -22.03 0.99
CA GLU E 144 -2.41 -20.69 0.56
C GLU E 144 -2.35 -19.71 1.73
N HIS E 145 -3.02 -20.00 2.86
CA HIS E 145 -3.12 -19.01 3.92
C HIS E 145 -1.78 -18.77 4.60
N ILE E 146 -0.81 -19.67 4.39
CA ILE E 146 0.43 -19.58 5.14
C ILE E 146 1.15 -18.25 4.88
N VAL E 147 0.93 -17.63 3.70
CA VAL E 147 1.68 -16.42 3.34
C VAL E 147 1.00 -15.17 3.88
N GLY E 148 -0.16 -15.30 4.52
CA GLY E 148 -0.73 -14.21 5.31
C GLY E 148 -1.31 -13.09 4.46
N ARG E 149 -2.01 -13.41 3.37
CA ARG E 149 -2.60 -12.42 2.48
C ARG E 149 -4.12 -12.53 2.44
N TYR E 150 -4.74 -11.46 1.95
CA TYR E 150 -6.16 -11.41 1.68
C TYR E 150 -6.55 -12.63 0.85
N TRP E 151 -7.55 -13.39 1.29
CA TRP E 151 -8.06 -14.54 0.57
C TRP E 151 -9.38 -14.20 -0.13
N PRO E 152 -9.38 -13.98 -1.45
CA PRO E 152 -10.60 -13.59 -2.17
C PRO E 152 -11.66 -14.71 -2.13
N GLU E 153 -12.91 -14.29 -2.38
CA GLU E 153 -13.99 -15.23 -2.57
C GLU E 153 -13.73 -16.06 -3.82
N PRO E 154 -14.31 -17.28 -3.92
CA PRO E 154 -14.12 -18.14 -5.10
C PRO E 154 -14.26 -17.45 -6.45
N ALA E 155 -15.30 -16.63 -6.63
CA ALA E 155 -15.50 -16.01 -7.93
C ALA E 155 -14.30 -15.14 -8.32
N GLU E 156 -13.71 -14.46 -7.33
CA GLU E 156 -12.58 -13.59 -7.60
C GLU E 156 -11.35 -14.47 -7.88
N ARG E 157 -11.16 -15.56 -7.13
CA ARG E 157 -10.04 -16.45 -7.36
C ARG E 157 -10.09 -17.04 -8.77
N ILE E 158 -11.29 -17.26 -9.32
CA ILE E 158 -11.45 -17.69 -10.71
C ILE E 158 -10.88 -16.62 -11.64
N ARG E 159 -11.17 -15.33 -11.38
CA ARG E 159 -10.59 -14.26 -12.18
C ARG E 159 -9.07 -14.26 -12.09
N MET E 160 -8.54 -14.55 -10.90
CA MET E 160 -7.09 -14.62 -10.72
C MET E 160 -6.53 -15.79 -11.56
N LEU E 161 -7.21 -16.94 -11.53
CA LEU E 161 -6.79 -18.12 -12.27
C LEU E 161 -6.76 -17.84 -13.77
N ILE E 162 -7.76 -17.12 -14.26
CA ILE E 162 -7.84 -16.79 -15.68
C ILE E 162 -6.67 -15.90 -16.08
N GLU E 163 -6.27 -14.97 -15.22
CA GLU E 163 -5.14 -14.11 -15.54
C GLU E 163 -3.85 -14.92 -15.45
N ALA E 164 -3.75 -15.85 -14.50
CA ALA E 164 -2.57 -16.70 -14.38
C ALA E 164 -2.39 -17.57 -15.65
N ILE E 165 -3.50 -18.05 -16.22
CA ILE E 165 -3.45 -18.80 -17.46
C ILE E 165 -2.83 -17.95 -18.56
N GLU E 166 -3.19 -16.66 -18.59
CA GLU E 166 -2.65 -15.74 -19.58
C GLU E 166 -1.12 -15.62 -19.41
N VAL E 167 -0.65 -15.52 -18.17
CA VAL E 167 0.76 -15.44 -17.89
C VAL E 167 1.47 -16.71 -18.33
N ILE E 168 0.92 -17.86 -17.97
CA ILE E 168 1.57 -19.14 -18.27
C ILE E 168 1.65 -19.31 -19.79
N GLN E 169 0.59 -18.94 -20.50
CA GLN E 169 0.55 -19.11 -21.95
C GLN E 169 1.50 -18.17 -22.66
N LYS E 170 1.65 -16.95 -22.14
CA LYS E 170 2.65 -16.03 -22.67
C LYS E 170 4.04 -16.66 -22.54
N LEU E 171 4.37 -17.17 -21.38
CA LEU E 171 5.68 -17.76 -21.14
C LEU E 171 5.88 -18.99 -21.99
N PHE E 172 4.81 -19.74 -22.25
CA PHE E 172 4.87 -20.96 -23.03
C PHE E 172 5.13 -20.65 -24.50
N THR E 173 5.04 -19.39 -24.95
CA THR E 173 5.40 -19.04 -26.32
C THR E 173 6.90 -19.17 -26.50
N GLY E 174 7.64 -19.19 -25.40
CA GLY E 174 9.08 -19.33 -25.46
C GLY E 174 9.80 -18.05 -25.89
N LYS E 175 9.09 -16.91 -25.94
CA LYS E 175 9.68 -15.63 -26.27
C LYS E 175 9.76 -14.76 -25.02
N VAL E 176 10.46 -13.62 -25.15
CA VAL E 176 10.45 -12.56 -24.15
C VAL E 176 9.05 -11.95 -24.14
N ILE E 177 8.42 -11.96 -22.97
CA ILE E 177 7.09 -11.40 -22.77
C ILE E 177 7.11 -10.49 -21.54
N ARG E 178 6.08 -9.65 -21.48
CA ARG E 178 5.75 -8.75 -20.38
C ARG E 178 4.26 -8.93 -20.11
N HIS E 179 3.85 -8.64 -18.87
CA HIS E 179 2.46 -8.73 -18.52
C HIS E 179 2.15 -7.73 -17.41
N GLU E 180 1.02 -7.05 -17.53
CA GLU E 180 0.48 -6.30 -16.41
C GLU E 180 -1.04 -6.43 -16.45
N GLY E 181 -1.62 -7.03 -15.42
CA GLY E 181 -3.06 -7.11 -15.31
C GLY E 181 -3.50 -6.72 -13.91
N VAL E 182 -4.74 -7.07 -13.57
CA VAL E 182 -5.27 -6.72 -12.27
C VAL E 182 -4.44 -7.38 -11.17
N TYR E 183 -4.03 -8.64 -11.36
CA TYR E 183 -3.45 -9.41 -10.28
C TYR E 183 -1.94 -9.62 -10.40
N PHE E 184 -1.38 -9.63 -11.62
CA PHE E 184 0.00 -10.03 -11.80
C PHE E 184 0.75 -9.00 -12.64
N LYS E 185 2.03 -8.82 -12.32
CA LYS E 185 2.95 -8.01 -13.08
C LYS E 185 4.15 -8.87 -13.41
N VAL E 186 4.51 -8.94 -14.70
CA VAL E 186 5.68 -9.70 -15.10
C VAL E 186 6.54 -8.79 -15.95
N GLU E 187 7.78 -8.55 -15.49
CA GLU E 187 8.77 -7.80 -16.26
C GLU E 187 9.37 -8.73 -17.31
N SER E 188 10.08 -8.13 -18.28
CA SER E 188 10.64 -8.90 -19.37
C SER E 188 11.12 -10.26 -18.89
N ALA E 189 10.50 -11.32 -19.41
CA ALA E 189 10.77 -12.69 -18.98
C ALA E 189 10.63 -13.65 -20.14
N LYS E 190 11.52 -14.65 -20.18
CA LYS E 190 11.51 -15.71 -21.17
C LYS E 190 11.87 -17.06 -20.55
N LEU E 191 11.14 -18.12 -20.94
CA LEU E 191 11.53 -19.48 -20.64
C LEU E 191 12.50 -19.96 -21.71
N TYR E 192 13.78 -19.99 -21.37
CA TYR E 192 14.82 -20.51 -22.26
C TYR E 192 14.79 -22.04 -22.32
N THR E 193 14.48 -22.74 -21.21
CA THR E 193 14.35 -24.18 -21.22
C THR E 193 12.87 -24.50 -21.43
N MET E 194 12.50 -24.76 -22.67
CA MET E 194 11.13 -24.76 -23.13
C MET E 194 11.02 -25.90 -24.15
N PRO E 195 10.19 -26.96 -23.95
CA PRO E 195 10.07 -28.00 -24.99
C PRO E 195 9.39 -27.44 -26.25
N ASP E 196 9.54 -28.13 -27.37
CA ASP E 196 9.01 -27.64 -28.65
C ASP E 196 7.50 -27.53 -28.55
N VAL E 197 6.89 -28.51 -27.88
CA VAL E 197 5.45 -28.52 -27.64
C VAL E 197 5.23 -28.32 -26.14
N PRO E 198 4.47 -27.28 -25.73
CA PRO E 198 4.20 -27.08 -24.29
C PRO E 198 3.42 -28.24 -23.72
N PRO E 199 3.51 -28.50 -22.39
CA PRO E 199 2.65 -29.49 -21.75
C PRO E 199 1.25 -28.90 -21.81
N PRO E 200 0.21 -29.76 -21.82
CA PRO E 200 -1.17 -29.28 -21.78
C PRO E 200 -1.47 -28.64 -20.44
N ILE E 201 -2.31 -27.61 -20.49
CA ILE E 201 -2.85 -26.99 -19.29
C ILE E 201 -4.24 -27.55 -19.04
N ILE E 202 -4.39 -28.19 -17.88
CA ILE E 202 -5.62 -28.81 -17.43
C ILE E 202 -6.15 -28.03 -16.23
N VAL E 203 -7.41 -27.60 -16.28
CA VAL E 203 -8.02 -26.89 -15.16
C VAL E 203 -8.83 -27.88 -14.33
N GLY E 204 -8.51 -27.98 -13.04
CA GLY E 204 -9.34 -28.67 -12.09
C GLY E 204 -10.40 -27.75 -11.50
N THR E 205 -11.69 -28.07 -11.74
CA THR E 205 -12.80 -27.24 -11.31
C THR E 205 -14.08 -28.10 -11.29
N ALA E 206 -15.01 -27.74 -10.40
CA ALA E 206 -16.38 -28.29 -10.42
C ALA E 206 -17.39 -27.20 -10.79
N GLY E 207 -16.90 -26.02 -11.18
CA GLY E 207 -17.77 -24.89 -11.48
C GLY E 207 -18.16 -24.85 -12.96
N PRO E 208 -19.47 -24.84 -13.29
CA PRO E 208 -19.90 -24.71 -14.69
C PRO E 208 -19.27 -23.56 -15.47
N TYR E 209 -19.11 -22.40 -14.81
CA TYR E 209 -18.55 -21.24 -15.50
C TYR E 209 -17.08 -21.54 -15.88
N MET E 210 -16.28 -22.00 -14.92
CA MET E 210 -14.86 -22.21 -15.17
C MET E 210 -14.67 -23.39 -16.13
N ALA E 211 -15.57 -24.36 -16.09
CA ALA E 211 -15.46 -25.50 -16.98
C ALA E 211 -15.57 -25.03 -18.43
N LYS E 212 -16.45 -24.06 -18.69
CA LYS E 212 -16.59 -23.50 -20.02
C LYS E 212 -15.35 -22.70 -20.41
N LYS E 213 -14.81 -21.92 -19.46
CA LYS E 213 -13.61 -21.15 -19.69
C LYS E 213 -12.43 -22.07 -20.00
N THR E 214 -12.41 -23.25 -19.34
CA THR E 214 -11.38 -24.25 -19.53
C THR E 214 -11.37 -24.72 -20.98
N GLY E 215 -12.55 -25.03 -21.50
CA GLY E 215 -12.66 -25.45 -22.90
C GLY E 215 -12.17 -24.35 -23.84
N GLN E 216 -12.46 -23.11 -23.47
CA GLN E 216 -12.13 -21.97 -24.31
C GLN E 216 -10.63 -21.68 -24.28
N LEU E 217 -10.02 -21.71 -23.09
CA LEU E 217 -8.70 -21.12 -22.87
C LEU E 217 -7.62 -22.18 -22.73
N CYS E 218 -7.95 -23.41 -22.34
CA CYS E 218 -6.94 -24.38 -21.95
C CYS E 218 -7.11 -25.66 -22.77
N ASP E 219 -6.51 -26.76 -22.32
CA ASP E 219 -6.35 -27.93 -23.17
C ASP E 219 -7.21 -29.10 -22.68
N GLY E 220 -7.70 -29.07 -21.43
CA GLY E 220 -8.55 -30.15 -20.95
C GLY E 220 -9.06 -29.91 -19.54
N LEU E 221 -9.98 -30.76 -19.07
CA LEU E 221 -10.67 -30.57 -17.81
C LEU E 221 -10.31 -31.69 -16.82
N LEU E 222 -10.22 -31.34 -15.54
CA LEU E 222 -10.15 -32.30 -14.45
C LEU E 222 -11.25 -31.92 -13.45
N THR E 223 -12.08 -32.90 -13.05
CA THR E 223 -13.18 -32.60 -12.14
C THR E 223 -13.29 -33.73 -11.12
N PRO E 224 -13.85 -33.49 -9.92
CA PRO E 224 -14.03 -34.55 -8.93
C PRO E 224 -15.23 -35.40 -9.26
N GLY E 225 -15.32 -36.53 -8.56
CA GLY E 225 -16.49 -37.39 -8.62
C GLY E 225 -17.71 -36.60 -8.20
N ALA E 226 -18.82 -36.78 -8.92
CA ALA E 226 -20.08 -36.11 -8.60
C ALA E 226 -21.20 -36.93 -9.24
N ASN E 227 -22.46 -36.52 -9.04
CA ASN E 227 -23.56 -37.28 -9.63
C ASN E 227 -23.58 -37.03 -11.14
N ASP E 228 -24.35 -37.85 -11.84
CA ASP E 228 -24.39 -37.87 -13.30
C ASP E 228 -24.81 -36.51 -13.86
N GLU E 229 -25.74 -35.84 -13.20
CA GLU E 229 -26.29 -34.60 -13.74
C GLU E 229 -25.22 -33.51 -13.72
N LYS E 230 -24.44 -33.43 -12.63
CA LYS E 230 -23.38 -32.42 -12.53
C LYS E 230 -22.26 -32.72 -13.52
N LEU E 231 -21.85 -34.00 -13.61
CA LEU E 231 -20.78 -34.40 -14.50
C LEU E 231 -21.19 -34.08 -15.94
N ARG E 232 -22.42 -34.38 -16.32
CA ARG E 232 -22.89 -34.10 -17.67
C ARG E 232 -22.89 -32.61 -17.97
N LEU E 233 -23.25 -31.78 -16.99
CA LEU E 233 -23.29 -30.33 -17.16
C LEU E 233 -21.88 -29.79 -17.40
N LEU E 234 -20.92 -30.24 -16.57
CA LEU E 234 -19.54 -29.79 -16.68
C LEU E 234 -18.95 -30.19 -18.03
N LEU E 235 -19.23 -31.43 -18.49
CA LEU E 235 -18.74 -31.91 -19.78
C LEU E 235 -19.33 -31.05 -20.88
N SER E 236 -20.63 -30.79 -20.78
CA SER E 236 -21.36 -30.00 -21.77
C SER E 236 -20.82 -28.57 -21.86
N ARG E 237 -20.52 -27.96 -20.70
CA ARG E 237 -19.98 -26.61 -20.67
C ARG E 237 -18.59 -26.53 -21.27
N PHE E 238 -17.73 -27.50 -20.91
CA PHE E 238 -16.39 -27.61 -21.47
C PHE E 238 -16.45 -27.72 -23.00
N GLU E 239 -17.33 -28.58 -23.52
CA GLU E 239 -17.50 -28.74 -24.96
C GLU E 239 -17.95 -27.44 -25.63
N GLU E 240 -18.95 -26.77 -25.04
CA GLU E 240 -19.46 -25.51 -25.55
C GLU E 240 -18.33 -24.48 -25.66
N GLY E 241 -17.52 -24.39 -24.60
CA GLY E 241 -16.41 -23.45 -24.54
C GLY E 241 -15.37 -23.72 -25.63
N ALA E 242 -15.00 -25.00 -25.79
CA ALA E 242 -14.05 -25.42 -26.80
C ALA E 242 -14.56 -25.07 -28.20
N ARG E 243 -15.80 -25.46 -28.49
CA ARG E 243 -16.33 -25.31 -29.84
C ARG E 243 -16.47 -23.82 -30.22
N ALA E 244 -16.87 -22.99 -29.26
CA ALA E 244 -16.99 -21.55 -29.50
C ALA E 244 -15.62 -20.92 -29.76
N ALA E 245 -14.55 -21.55 -29.27
CA ALA E 245 -13.19 -21.10 -29.52
C ALA E 245 -12.58 -21.80 -30.74
N GLY E 246 -13.37 -22.56 -31.49
CA GLY E 246 -12.92 -23.19 -32.73
C GLY E 246 -12.17 -24.52 -32.50
N LYS E 247 -12.25 -25.11 -31.31
CA LYS E 247 -11.51 -26.32 -30.97
C LYS E 247 -12.41 -27.55 -31.07
N ASP E 248 -11.81 -28.75 -31.18
CA ASP E 248 -12.55 -30.00 -31.18
C ASP E 248 -12.44 -30.68 -29.82
N PRO E 249 -13.49 -30.66 -28.98
CA PRO E 249 -13.40 -31.19 -27.61
C PRO E 249 -13.29 -32.70 -27.48
N ARG E 250 -13.63 -33.42 -28.56
CA ARG E 250 -13.53 -34.87 -28.57
C ARG E 250 -12.06 -35.30 -28.60
N ARG E 251 -11.15 -34.37 -28.93
CA ARG E 251 -9.73 -34.67 -28.89
C ARG E 251 -9.05 -34.00 -27.68
N MET E 252 -9.80 -33.48 -26.72
CA MET E 252 -9.22 -32.86 -25.54
C MET E 252 -9.50 -33.71 -24.30
N PRO E 253 -8.51 -33.90 -23.41
CA PRO E 253 -8.71 -34.71 -22.20
C PRO E 253 -9.86 -34.24 -21.32
N ARG E 254 -10.68 -35.20 -20.89
CA ARG E 254 -11.70 -34.99 -19.88
C ARG E 254 -11.44 -36.00 -18.76
N MET E 255 -10.91 -35.49 -17.65
CA MET E 255 -10.35 -36.33 -16.62
C MET E 255 -11.20 -36.18 -15.36
N ILE E 256 -11.28 -37.27 -14.59
CA ILE E 256 -12.02 -37.25 -13.35
C ILE E 256 -11.17 -37.89 -12.27
N GLN E 257 -11.30 -37.33 -11.07
CA GLN E 257 -10.59 -37.84 -9.92
C GLN E 257 -11.60 -38.34 -8.91
N VAL E 258 -11.48 -39.61 -8.52
CA VAL E 258 -12.43 -40.23 -7.62
C VAL E 258 -11.71 -40.81 -6.40
N HIS E 259 -12.50 -41.06 -5.35
CA HIS E 259 -11.99 -41.56 -4.09
C HIS E 259 -12.73 -42.86 -3.79
N VAL E 260 -11.99 -43.89 -3.41
CA VAL E 260 -12.56 -45.19 -3.07
C VAL E 260 -11.91 -45.68 -1.78
N SER E 261 -12.52 -46.69 -1.16
CA SER E 261 -11.89 -47.41 -0.09
C SER E 261 -12.02 -48.89 -0.39
N TRP E 262 -10.91 -49.55 -0.76
CA TRP E 262 -10.87 -50.99 -0.86
C TRP E 262 -10.12 -51.54 0.34
N ALA E 263 -10.63 -52.64 0.89
CA ALA E 263 -9.96 -53.37 1.95
C ALA E 263 -10.48 -54.80 1.92
N GLU E 264 -10.00 -55.61 2.88
CA GLU E 264 -10.35 -57.01 2.92
C GLU E 264 -11.84 -57.21 3.18
N THR E 265 -12.42 -56.36 4.04
CA THR E 265 -13.83 -56.42 4.37
C THR E 265 -14.46 -55.04 4.17
N ASP E 266 -15.81 -55.02 4.02
CA ASP E 266 -16.54 -53.76 3.96
C ASP E 266 -16.32 -52.97 5.23
N GLU E 267 -16.37 -53.64 6.38
CA GLU E 267 -16.21 -52.96 7.66
C GLU E 267 -14.88 -52.22 7.69
N GLN E 268 -13.81 -52.87 7.23
CA GLN E 268 -12.50 -52.26 7.27
C GLN E 268 -12.43 -51.08 6.29
N ALA E 269 -13.13 -51.20 5.16
CA ALA E 269 -13.12 -50.16 4.13
C ALA E 269 -13.75 -48.87 4.65
N ILE E 270 -14.87 -49.03 5.39
CA ILE E 270 -15.60 -47.92 5.98
C ILE E 270 -14.75 -47.28 7.07
N GLU E 271 -14.15 -48.10 7.95
CA GLU E 271 -13.32 -47.60 9.03
C GLU E 271 -12.15 -46.78 8.49
N ASN E 272 -11.57 -47.22 7.36
CA ASN E 272 -10.45 -46.53 6.75
C ASN E 272 -10.90 -45.16 6.24
N ALA E 273 -12.06 -45.09 5.59
CA ALA E 273 -12.60 -43.83 5.09
C ALA E 273 -12.80 -42.83 6.23
N LEU E 274 -13.39 -43.27 7.34
CA LEU E 274 -13.63 -42.40 8.49
C LEU E 274 -12.31 -41.90 9.08
N ARG E 275 -11.31 -42.78 9.23
CA ARG E 275 -10.10 -42.42 9.93
C ARG E 275 -9.19 -41.58 9.02
N GLU E 276 -9.15 -41.91 7.72
CA GLU E 276 -8.14 -41.40 6.82
C GLU E 276 -8.63 -40.20 6.01
N TRP E 277 -9.93 -40.15 5.67
CA TRP E 277 -10.41 -39.19 4.69
C TRP E 277 -11.78 -38.63 5.08
N PRO E 278 -11.94 -38.13 6.33
CA PRO E 278 -13.23 -37.59 6.77
C PRO E 278 -13.65 -36.37 5.94
N ASN E 279 -12.66 -35.69 5.35
CA ASN E 279 -12.93 -34.56 4.48
C ASN E 279 -13.73 -34.97 3.25
N GLY E 280 -13.60 -36.25 2.86
CA GLY E 280 -14.41 -36.83 1.80
C GLY E 280 -15.90 -36.82 2.11
N GLY E 281 -16.24 -36.77 3.40
CA GLY E 281 -17.63 -36.79 3.84
C GLY E 281 -18.15 -35.39 4.18
N MET E 282 -17.45 -34.36 3.72
CA MET E 282 -17.81 -32.98 4.03
C MET E 282 -18.35 -32.31 2.77
N ALA E 283 -19.67 -32.46 2.55
CA ALA E 283 -20.33 -31.97 1.35
C ALA E 283 -20.67 -30.48 1.51
N PHE E 284 -19.64 -29.64 1.61
CA PHE E 284 -19.84 -28.22 1.83
C PHE E 284 -18.57 -27.50 1.40
N PRO E 285 -18.62 -26.19 1.14
CA PRO E 285 -17.44 -25.47 0.65
C PRO E 285 -16.32 -25.50 1.70
N LYS E 286 -15.13 -25.93 1.31
CA LYS E 286 -14.01 -26.09 2.22
C LYS E 286 -12.85 -25.11 1.93
N GLY E 287 -13.00 -24.25 0.91
CA GLY E 287 -11.90 -23.43 0.44
C GLY E 287 -11.43 -22.31 1.37
N ASP E 288 -12.20 -22.01 2.44
CA ASP E 288 -11.88 -20.93 3.38
C ASP E 288 -11.25 -21.47 4.67
N ILE E 289 -11.23 -22.78 4.88
CA ILE E 289 -10.79 -23.34 6.15
C ILE E 289 -9.27 -23.45 6.18
N ARG E 290 -8.66 -22.93 7.25
CA ARG E 290 -7.22 -22.65 7.24
C ARG E 290 -6.36 -23.78 7.79
N ASN E 291 -6.82 -24.49 8.84
CA ASN E 291 -5.93 -25.35 9.60
C ASN E 291 -6.31 -26.82 9.54
N PRO E 292 -5.32 -27.73 9.54
CA PRO E 292 -5.58 -29.15 9.76
C PRO E 292 -6.41 -29.42 11.00
N GLU E 293 -6.18 -28.64 12.07
CA GLU E 293 -6.90 -28.81 13.34
C GLU E 293 -8.38 -28.44 13.16
N ASP E 294 -8.68 -27.57 12.21
CA ASP E 294 -10.07 -27.17 11.95
C ASP E 294 -10.81 -28.33 11.30
N PHE E 295 -10.20 -28.91 10.27
CA PHE E 295 -10.78 -30.08 9.62
C PHE E 295 -10.87 -31.25 10.60
N GLN E 296 -9.86 -31.39 11.45
CA GLN E 296 -9.83 -32.44 12.45
C GLN E 296 -11.07 -32.37 13.36
N ALA E 297 -11.45 -31.17 13.80
CA ALA E 297 -12.60 -31.00 14.67
C ALA E 297 -13.91 -31.23 13.91
N MET E 298 -13.97 -30.72 12.67
CA MET E 298 -15.13 -30.91 11.80
C MET E 298 -15.36 -32.40 11.52
N ALA E 299 -14.26 -33.16 11.39
CA ALA E 299 -14.29 -34.59 11.06
C ALA E 299 -15.15 -35.36 12.04
N ARG E 300 -15.21 -34.89 13.30
CA ARG E 300 -15.93 -35.58 14.35
C ARG E 300 -17.42 -35.71 14.02
N LEU E 301 -17.96 -34.93 13.09
CA LEU E 301 -19.38 -34.99 12.75
C LEU E 301 -19.64 -35.98 11.61
N VAL E 302 -18.57 -36.45 10.96
CA VAL E 302 -18.71 -37.23 9.74
C VAL E 302 -19.05 -38.69 10.08
N ARG E 303 -19.98 -39.23 9.30
CA ARG E 303 -20.46 -40.59 9.49
C ARG E 303 -20.47 -41.29 8.13
N PRO E 304 -20.56 -42.63 8.10
CA PRO E 304 -20.54 -43.37 6.84
C PRO E 304 -21.49 -42.89 5.75
N GLU E 305 -22.72 -42.49 6.13
CA GLU E 305 -23.71 -42.01 5.17
C GLU E 305 -23.16 -40.83 4.37
N HIS E 306 -22.29 -40.01 4.96
CA HIS E 306 -21.80 -38.79 4.32
C HIS E 306 -20.89 -39.08 3.12
N PHE E 307 -20.47 -40.34 2.94
CA PHE E 307 -19.56 -40.71 1.87
C PHE E 307 -20.32 -41.09 0.60
N GLN E 308 -21.65 -41.18 0.67
CA GLN E 308 -22.50 -41.54 -0.46
C GLN E 308 -22.17 -40.69 -1.69
N GLY E 309 -21.78 -41.34 -2.78
CA GLY E 309 -21.48 -40.69 -4.05
C GLY E 309 -20.10 -40.02 -4.05
N ARG E 310 -19.35 -40.14 -2.93
CA ARG E 310 -18.13 -39.38 -2.71
C ARG E 310 -16.92 -40.31 -2.50
N VAL E 311 -17.13 -41.37 -1.72
CA VAL E 311 -16.14 -42.41 -1.50
C VAL E 311 -16.85 -43.76 -1.53
N LEU E 312 -16.54 -44.55 -2.57
CA LEU E 312 -17.06 -45.90 -2.67
C LEU E 312 -16.31 -46.80 -1.68
N MET E 313 -17.04 -47.37 -0.73
CA MET E 313 -16.42 -48.14 0.34
C MET E 313 -16.86 -49.60 0.22
N THR E 314 -16.02 -50.48 -0.35
CA THR E 314 -16.40 -51.89 -0.49
C THR E 314 -15.16 -52.73 -0.77
N SER E 315 -15.21 -53.98 -0.28
CA SER E 315 -14.20 -54.97 -0.61
C SER E 315 -14.53 -55.65 -1.95
N ASP E 316 -15.73 -55.43 -2.48
CA ASP E 316 -16.17 -56.09 -3.70
C ASP E 316 -15.56 -55.38 -4.93
N LEU E 317 -14.56 -56.01 -5.55
CA LEU E 317 -13.79 -55.40 -6.62
C LEU E 317 -14.60 -55.30 -7.92
N ASP E 318 -15.63 -56.15 -8.07
CA ASP E 318 -16.58 -55.99 -9.16
C ASP E 318 -17.29 -54.64 -9.04
N ARG E 319 -17.65 -54.24 -7.81
CA ARG E 319 -18.36 -53.00 -7.59
C ARG E 319 -17.44 -51.82 -7.97
N HIS E 320 -16.13 -51.94 -7.63
CA HIS E 320 -15.16 -50.93 -8.02
C HIS E 320 -15.12 -50.82 -9.54
N GLY E 321 -15.08 -51.98 -10.22
CA GLY E 321 -15.06 -52.03 -11.67
C GLY E 321 -16.26 -51.33 -12.33
N GLU E 322 -17.47 -51.59 -11.79
CA GLU E 322 -18.70 -51.04 -12.36
C GLU E 322 -18.74 -49.53 -12.18
N PHE E 323 -18.28 -49.06 -11.01
CA PHE E 323 -18.24 -47.64 -10.70
C PHE E 323 -17.35 -46.89 -11.71
N LEU E 324 -16.17 -47.46 -12.00
CA LEU E 324 -15.20 -46.83 -12.89
C LEU E 324 -15.72 -46.87 -14.33
N GLN E 325 -16.34 -48.00 -14.72
CA GLN E 325 -16.81 -48.18 -16.09
C GLN E 325 -17.90 -47.15 -16.41
N HIS E 326 -18.76 -46.87 -15.41
CA HIS E 326 -19.85 -45.92 -15.56
C HIS E 326 -19.27 -44.56 -15.95
N LEU E 327 -18.17 -44.19 -15.31
CA LEU E 327 -17.52 -42.91 -15.56
C LEU E 327 -16.93 -42.85 -16.97
N ILE E 328 -16.36 -43.96 -17.44
CA ILE E 328 -15.88 -44.04 -18.81
C ILE E 328 -17.06 -43.81 -19.76
N ASP E 329 -18.19 -44.46 -19.45
CA ASP E 329 -19.38 -44.42 -20.28
C ASP E 329 -19.94 -42.99 -20.40
N LEU E 330 -19.79 -42.18 -19.34
CA LEU E 330 -20.20 -40.78 -19.38
C LEU E 330 -19.33 -39.96 -20.34
N GLY E 331 -18.09 -40.43 -20.59
CA GLY E 331 -17.22 -39.84 -21.59
C GLY E 331 -15.88 -39.33 -21.04
N PHE E 332 -15.55 -39.68 -19.79
CA PHE E 332 -14.24 -39.36 -19.24
C PHE E 332 -13.18 -40.24 -19.92
N THR E 333 -12.07 -39.60 -20.32
CA THR E 333 -10.99 -40.25 -21.04
C THR E 333 -9.89 -40.74 -20.08
N GLU E 334 -9.92 -40.25 -18.83
CA GLU E 334 -8.98 -40.72 -17.82
C GLU E 334 -9.61 -40.65 -16.45
N ILE E 335 -9.27 -41.64 -15.60
CA ILE E 335 -9.75 -41.67 -14.24
C ILE E 335 -8.54 -41.86 -13.33
N TYR E 336 -8.43 -40.99 -12.32
CA TYR E 336 -7.41 -41.11 -11.31
C TYR E 336 -8.08 -41.58 -10.02
N VAL E 337 -7.60 -42.71 -9.48
CA VAL E 337 -8.22 -43.33 -8.33
C VAL E 337 -7.35 -43.12 -7.08
N HIS E 338 -7.99 -42.51 -6.07
CA HIS E 338 -7.41 -42.37 -4.73
C HIS E 338 -8.04 -43.40 -3.80
N ASN E 339 -7.25 -44.39 -3.39
CA ASN E 339 -7.66 -45.29 -2.33
C ASN E 339 -7.31 -44.64 -1.01
N VAL E 340 -8.30 -44.50 -0.12
CA VAL E 340 -8.13 -43.66 1.06
C VAL E 340 -7.39 -44.42 2.15
N GLY E 341 -7.36 -45.76 2.08
CA GLY E 341 -6.71 -46.54 3.13
C GLY E 341 -5.19 -46.50 3.02
N ARG E 342 -4.51 -46.87 4.10
CA ARG E 342 -3.05 -46.91 4.13
C ARG E 342 -2.51 -48.17 3.46
N ASN E 343 -3.42 -49.06 3.02
CA ASN E 343 -3.09 -50.32 2.36
C ASN E 343 -2.85 -50.08 0.86
N GLN E 344 -1.94 -49.16 0.52
CA GLN E 344 -1.75 -48.75 -0.87
C GLN E 344 -1.21 -49.91 -1.71
N GLU E 345 -0.21 -50.61 -1.17
CA GLU E 345 0.41 -51.69 -1.94
C GLU E 345 -0.64 -52.77 -2.24
N GLU E 346 -1.48 -53.10 -1.26
CA GLU E 346 -2.48 -54.16 -1.43
C GLU E 346 -3.57 -53.68 -2.41
N PHE E 347 -3.95 -52.39 -2.31
CA PHE E 347 -4.93 -51.80 -3.20
C PHE E 347 -4.44 -51.89 -4.64
N ILE E 348 -3.18 -51.51 -4.86
CA ILE E 348 -2.63 -51.45 -6.20
C ILE E 348 -2.64 -52.84 -6.83
N ARG E 349 -2.25 -53.87 -6.07
CA ARG E 349 -2.19 -55.24 -6.59
C ARG E 349 -3.59 -55.75 -6.89
N ALA E 350 -4.54 -55.45 -6.00
CA ALA E 350 -5.93 -55.88 -6.18
C ALA E 350 -6.53 -55.22 -7.44
N TYR E 351 -6.27 -53.93 -7.65
CA TYR E 351 -6.77 -53.25 -8.85
C TYR E 351 -6.10 -53.83 -10.10
N GLY E 352 -4.79 -54.07 -10.00
CA GLY E 352 -4.01 -54.52 -11.15
C GLY E 352 -4.54 -55.85 -11.69
N ARG E 353 -4.95 -56.70 -10.76
CA ARG E 353 -5.42 -58.05 -11.04
C ARG E 353 -6.90 -58.08 -11.41
N ALA E 354 -7.78 -57.40 -10.64
CA ALA E 354 -9.21 -57.63 -10.72
C ALA E 354 -9.98 -56.49 -11.36
N VAL E 355 -9.38 -55.30 -11.55
CA VAL E 355 -10.13 -54.15 -12.04
C VAL E 355 -9.62 -53.65 -13.39
N ILE E 356 -8.33 -53.26 -13.42
CA ILE E 356 -7.75 -52.59 -14.58
C ILE E 356 -7.94 -53.39 -15.86
N PRO E 357 -7.64 -54.73 -15.88
CA PRO E 357 -7.76 -55.51 -17.11
C PRO E 357 -9.16 -55.58 -17.71
N HIS E 358 -10.19 -55.21 -16.92
CA HIS E 358 -11.57 -55.42 -17.34
C HIS E 358 -12.24 -54.12 -17.77
N LEU E 359 -11.64 -52.96 -17.46
CA LEU E 359 -12.17 -51.70 -17.94
C LEU E 359 -12.15 -51.64 -19.47
N ARG E 360 -13.21 -51.11 -20.10
CA ARG E 360 -13.25 -50.96 -21.56
C ARG E 360 -13.25 -49.49 -21.93
N TRP E 361 -12.10 -48.99 -22.42
CA TRP E 361 -11.94 -47.62 -22.87
C TRP E 361 -12.34 -47.46 -24.33
N PRO E 362 -12.84 -46.29 -24.79
CA PRO E 362 -13.04 -46.07 -26.22
C PRO E 362 -11.69 -46.16 -26.91
N ALA E 363 -11.70 -46.65 -28.15
CA ALA E 363 -10.50 -47.00 -28.90
C ALA E 363 -9.56 -45.80 -29.09
N ASP E 364 -10.10 -44.59 -29.30
CA ASP E 364 -9.26 -43.47 -29.68
C ASP E 364 -9.32 -42.31 -28.67
N ALA E 365 -9.48 -42.63 -27.38
CA ALA E 365 -9.71 -41.61 -26.35
C ALA E 365 -8.48 -40.72 -26.16
N PRO E 366 -8.62 -39.37 -26.13
CA PRO E 366 -7.49 -38.48 -25.83
C PRO E 366 -6.96 -38.51 -24.40
N VAL E 367 -5.63 -38.65 -24.31
CA VAL E 367 -4.91 -38.69 -23.05
C VAL E 367 -4.14 -37.38 -22.88
N ALA E 368 -3.94 -36.93 -21.62
CA ALA E 368 -3.23 -35.69 -21.32
C ALA E 368 -1.74 -35.75 -21.70
N GLN E 369 -1.40 -35.02 -22.78
CA GLN E 369 -0.07 -34.84 -23.35
C GLN E 369 -0.12 -33.76 -24.45
N SER F 34 -32.40 -11.47 45.40
CA SER F 34 -33.36 -10.67 44.59
C SER F 34 -33.46 -11.28 43.18
N SER F 35 -34.70 -11.37 42.66
CA SER F 35 -35.08 -12.19 41.50
C SER F 35 -34.57 -11.59 40.17
N ARG F 36 -33.91 -12.36 39.29
CA ARG F 36 -33.43 -11.81 38.01
C ARG F 36 -32.84 -12.85 37.06
N LEU F 37 -32.68 -12.45 35.79
CA LEU F 37 -32.11 -13.29 34.74
C LEU F 37 -31.98 -12.45 33.48
N GLY F 38 -31.01 -12.80 32.62
CA GLY F 38 -30.78 -12.09 31.37
C GLY F 38 -31.50 -12.77 30.19
N TYR F 39 -31.95 -11.96 29.23
CA TYR F 39 -32.57 -12.44 28.01
C TYR F 39 -31.67 -12.13 26.81
N SER F 40 -31.40 -13.15 25.99
CA SER F 40 -30.60 -12.99 24.78
C SER F 40 -31.52 -12.69 23.60
N ALA F 41 -31.29 -11.51 22.99
CA ALA F 41 -32.04 -11.10 21.83
C ALA F 41 -31.28 -11.56 20.58
N SER F 42 -31.84 -12.57 19.90
CA SER F 42 -31.19 -13.23 18.78
C SER F 42 -31.53 -12.48 17.48
N PHE F 43 -30.65 -11.52 17.12
CA PHE F 43 -30.82 -10.72 15.91
C PHE F 43 -30.71 -11.60 14.67
N GLU F 44 -30.05 -12.75 14.80
CA GLU F 44 -29.88 -13.67 13.69
C GLU F 44 -31.22 -14.25 13.25
N GLN F 45 -32.16 -14.34 14.19
CA GLN F 45 -33.40 -15.08 13.98
C GLN F 45 -34.63 -14.19 13.88
N PHE F 46 -34.67 -13.08 14.65
CA PHE F 46 -35.93 -12.40 14.91
C PHE F 46 -35.91 -10.94 14.46
N HIS F 47 -37.02 -10.52 13.82
CA HIS F 47 -37.23 -9.14 13.41
C HIS F 47 -37.06 -8.25 14.63
N PRO F 48 -36.36 -7.11 14.49
CA PRO F 48 -36.12 -6.24 15.65
C PRO F 48 -37.39 -5.74 16.34
N SER F 49 -38.49 -5.59 15.59
CA SER F 49 -39.75 -5.21 16.19
C SER F 49 -40.24 -6.29 17.16
N ASP F 50 -40.09 -7.56 16.77
CA ASP F 50 -40.48 -8.67 17.62
C ASP F 50 -39.58 -8.70 18.84
N LEU F 51 -38.27 -8.48 18.67
CA LEU F 51 -37.33 -8.50 19.77
C LEU F 51 -37.68 -7.40 20.78
N LEU F 52 -38.08 -6.22 20.29
CA LEU F 52 -38.39 -5.10 21.16
C LEU F 52 -39.59 -5.46 22.03
N ARG F 53 -40.65 -5.97 21.38
CA ARG F 53 -41.88 -6.38 22.06
C ARG F 53 -41.56 -7.48 23.08
N TRP F 54 -40.75 -8.46 22.73
CA TRP F 54 -40.43 -9.56 23.64
C TRP F 54 -39.58 -9.10 24.81
N CYS F 55 -38.69 -8.13 24.62
CA CYS F 55 -37.90 -7.60 25.71
C CYS F 55 -38.81 -6.86 26.71
N GLN F 56 -39.82 -6.15 26.19
CA GLN F 56 -40.77 -5.43 27.04
C GLN F 56 -41.57 -6.44 27.88
N LEU F 57 -41.92 -7.58 27.27
CA LEU F 57 -42.61 -8.66 27.96
C LEU F 57 -41.67 -9.30 28.98
N ALA F 58 -40.41 -9.53 28.59
CA ALA F 58 -39.44 -10.15 29.49
C ALA F 58 -39.26 -9.30 30.76
N GLU F 59 -39.29 -7.99 30.59
CA GLU F 59 -39.22 -7.10 31.74
C GLU F 59 -40.39 -7.39 32.69
N GLN F 60 -41.61 -7.47 32.15
CA GLN F 60 -42.81 -7.74 32.94
C GLN F 60 -42.66 -9.11 33.64
N GLU F 61 -41.94 -10.06 33.04
CA GLU F 61 -41.89 -11.43 33.52
C GLU F 61 -40.67 -11.70 34.40
N GLY F 62 -39.87 -10.68 34.74
CA GLY F 62 -38.84 -10.83 35.76
C GLY F 62 -37.40 -10.82 35.25
N PHE F 63 -37.21 -10.79 33.92
CA PHE F 63 -35.88 -10.64 33.37
C PHE F 63 -35.44 -9.20 33.66
N ASP F 64 -34.14 -8.99 33.90
CA ASP F 64 -33.64 -7.68 34.29
C ASP F 64 -32.62 -7.08 33.29
N SER F 65 -32.24 -7.80 32.23
CA SER F 65 -31.18 -7.34 31.34
C SER F 65 -31.25 -8.05 30.00
N VAL F 66 -30.62 -7.45 28.99
CA VAL F 66 -30.66 -7.96 27.63
C VAL F 66 -29.25 -8.00 27.07
N LEU F 67 -28.94 -9.09 26.37
CA LEU F 67 -27.72 -9.22 25.57
C LEU F 67 -28.14 -9.23 24.12
N ALA F 68 -27.55 -8.30 23.33
CA ALA F 68 -27.92 -8.15 21.94
C ALA F 68 -26.73 -8.41 21.03
N ALA F 69 -26.96 -9.36 20.13
CA ALA F 69 -26.01 -9.74 19.12
C ALA F 69 -25.76 -8.56 18.19
N ASP F 70 -24.48 -8.33 17.87
CA ASP F 70 -24.10 -7.35 16.87
C ASP F 70 -23.71 -8.08 15.59
N HIS F 71 -24.69 -8.40 14.74
CA HIS F 71 -24.43 -9.12 13.52
C HIS F 71 -24.78 -8.28 12.31
N PHE F 72 -24.19 -8.67 11.16
CA PHE F 72 -24.61 -8.20 9.86
C PHE F 72 -25.35 -9.32 9.14
N HIS F 73 -24.92 -10.57 9.38
CA HIS F 73 -25.56 -11.74 8.77
C HIS F 73 -26.01 -12.74 9.84
N PRO F 74 -27.08 -13.50 9.54
CA PRO F 74 -27.44 -14.68 10.34
C PRO F 74 -26.47 -15.80 10.03
N TRP F 75 -26.40 -16.81 10.91
CA TRP F 75 -25.60 -17.99 10.65
C TRP F 75 -26.16 -18.75 9.44
N THR F 76 -27.50 -18.83 9.33
CA THR F 76 -28.12 -19.55 8.21
C THR F 76 -29.23 -18.71 7.60
N PRO F 77 -29.61 -18.92 6.32
CA PRO F 77 -30.77 -18.21 5.75
C PRO F 77 -32.06 -18.51 6.52
N GLU F 78 -32.18 -19.74 7.06
CA GLU F 78 -33.38 -20.14 7.75
C GLU F 78 -33.57 -19.31 9.02
N GLN F 79 -32.48 -18.80 9.61
CA GLN F 79 -32.61 -17.90 10.76
C GLN F 79 -33.20 -16.58 10.28
N GLY F 80 -32.57 -15.97 9.26
CA GLY F 80 -33.27 -15.09 8.35
C GLY F 80 -33.31 -13.62 8.74
N GLN F 81 -32.52 -13.17 9.75
CA GLN F 81 -32.52 -11.76 10.13
C GLN F 81 -31.12 -11.28 10.51
N SER F 82 -30.95 -9.93 10.59
CA SER F 82 -29.82 -9.28 11.24
C SER F 82 -30.01 -7.76 11.26
N GLY F 83 -30.78 -7.27 12.22
CA GLY F 83 -30.93 -5.85 12.47
C GLY F 83 -29.66 -5.23 13.02
N PHE F 84 -29.53 -3.92 12.76
CA PHE F 84 -28.42 -3.11 13.23
C PHE F 84 -28.65 -2.80 14.71
N VAL F 85 -27.83 -3.43 15.56
CA VAL F 85 -28.10 -3.48 16.99
C VAL F 85 -28.12 -2.07 17.59
N TRP F 86 -27.28 -1.17 17.08
CA TRP F 86 -27.07 0.11 17.76
C TRP F 86 -28.34 0.96 17.72
N ALA F 87 -29.08 0.91 16.62
CA ALA F 87 -30.35 1.62 16.51
C ALA F 87 -31.38 0.99 17.45
N TRP F 88 -31.45 -0.34 17.46
CA TRP F 88 -32.43 -1.04 18.27
C TRP F 88 -32.20 -0.74 19.76
N LEU F 89 -30.93 -0.61 20.18
CA LEU F 89 -30.64 -0.40 21.59
C LEU F 89 -31.23 0.93 22.09
N GLY F 90 -31.29 1.94 21.23
CA GLY F 90 -31.95 3.18 21.58
C GLY F 90 -33.44 2.99 21.87
N ALA F 91 -34.12 2.15 21.08
CA ALA F 91 -35.54 1.86 21.28
C ALA F 91 -35.73 1.10 22.59
N LEU F 92 -34.84 0.13 22.85
CA LEU F 92 -34.91 -0.66 24.06
C LEU F 92 -34.76 0.25 25.28
N GLY F 93 -33.73 1.11 25.21
CA GLY F 93 -33.40 2.00 26.31
C GLY F 93 -34.57 2.92 26.64
N ALA F 94 -35.26 3.40 25.61
CA ALA F 94 -36.32 4.39 25.77
C ALA F 94 -37.64 3.75 26.18
N THR F 95 -37.80 2.43 26.05
CA THR F 95 -39.11 1.82 26.30
C THR F 95 -39.05 0.81 27.44
N THR F 96 -37.91 0.61 28.10
CA THR F 96 -37.83 -0.29 29.24
C THR F 96 -36.89 0.33 30.29
N ARG F 97 -36.74 -0.34 31.44
CA ARG F 97 -35.75 0.02 32.45
C ARG F 97 -34.64 -1.02 32.56
N LEU F 98 -34.62 -1.97 31.60
CA LEU F 98 -33.66 -3.06 31.53
C LEU F 98 -32.24 -2.52 31.39
N ARG F 99 -31.28 -3.25 31.96
CA ARG F 99 -29.89 -3.12 31.56
C ARG F 99 -29.72 -3.83 30.22
N PHE F 100 -28.73 -3.40 29.44
CA PHE F 100 -28.52 -4.01 28.14
C PHE F 100 -27.07 -3.81 27.69
N GLY F 101 -26.63 -4.72 26.81
CA GLY F 101 -25.26 -4.73 26.33
C GLY F 101 -25.15 -5.41 24.97
N THR F 102 -24.09 -5.04 24.24
CA THR F 102 -23.72 -5.71 23.02
C THR F 102 -23.02 -7.01 23.40
N GLY F 103 -23.39 -8.10 22.72
CA GLY F 103 -22.76 -9.39 22.98
C GLY F 103 -22.44 -10.15 21.70
N VAL F 104 -21.41 -9.77 20.94
CA VAL F 104 -20.53 -8.64 21.24
C VAL F 104 -20.25 -7.86 19.95
N THR F 105 -19.71 -6.64 20.10
CA THR F 105 -19.30 -5.82 18.98
C THR F 105 -17.80 -6.03 18.77
N PRO F 106 -17.33 -6.27 17.53
CA PRO F 106 -15.90 -6.26 17.24
C PRO F 106 -15.40 -4.89 16.81
N PRO F 107 -14.67 -4.16 17.70
CA PRO F 107 -14.27 -2.79 17.41
C PRO F 107 -12.91 -2.72 16.74
N ILE F 108 -12.66 -3.61 15.79
CA ILE F 108 -11.30 -3.83 15.31
C ILE F 108 -11.17 -3.40 13.84
N GLY F 109 -12.11 -2.61 13.36
CA GLY F 109 -11.88 -1.80 12.18
C GLY F 109 -12.38 -2.44 10.89
N PHE F 110 -13.30 -3.41 10.95
CA PHE F 110 -13.90 -3.97 9.75
C PHE F 110 -15.25 -3.27 9.57
N ARG F 111 -16.31 -3.79 10.17
CA ARG F 111 -17.58 -3.09 10.17
C ARG F 111 -17.47 -1.80 10.99
N TYR F 112 -16.66 -1.83 12.06
CA TYR F 112 -16.68 -0.75 13.02
C TYR F 112 -15.28 -0.31 13.41
N HIS F 113 -15.02 0.99 13.25
CA HIS F 113 -13.81 1.60 13.76
C HIS F 113 -13.96 1.75 15.27
N PRO F 114 -12.89 1.51 16.07
CA PRO F 114 -13.01 1.63 17.52
C PRO F 114 -13.51 2.96 18.05
N ALA F 115 -13.20 4.05 17.36
CA ALA F 115 -13.62 5.37 17.84
C ALA F 115 -15.14 5.51 17.74
N ILE F 116 -15.75 4.89 16.72
CA ILE F 116 -17.18 4.97 16.53
C ILE F 116 -17.87 4.11 17.59
N VAL F 117 -17.31 2.95 17.91
CA VAL F 117 -17.88 2.14 18.97
C VAL F 117 -17.83 2.91 20.29
N ALA F 118 -16.70 3.59 20.55
CA ALA F 118 -16.58 4.36 21.77
C ALA F 118 -17.68 5.40 21.87
N GLN F 119 -17.93 6.13 20.77
CA GLN F 119 -18.93 7.20 20.74
C GLN F 119 -20.32 6.62 20.98
N ALA F 120 -20.62 5.51 20.29
CA ALA F 120 -21.90 4.84 20.41
C ALA F 120 -22.14 4.42 21.86
N ALA F 121 -21.11 3.85 22.50
CA ALA F 121 -21.21 3.38 23.87
C ALA F 121 -21.45 4.55 24.80
N ALA F 122 -20.68 5.63 24.61
CA ALA F 122 -20.78 6.79 25.48
C ALA F 122 -22.17 7.41 25.36
N THR F 123 -22.73 7.41 24.14
CA THR F 123 -24.03 8.02 23.92
C THR F 123 -25.13 7.19 24.60
N LEU F 124 -25.08 5.87 24.49
CA LEU F 124 -26.09 5.02 25.13
C LEU F 124 -26.01 5.21 26.64
N GLU F 125 -24.79 5.21 27.20
CA GLU F 125 -24.66 5.39 28.64
C GLU F 125 -25.16 6.77 29.06
N ALA F 126 -24.90 7.79 28.26
CA ALA F 126 -25.32 9.15 28.58
C ALA F 126 -26.85 9.28 28.55
N MET F 127 -27.49 8.61 27.58
CA MET F 127 -28.94 8.63 27.45
C MET F 127 -29.61 7.73 28.51
N PHE F 128 -28.94 6.62 28.89
CA PHE F 128 -29.50 5.63 29.80
C PHE F 128 -28.50 5.30 30.91
N PRO F 129 -28.22 6.25 31.83
CA PRO F 129 -27.15 6.10 32.80
C PRO F 129 -27.33 4.84 33.66
N GLY F 130 -26.23 4.10 33.83
CA GLY F 130 -26.18 2.92 34.66
C GLY F 130 -26.74 1.68 33.98
N ARG F 131 -27.09 1.76 32.69
CA ARG F 131 -27.88 0.70 32.07
C ARG F 131 -27.12 0.00 30.95
N PHE F 132 -26.08 0.60 30.39
CA PHE F 132 -25.40 0.03 29.24
C PHE F 132 -24.07 -0.59 29.67
N TRP F 133 -23.76 -1.76 29.08
CA TRP F 133 -22.42 -2.33 29.15
C TRP F 133 -21.92 -2.65 27.75
N LEU F 134 -20.68 -2.24 27.47
CA LEU F 134 -20.08 -2.40 26.14
C LEU F 134 -19.42 -3.77 26.07
N GLY F 135 -20.08 -4.73 25.40
CA GLY F 135 -19.49 -6.03 25.20
C GLY F 135 -18.73 -6.04 23.87
N ILE F 136 -17.45 -6.44 23.89
CA ILE F 136 -16.59 -6.44 22.71
C ILE F 136 -15.92 -7.80 22.52
N GLY F 137 -15.52 -8.08 21.28
CA GLY F 137 -14.76 -9.28 20.96
C GLY F 137 -14.04 -9.20 19.63
N ALA F 138 -13.47 -10.35 19.23
CA ALA F 138 -12.49 -10.44 18.16
C ALA F 138 -13.17 -10.64 16.80
N GLY F 139 -14.48 -10.89 16.80
CA GLY F 139 -15.29 -10.90 15.59
C GLY F 139 -15.29 -12.24 14.86
N GLU F 140 -16.23 -12.32 13.92
CA GLU F 140 -16.44 -13.49 13.07
C GLU F 140 -16.43 -13.03 11.62
N ALA F 141 -15.82 -13.83 10.74
CA ALA F 141 -15.80 -13.52 9.33
C ALA F 141 -17.22 -13.40 8.77
N LEU F 142 -18.17 -14.16 9.31
CA LEU F 142 -19.55 -14.12 8.88
C LEU F 142 -20.03 -12.68 8.72
N ASN F 143 -19.62 -11.83 9.69
CA ASN F 143 -20.02 -10.42 9.72
C ASN F 143 -18.96 -9.50 9.12
N GLU F 144 -17.67 -9.73 9.40
CA GLU F 144 -16.63 -8.78 9.06
C GLU F 144 -16.17 -8.91 7.61
N HIS F 145 -16.43 -10.05 6.93
CA HIS F 145 -15.85 -10.30 5.63
C HIS F 145 -16.45 -9.37 4.58
N ILE F 146 -17.58 -8.74 4.91
CA ILE F 146 -18.31 -7.98 3.90
C ILE F 146 -17.46 -6.81 3.37
N VAL F 147 -16.49 -6.31 4.15
CA VAL F 147 -15.73 -5.14 3.75
C VAL F 147 -14.51 -5.55 2.92
N GLY F 148 -14.28 -6.84 2.71
CA GLY F 148 -13.31 -7.33 1.74
C GLY F 148 -11.85 -7.10 2.14
N ARG F 149 -11.51 -7.34 3.41
CA ARG F 149 -10.17 -7.12 3.91
C ARG F 149 -9.54 -8.41 4.42
N TYR F 150 -8.21 -8.37 4.56
CA TYR F 150 -7.45 -9.47 5.12
C TYR F 150 -8.05 -9.83 6.46
N TRP F 151 -8.35 -11.11 6.67
CA TRP F 151 -8.87 -11.63 7.92
C TRP F 151 -7.77 -12.32 8.74
N PRO F 152 -7.21 -11.66 9.78
CA PRO F 152 -6.12 -12.25 10.55
C PRO F 152 -6.57 -13.49 11.32
N GLU F 153 -5.59 -14.32 11.69
CA GLU F 153 -5.83 -15.45 12.55
C GLU F 153 -6.32 -14.95 13.91
N PRO F 154 -7.05 -15.78 14.69
CA PRO F 154 -7.54 -15.38 16.02
C PRO F 154 -6.52 -14.71 16.93
N ALA F 155 -5.29 -15.25 17.02
CA ALA F 155 -4.32 -14.67 17.92
C ALA F 155 -4.00 -13.22 17.52
N GLU F 156 -3.98 -12.94 16.21
CA GLU F 156 -3.71 -11.60 15.76
C GLU F 156 -4.92 -10.71 16.03
N ARG F 157 -6.14 -11.22 15.81
CA ARG F 157 -7.32 -10.43 16.10
C ARG F 157 -7.38 -10.07 17.59
N ILE F 158 -6.87 -10.92 18.48
CA ILE F 158 -6.75 -10.59 19.90
C ILE F 158 -5.85 -9.37 20.08
N ARG F 159 -4.71 -9.34 19.38
CA ARG F 159 -3.84 -8.16 19.45
C ARG F 159 -4.56 -6.91 18.95
N MET F 160 -5.40 -7.08 17.92
CA MET F 160 -6.17 -5.95 17.42
C MET F 160 -7.17 -5.48 18.48
N LEU F 161 -7.82 -6.43 19.15
CA LEU F 161 -8.81 -6.12 20.18
C LEU F 161 -8.17 -5.36 21.34
N ILE F 162 -6.94 -5.76 21.71
CA ILE F 162 -6.23 -5.12 22.79
C ILE F 162 -5.92 -3.68 22.42
N GLU F 163 -5.55 -3.42 21.16
CA GLU F 163 -5.27 -2.07 20.73
C GLU F 163 -6.57 -1.26 20.68
N ALA F 164 -7.67 -1.88 20.26
CA ALA F 164 -8.95 -1.21 20.23
C ALA F 164 -9.39 -0.79 21.64
N ILE F 165 -9.13 -1.62 22.65
CA ILE F 165 -9.42 -1.29 24.04
C ILE F 165 -8.65 -0.05 24.43
N GLU F 166 -7.41 0.09 23.98
CA GLU F 166 -6.59 1.24 24.29
C GLU F 166 -7.24 2.52 23.68
N VAL F 167 -7.73 2.41 22.45
CA VAL F 167 -8.39 3.52 21.80
C VAL F 167 -9.66 3.91 22.56
N ILE F 168 -10.48 2.90 22.91
CA ILE F 168 -11.75 3.16 23.55
C ILE F 168 -11.51 3.83 24.90
N GLN F 169 -10.50 3.36 25.63
CA GLN F 169 -10.21 3.89 26.95
C GLN F 169 -9.67 5.30 26.89
N LYS F 170 -8.86 5.60 25.88
CA LYS F 170 -8.40 6.97 25.69
C LYS F 170 -9.60 7.89 25.48
N LEU F 171 -10.52 7.51 24.59
CA LEU F 171 -11.68 8.33 24.31
C LEU F 171 -12.58 8.46 25.54
N PHE F 172 -12.63 7.41 26.36
CA PHE F 172 -13.46 7.41 27.55
C PHE F 172 -12.90 8.35 28.62
N THR F 173 -11.67 8.87 28.48
CA THR F 173 -11.16 9.89 29.41
C THR F 173 -11.91 11.19 29.22
N GLY F 174 -12.58 11.33 28.07
CA GLY F 174 -13.37 12.51 27.79
C GLY F 174 -12.51 13.71 27.40
N LYS F 175 -11.22 13.53 27.15
CA LYS F 175 -10.35 14.60 26.72
C LYS F 175 -9.96 14.40 25.25
N VAL F 176 -9.32 15.41 24.65
CA VAL F 176 -8.71 15.31 23.33
C VAL F 176 -7.55 14.34 23.42
N ILE F 177 -7.60 13.29 22.60
CA ILE F 177 -6.56 12.27 22.54
C ILE F 177 -6.16 12.06 21.08
N ARG F 178 -5.00 11.43 20.91
CA ARG F 178 -4.42 10.96 19.67
C ARG F 178 -3.95 9.52 19.91
N HIS F 179 -3.90 8.72 18.85
CA HIS F 179 -3.42 7.37 18.96
C HIS F 179 -2.74 6.96 17.66
N GLU F 180 -1.60 6.30 17.78
CA GLU F 180 -1.02 5.60 16.65
C GLU F 180 -0.43 4.27 17.12
N GLY F 181 -0.96 3.16 16.64
CA GLY F 181 -0.39 1.86 16.97
C GLY F 181 -0.25 1.00 15.72
N VAL F 182 -0.08 -0.31 15.91
CA VAL F 182 0.11 -1.19 14.77
C VAL F 182 -1.14 -1.14 13.90
N TYR F 183 -2.35 -1.12 14.48
CA TYR F 183 -3.58 -1.36 13.75
C TYR F 183 -4.41 -0.09 13.55
N PHE F 184 -4.32 0.89 14.44
CA PHE F 184 -5.27 1.99 14.42
C PHE F 184 -4.52 3.31 14.50
N LYS F 185 -5.09 4.30 13.81
CA LYS F 185 -4.61 5.67 13.85
C LYS F 185 -5.82 6.51 14.22
N VAL F 186 -5.66 7.34 15.26
CA VAL F 186 -6.72 8.26 15.62
C VAL F 186 -6.11 9.66 15.70
N GLU F 187 -6.59 10.58 14.86
CA GLU F 187 -6.22 11.98 14.93
C GLU F 187 -6.96 12.64 16.08
N SER F 188 -6.51 13.84 16.48
CA SER F 188 -7.12 14.56 17.58
C SER F 188 -8.62 14.30 17.63
N ALA F 189 -9.06 13.66 18.72
CA ALA F 189 -10.44 13.25 18.88
C ALA F 189 -10.85 13.35 20.34
N LYS F 190 -12.10 13.78 20.57
CA LYS F 190 -12.68 13.87 21.90
C LYS F 190 -14.16 13.48 21.85
N LEU F 191 -14.58 12.68 22.85
CA LEU F 191 -16.01 12.46 23.06
C LEU F 191 -16.56 13.59 23.93
N TYR F 192 -17.25 14.55 23.28
CA TYR F 192 -17.89 15.63 24.00
C TYR F 192 -19.15 15.16 24.75
N THR F 193 -19.90 14.20 24.18
CA THR F 193 -21.03 13.60 24.85
C THR F 193 -20.52 12.35 25.57
N MET F 194 -20.26 12.50 26.86
CA MET F 194 -19.55 11.52 27.66
C MET F 194 -20.20 11.49 29.03
N PRO F 195 -20.76 10.38 29.56
CA PRO F 195 -21.28 10.39 30.94
C PRO F 195 -20.14 10.54 31.94
N ASP F 196 -20.47 10.96 33.17
CA ASP F 196 -19.47 11.16 34.22
C ASP F 196 -18.71 9.88 34.48
N VAL F 197 -19.44 8.77 34.47
CA VAL F 197 -18.85 7.45 34.65
C VAL F 197 -18.98 6.68 33.35
N PRO F 198 -17.86 6.19 32.76
CA PRO F 198 -17.96 5.44 31.51
C PRO F 198 -18.73 4.14 31.71
N PRO F 199 -19.36 3.59 30.65
CA PRO F 199 -19.99 2.28 30.75
C PRO F 199 -18.85 1.29 30.93
N PRO F 200 -19.11 0.13 31.57
CA PRO F 200 -18.09 -0.91 31.68
C PRO F 200 -17.79 -1.52 30.32
N ILE F 201 -16.53 -1.90 30.15
CA ILE F 201 -16.10 -2.67 28.99
C ILE F 201 -16.00 -4.13 29.39
N ILE F 202 -16.80 -4.96 28.71
CA ILE F 202 -16.88 -6.39 28.93
C ILE F 202 -16.33 -7.10 27.69
N VAL F 203 -15.37 -8.02 27.86
CA VAL F 203 -14.82 -8.79 26.76
C VAL F 203 -15.51 -10.15 26.68
N GLY F 204 -16.12 -10.43 25.54
CA GLY F 204 -16.62 -11.76 25.23
C GLY F 204 -15.54 -12.62 24.59
N THR F 205 -15.14 -13.71 25.26
CA THR F 205 -14.04 -14.56 24.81
C THR F 205 -14.16 -15.91 25.49
N ALA F 206 -13.68 -16.95 24.77
CA ALA F 206 -13.51 -18.27 25.35
C ALA F 206 -12.01 -18.61 25.44
N GLY F 207 -11.14 -17.65 25.15
CA GLY F 207 -9.70 -17.88 25.14
C GLY F 207 -9.07 -17.59 26.50
N PRO F 208 -8.36 -18.56 27.13
CA PRO F 208 -7.67 -18.31 28.40
C PRO F 208 -6.76 -17.09 28.43
N TYR F 209 -6.05 -16.85 27.34
CA TYR F 209 -5.14 -15.71 27.28
C TYR F 209 -5.94 -14.41 27.34
N MET F 210 -6.97 -14.27 26.50
CA MET F 210 -7.73 -13.01 26.46
C MET F 210 -8.54 -12.83 27.73
N ALA F 211 -8.96 -13.95 28.36
CA ALA F 211 -9.71 -13.84 29.60
C ALA F 211 -8.86 -13.19 30.67
N LYS F 212 -7.56 -13.51 30.70
CA LYS F 212 -6.63 -12.91 31.64
C LYS F 212 -6.44 -11.42 31.31
N LYS F 213 -6.30 -11.11 30.01
CA LYS F 213 -6.15 -9.73 29.57
C LYS F 213 -7.36 -8.90 29.94
N THR F 214 -8.54 -9.53 29.89
CA THR F 214 -9.80 -8.90 30.22
C THR F 214 -9.80 -8.45 31.69
N GLY F 215 -9.35 -9.33 32.58
CA GLY F 215 -9.25 -8.99 33.99
C GLY F 215 -8.29 -7.82 34.20
N GLN F 216 -7.23 -7.82 33.40
CA GLN F 216 -6.20 -6.81 33.56
C GLN F 216 -6.63 -5.45 33.00
N LEU F 217 -7.29 -5.45 31.84
CA LEU F 217 -7.49 -4.23 31.05
C LEU F 217 -8.92 -3.71 31.12
N CYS F 218 -9.90 -4.56 31.41
CA CYS F 218 -11.29 -4.19 31.24
C CYS F 218 -12.05 -4.39 32.56
N ASP F 219 -13.38 -4.41 32.47
CA ASP F 219 -14.20 -4.31 33.68
C ASP F 219 -14.89 -5.63 34.00
N GLY F 220 -15.02 -6.56 33.03
CA GLY F 220 -15.66 -7.84 33.31
C GLY F 220 -15.62 -8.78 32.11
N LEU F 221 -16.03 -10.04 32.32
CA LEU F 221 -15.91 -11.09 31.31
C LEU F 221 -17.28 -11.58 30.86
N LEU F 222 -17.41 -11.90 29.57
CA LEU F 222 -18.55 -12.64 29.05
C LEU F 222 -18.03 -13.87 28.31
N THR F 223 -18.58 -15.05 28.58
CA THR F 223 -18.09 -16.26 27.94
C THR F 223 -19.30 -17.13 27.56
N PRO F 224 -19.17 -18.02 26.55
CA PRO F 224 -20.27 -18.91 26.18
C PRO F 224 -20.33 -20.11 27.12
N GLY F 225 -21.43 -20.84 27.02
CA GLY F 225 -21.60 -22.09 27.75
C GLY F 225 -20.49 -23.03 27.33
N ALA F 226 -19.91 -23.73 28.31
CA ALA F 226 -18.86 -24.69 28.07
C ALA F 226 -18.86 -25.66 29.26
N ASN F 227 -18.00 -26.68 29.24
CA ASN F 227 -17.94 -27.61 30.35
C ASN F 227 -17.31 -26.90 31.55
N ASP F 228 -17.44 -27.53 32.72
CA ASP F 228 -17.04 -26.95 33.99
C ASP F 228 -15.54 -26.65 34.01
N GLU F 229 -14.73 -27.50 33.39
CA GLU F 229 -13.29 -27.34 33.45
C GLU F 229 -12.87 -26.08 32.69
N LYS F 230 -13.46 -25.85 31.52
CA LYS F 230 -13.14 -24.66 30.73
C LYS F 230 -13.64 -23.38 31.41
N LEU F 231 -14.87 -23.42 31.92
CA LEU F 231 -15.47 -22.28 32.61
C LEU F 231 -14.61 -21.91 33.82
N ARG F 232 -14.19 -22.91 34.60
CA ARG F 232 -13.34 -22.65 35.76
C ARG F 232 -12.01 -22.03 35.36
N LEU F 233 -11.43 -22.47 34.24
CA LEU F 233 -10.14 -21.97 33.79
C LEU F 233 -10.26 -20.49 33.41
N LEU F 234 -11.31 -20.16 32.65
CA LEU F 234 -11.52 -18.79 32.20
C LEU F 234 -11.76 -17.86 33.40
N LEU F 235 -12.54 -18.32 34.40
CA LEU F 235 -12.81 -17.54 35.60
C LEU F 235 -11.49 -17.31 36.34
N SER F 236 -10.70 -18.37 36.46
CA SER F 236 -9.42 -18.33 37.16
C SER F 236 -8.44 -17.37 36.49
N ARG F 237 -8.39 -17.39 35.16
CA ARG F 237 -7.53 -16.50 34.40
C ARG F 237 -7.92 -15.04 34.56
N PHE F 238 -9.23 -14.77 34.44
CA PHE F 238 -9.78 -13.45 34.64
C PHE F 238 -9.40 -12.89 36.01
N GLU F 239 -9.57 -13.71 37.07
CA GLU F 239 -9.18 -13.33 38.43
C GLU F 239 -7.69 -13.00 38.54
N GLU F 240 -6.85 -13.88 37.99
CA GLU F 240 -5.40 -13.68 37.99
C GLU F 240 -5.04 -12.34 37.35
N GLY F 241 -5.66 -12.05 36.21
CA GLY F 241 -5.40 -10.82 35.48
C GLY F 241 -5.77 -9.57 36.28
N ALA F 242 -6.97 -9.62 36.87
CA ALA F 242 -7.47 -8.54 37.71
C ALA F 242 -6.53 -8.28 38.88
N ARG F 243 -6.19 -9.35 39.62
CA ARG F 243 -5.42 -9.21 40.84
C ARG F 243 -4.02 -8.66 40.56
N ALA F 244 -3.41 -9.11 39.47
CA ALA F 244 -2.08 -8.65 39.08
C ALA F 244 -2.12 -7.16 38.69
N ALA F 245 -3.30 -6.67 38.27
CA ALA F 245 -3.48 -5.27 37.94
C ALA F 245 -3.99 -4.46 39.15
N GLY F 246 -4.04 -5.08 40.33
CA GLY F 246 -4.43 -4.37 41.54
C GLY F 246 -5.96 -4.28 41.74
N LYS F 247 -6.76 -5.03 40.99
CA LYS F 247 -8.22 -4.95 41.04
C LYS F 247 -8.78 -6.10 41.89
N ASP F 248 -10.02 -5.94 42.35
CA ASP F 248 -10.71 -6.98 43.11
C ASP F 248 -11.73 -7.67 42.20
N PRO F 249 -11.47 -8.92 41.74
CA PRO F 249 -12.35 -9.59 40.77
C PRO F 249 -13.72 -10.03 41.28
N ARG F 250 -13.85 -10.09 42.62
CA ARG F 250 -15.12 -10.45 43.24
C ARG F 250 -16.14 -9.31 43.08
N ARG F 251 -15.68 -8.12 42.70
CA ARG F 251 -16.59 -7.02 42.44
C ARG F 251 -16.71 -6.73 40.94
N MET F 252 -16.22 -7.62 40.07
CA MET F 252 -16.30 -7.41 38.63
C MET F 252 -17.24 -8.44 38.00
N PRO F 253 -18.10 -8.03 37.07
CA PRO F 253 -19.01 -8.96 36.41
C PRO F 253 -18.34 -10.16 35.74
N ARG F 254 -18.90 -11.35 35.98
CA ARG F 254 -18.53 -12.58 35.30
C ARG F 254 -19.82 -13.15 34.69
N MET F 255 -19.94 -12.99 33.37
CA MET F 255 -21.20 -13.21 32.70
C MET F 255 -21.06 -14.41 31.78
N ILE F 256 -22.15 -15.14 31.59
CA ILE F 256 -22.15 -16.28 30.69
C ILE F 256 -23.41 -16.22 29.82
N GLN F 257 -23.22 -16.62 28.57
CA GLN F 257 -24.32 -16.67 27.62
C GLN F 257 -24.55 -18.12 27.24
N VAL F 258 -25.78 -18.60 27.44
CA VAL F 258 -26.10 -20.00 27.20
C VAL F 258 -27.27 -20.10 26.23
N HIS F 259 -27.38 -21.29 25.64
CA HIS F 259 -28.40 -21.59 24.66
C HIS F 259 -29.24 -22.75 25.20
N VAL F 260 -30.56 -22.62 25.12
CA VAL F 260 -31.47 -23.67 25.54
C VAL F 260 -32.54 -23.83 24.47
N SER F 261 -33.27 -24.94 24.54
CA SER F 261 -34.48 -25.10 23.76
C SER F 261 -35.58 -25.57 24.70
N TRP F 262 -36.53 -24.69 25.02
CA TRP F 262 -37.73 -25.07 25.74
C TRP F 262 -38.88 -25.14 24.75
N ALA F 263 -39.72 -26.17 24.90
CA ALA F 263 -40.94 -26.31 24.14
C ALA F 263 -41.90 -27.20 24.93
N GLU F 264 -43.04 -27.50 24.31
CA GLU F 264 -44.09 -28.20 25.04
C GLU F 264 -43.67 -29.65 25.27
N THR F 265 -42.94 -30.24 24.31
CA THR F 265 -42.41 -31.60 24.44
C THR F 265 -40.90 -31.58 24.18
N ASP F 266 -40.21 -32.61 24.67
CA ASP F 266 -38.79 -32.80 24.37
C ASP F 266 -38.59 -32.93 22.87
N GLU F 267 -39.46 -33.70 22.18
CA GLU F 267 -39.34 -33.90 20.75
C GLU F 267 -39.33 -32.55 20.03
N GLN F 268 -40.25 -31.65 20.43
CA GLN F 268 -40.36 -30.36 19.77
C GLN F 268 -39.12 -29.51 20.08
N ALA F 269 -38.57 -29.65 21.29
CA ALA F 269 -37.41 -28.87 21.71
C ALA F 269 -36.18 -29.22 20.86
N ILE F 270 -36.01 -30.52 20.59
CA ILE F 270 -34.92 -31.06 19.78
C ILE F 270 -35.09 -30.59 18.34
N GLU F 271 -36.29 -30.73 17.79
CA GLU F 271 -36.57 -30.34 16.42
C GLU F 271 -36.27 -28.84 16.22
N ASN F 272 -36.60 -28.01 17.23
CA ASN F 272 -36.35 -26.58 17.15
C ASN F 272 -34.86 -26.29 17.10
N ALA F 273 -34.07 -26.98 17.96
CA ALA F 273 -32.63 -26.79 17.98
C ALA F 273 -32.02 -27.14 16.62
N LEU F 274 -32.43 -28.26 16.01
CA LEU F 274 -31.91 -28.69 14.72
C LEU F 274 -32.26 -27.67 13.64
N ARG F 275 -33.51 -27.20 13.62
CA ARG F 275 -33.96 -26.35 12.52
C ARG F 275 -33.43 -24.93 12.69
N GLU F 276 -33.35 -24.42 13.92
CA GLU F 276 -33.13 -23.01 14.19
C GLU F 276 -31.67 -22.68 14.50
N TRP F 277 -30.95 -23.62 15.14
CA TRP F 277 -29.64 -23.30 15.69
C TRP F 277 -28.65 -24.45 15.48
N PRO F 278 -28.51 -24.97 14.23
CA PRO F 278 -27.58 -26.07 13.98
C PRO F 278 -26.14 -25.67 14.28
N ASN F 279 -25.85 -24.37 14.21
CA ASN F 279 -24.53 -23.85 14.53
C ASN F 279 -24.16 -24.15 15.97
N GLY F 280 -25.18 -24.29 16.83
CA GLY F 280 -24.99 -24.68 18.22
C GLY F 280 -24.37 -26.07 18.34
N GLY F 281 -24.54 -26.91 17.31
CA GLY F 281 -24.06 -28.28 17.32
C GLY F 281 -22.74 -28.43 16.56
N MET F 282 -22.07 -27.31 16.30
CA MET F 282 -20.82 -27.30 15.56
C MET F 282 -19.67 -26.99 16.51
N ALA F 283 -19.11 -28.03 17.11
CA ALA F 283 -18.04 -27.94 18.10
C ALA F 283 -16.68 -27.78 17.42
N PHE F 284 -16.50 -26.67 16.72
CA PHE F 284 -15.28 -26.46 15.97
C PHE F 284 -15.16 -24.97 15.68
N PRO F 285 -13.95 -24.46 15.37
CA PRO F 285 -13.76 -23.02 15.15
C PRO F 285 -14.58 -22.55 13.95
N LYS F 286 -15.40 -21.51 14.16
CA LYS F 286 -16.31 -21.02 13.12
C LYS F 286 -15.95 -19.61 12.64
N GLY F 287 -14.90 -18.99 13.18
CA GLY F 287 -14.64 -17.58 12.91
C GLY F 287 -14.12 -17.25 11.49
N ASP F 288 -13.78 -18.27 10.67
CA ASP F 288 -13.27 -18.03 9.31
C ASP F 288 -14.37 -18.25 8.26
N ILE F 289 -15.53 -18.78 8.65
CA ILE F 289 -16.57 -19.13 7.69
C ILE F 289 -17.37 -17.90 7.32
N ARG F 290 -17.53 -17.67 6.01
CA ARG F 290 -17.92 -16.37 5.49
C ARG F 290 -19.42 -16.24 5.28
N ASN F 291 -20.10 -17.30 4.81
CA ASN F 291 -21.45 -17.13 4.29
C ASN F 291 -22.50 -17.91 5.08
N PRO F 292 -23.72 -17.35 5.20
CA PRO F 292 -24.85 -18.13 5.68
C PRO F 292 -25.02 -19.46 4.95
N GLU F 293 -24.78 -19.46 3.63
CA GLU F 293 -24.95 -20.65 2.82
C GLU F 293 -23.92 -21.72 3.20
N ASP F 294 -22.77 -21.29 3.73
CA ASP F 294 -21.73 -22.23 4.16
C ASP F 294 -22.21 -22.96 5.41
N PHE F 295 -22.68 -22.20 6.40
CA PHE F 295 -23.23 -22.80 7.61
C PHE F 295 -24.44 -23.68 7.28
N GLN F 296 -25.26 -23.21 6.33
CA GLN F 296 -26.44 -23.96 5.91
C GLN F 296 -26.07 -25.37 5.44
N ALA F 297 -25.01 -25.49 4.64
CA ALA F 297 -24.57 -26.78 4.13
C ALA F 297 -23.94 -27.63 5.24
N MET F 298 -23.12 -26.99 6.09
CA MET F 298 -22.52 -27.66 7.23
C MET F 298 -23.59 -28.21 8.18
N ALA F 299 -24.72 -27.48 8.33
CA ALA F 299 -25.80 -27.83 9.24
C ALA F 299 -26.32 -29.23 8.97
N ARG F 300 -26.24 -29.66 7.69
CA ARG F 300 -26.78 -30.96 7.30
C ARG F 300 -26.10 -32.11 8.05
N LEU F 301 -24.93 -31.90 8.65
CA LEU F 301 -24.23 -32.97 9.36
C LEU F 301 -24.60 -33.01 10.84
N VAL F 302 -25.35 -32.01 11.30
CA VAL F 302 -25.61 -31.86 12.74
C VAL F 302 -26.73 -32.78 13.18
N ARG F 303 -26.54 -33.39 14.35
CA ARG F 303 -27.51 -34.31 14.91
C ARG F 303 -27.74 -33.95 16.37
N PRO F 304 -28.82 -34.45 17.00
CA PRO F 304 -29.10 -34.13 18.41
C PRO F 304 -27.95 -34.30 19.40
N GLU F 305 -27.16 -35.38 19.23
CA GLU F 305 -26.03 -35.64 20.13
C GLU F 305 -25.07 -34.45 20.16
N HIS F 306 -24.94 -33.72 19.04
CA HIS F 306 -23.96 -32.65 18.94
C HIS F 306 -24.28 -31.45 19.83
N PHE F 307 -25.49 -31.41 20.43
CA PHE F 307 -25.90 -30.30 21.26
C PHE F 307 -25.50 -30.49 22.73
N GLN F 308 -24.99 -31.68 23.07
CA GLN F 308 -24.54 -32.02 24.43
C GLN F 308 -23.64 -30.92 24.99
N GLY F 309 -24.04 -30.34 26.12
CA GLY F 309 -23.27 -29.33 26.83
C GLY F 309 -23.31 -27.95 26.15
N ARG F 310 -24.10 -27.84 25.06
CA ARG F 310 -24.10 -26.66 24.20
C ARG F 310 -25.50 -26.02 24.13
N VAL F 311 -26.51 -26.87 23.97
CA VAL F 311 -27.91 -26.45 23.96
C VAL F 311 -28.70 -27.48 24.78
N LEU F 312 -29.21 -27.04 25.92
CA LEU F 312 -30.09 -27.88 26.73
C LEU F 312 -31.46 -27.95 26.07
N MET F 313 -31.87 -29.17 25.68
CA MET F 313 -33.13 -29.34 24.96
C MET F 313 -34.10 -30.14 25.83
N THR F 314 -35.07 -29.48 26.47
CA THR F 314 -36.05 -30.20 27.28
C THR F 314 -37.25 -29.31 27.56
N SER F 315 -38.42 -29.94 27.70
CA SER F 315 -39.62 -29.29 28.15
C SER F 315 -39.66 -29.18 29.68
N ASP F 316 -38.76 -29.90 30.36
CA ASP F 316 -38.78 -29.97 31.82
C ASP F 316 -38.13 -28.71 32.39
N LEU F 317 -38.95 -27.81 32.95
CA LEU F 317 -38.49 -26.50 33.39
C LEU F 317 -37.66 -26.61 34.68
N ASP F 318 -37.85 -27.69 35.46
CA ASP F 318 -36.97 -27.98 36.58
C ASP F 318 -35.54 -28.18 36.07
N ARG F 319 -35.39 -28.88 34.93
CA ARG F 319 -34.07 -29.16 34.37
C ARG F 319 -33.42 -27.84 33.93
N HIS F 320 -34.21 -26.93 33.35
CA HIS F 320 -33.71 -25.61 32.98
C HIS F 320 -33.21 -24.89 34.23
N GLY F 321 -34.00 -24.96 35.32
CA GLY F 321 -33.64 -24.37 36.59
C GLY F 321 -32.31 -24.88 37.14
N GLU F 322 -32.11 -26.20 37.12
CA GLU F 322 -30.92 -26.83 37.68
C GLU F 322 -29.70 -26.45 36.86
N PHE F 323 -29.86 -26.42 35.53
CA PHE F 323 -28.78 -26.04 34.62
C PHE F 323 -28.28 -24.61 34.92
N LEU F 324 -29.23 -23.69 35.13
CA LEU F 324 -28.88 -22.29 35.35
C LEU F 324 -28.27 -22.12 36.74
N GLN F 325 -28.80 -22.86 37.72
CA GLN F 325 -28.35 -22.74 39.11
C GLN F 325 -26.90 -23.19 39.21
N HIS F 326 -26.56 -24.24 38.46
CA HIS F 326 -25.20 -24.81 38.44
C HIS F 326 -24.22 -23.72 38.02
N LEU F 327 -24.61 -22.92 37.03
CA LEU F 327 -23.75 -21.86 36.51
C LEU F 327 -23.58 -20.75 37.54
N ILE F 328 -24.64 -20.43 38.30
CA ILE F 328 -24.52 -19.46 39.38
C ILE F 328 -23.52 -19.99 40.39
N ASP F 329 -23.65 -21.29 40.73
CA ASP F 329 -22.82 -21.94 41.73
C ASP F 329 -21.35 -21.92 41.34
N LEU F 330 -21.03 -21.98 40.03
CA LEU F 330 -19.66 -21.85 39.55
C LEU F 330 -19.10 -20.45 39.80
N GLY F 331 -19.98 -19.44 39.90
CA GLY F 331 -19.58 -18.09 40.27
C GLY F 331 -19.91 -17.03 39.21
N PHE F 332 -20.73 -17.38 38.20
CA PHE F 332 -21.24 -16.39 37.27
C PHE F 332 -22.27 -15.49 37.97
N THR F 333 -22.12 -14.17 37.76
CA THR F 333 -22.95 -13.15 38.38
C THR F 333 -24.13 -12.78 37.48
N GLU F 334 -24.08 -13.17 36.20
CA GLU F 334 -25.18 -12.94 35.28
C GLU F 334 -25.22 -14.05 34.25
N ILE F 335 -26.44 -14.43 33.85
CA ILE F 335 -26.64 -15.42 32.81
C ILE F 335 -27.63 -14.85 31.81
N TYR F 336 -27.25 -14.89 30.54
CA TYR F 336 -28.12 -14.49 29.46
C TYR F 336 -28.56 -15.75 28.73
N VAL F 337 -29.89 -15.92 28.62
CA VAL F 337 -30.45 -17.14 28.06
C VAL F 337 -31.02 -16.86 26.67
N HIS F 338 -30.51 -17.64 25.69
CA HIS F 338 -31.03 -17.68 24.34
C HIS F 338 -31.86 -18.95 24.17
N ASN F 339 -33.18 -18.78 24.03
CA ASN F 339 -34.05 -19.88 23.64
C ASN F 339 -34.03 -19.93 22.12
N VAL F 340 -33.70 -21.10 21.56
CA VAL F 340 -33.42 -21.19 20.13
C VAL F 340 -34.73 -21.29 19.33
N GLY F 341 -35.83 -21.68 19.99
CA GLY F 341 -37.09 -21.86 19.27
C GLY F 341 -37.73 -20.52 18.93
N ARG F 342 -38.67 -20.53 17.99
CA ARG F 342 -39.39 -19.34 17.58
C ARG F 342 -40.50 -18.98 18.57
N ASN F 343 -40.71 -19.83 19.57
CA ASN F 343 -41.73 -19.69 20.60
C ASN F 343 -41.23 -18.78 21.72
N GLN F 344 -40.78 -17.57 21.36
CA GLN F 344 -40.13 -16.68 22.31
C GLN F 344 -41.10 -16.22 23.40
N GLU F 345 -42.31 -15.84 22.99
CA GLU F 345 -43.27 -15.34 23.96
C GLU F 345 -43.60 -16.44 24.97
N GLU F 346 -43.78 -17.68 24.52
CA GLU F 346 -44.13 -18.80 25.40
C GLU F 346 -42.94 -19.14 26.31
N PHE F 347 -41.72 -19.07 25.76
CA PHE F 347 -40.51 -19.31 26.52
C PHE F 347 -40.41 -18.30 27.66
N ILE F 348 -40.63 -17.03 27.33
CA ILE F 348 -40.46 -15.96 28.31
C ILE F 348 -41.43 -16.16 29.48
N ARG F 349 -42.69 -16.50 29.17
CA ARG F 349 -43.72 -16.68 30.19
C ARG F 349 -43.41 -17.90 31.04
N ALA F 350 -42.95 -18.98 30.40
CA ALA F 350 -42.60 -20.21 31.10
C ALA F 350 -41.44 -19.98 32.08
N TYR F 351 -40.43 -19.23 31.63
CA TYR F 351 -39.30 -18.92 32.50
C TYR F 351 -39.76 -18.02 33.65
N GLY F 352 -40.60 -17.04 33.31
CA GLY F 352 -41.05 -16.04 34.29
C GLY F 352 -41.76 -16.69 35.46
N ARG F 353 -42.52 -17.72 35.15
CA ARG F 353 -43.36 -18.44 36.10
C ARG F 353 -42.57 -19.52 36.85
N ALA F 354 -41.83 -20.37 36.13
CA ALA F 354 -41.33 -21.62 36.68
C ALA F 354 -39.82 -21.63 36.93
N VAL F 355 -39.05 -20.65 36.42
CA VAL F 355 -37.61 -20.70 36.51
C VAL F 355 -37.05 -19.54 37.33
N ILE F 356 -37.29 -18.31 36.84
CA ILE F 356 -36.66 -17.12 37.38
C ILE F 356 -36.90 -16.98 38.88
N PRO F 357 -38.13 -17.13 39.39
CA PRO F 357 -38.39 -16.97 40.82
C PRO F 357 -37.66 -17.97 41.73
N HIS F 358 -37.10 -19.04 41.18
CA HIS F 358 -36.48 -20.09 41.99
C HIS F 358 -34.95 -20.02 41.96
N LEU F 359 -34.35 -19.29 41.02
CA LEU F 359 -32.91 -19.13 41.00
C LEU F 359 -32.43 -18.41 42.27
N ARG F 360 -31.33 -18.87 42.87
CA ARG F 360 -30.78 -18.27 44.08
C ARG F 360 -29.42 -17.65 43.76
N TRP F 361 -29.40 -16.31 43.68
CA TRP F 361 -28.18 -15.55 43.41
C TRP F 361 -27.46 -15.22 44.71
N PRO F 362 -26.12 -15.05 44.75
CA PRO F 362 -25.46 -14.48 45.92
C PRO F 362 -25.99 -13.07 46.14
N ALA F 363 -26.09 -12.66 47.41
CA ALA F 363 -26.81 -11.47 47.82
C ALA F 363 -26.25 -10.19 47.19
N ASP F 364 -24.92 -10.09 47.04
CA ASP F 364 -24.32 -8.82 46.60
C ASP F 364 -23.47 -9.04 45.35
N ALA F 365 -23.94 -9.89 44.44
CA ALA F 365 -23.20 -10.25 43.22
C ALA F 365 -23.06 -9.02 42.31
N PRO F 366 -21.85 -8.71 41.77
CA PRO F 366 -21.70 -7.59 40.83
C PRO F 366 -22.34 -7.75 39.45
N VAL F 367 -23.09 -6.72 39.08
CA VAL F 367 -23.83 -6.66 37.84
C VAL F 367 -23.14 -5.65 36.93
N ALA F 368 -23.23 -5.86 35.61
CA ALA F 368 -22.59 -4.98 34.63
C ALA F 368 -23.25 -3.59 34.58
N GLN F 369 -22.48 -2.60 35.11
CA GLN F 369 -22.79 -1.17 35.17
C GLN F 369 -21.57 -0.40 35.66
C2 BGC G . 24.54 35.07 -28.26
C3 BGC G . 23.45 35.85 -29.04
C4 BGC G . 22.16 35.01 -28.99
C5 BGC G . 21.83 34.48 -27.54
C6 BGC G . 20.79 33.39 -27.51
C1 BGC G . 24.02 35.02 -26.84
O1 BGC G . 24.96 34.96 -25.87
O2 BGC G . 25.88 35.57 -28.31
O3 BGC G . 23.86 36.18 -30.37
O4 BGC G . 21.03 35.76 -29.40
O5 BGC G . 23.05 33.96 -26.88
O6 BGC G . 21.24 32.20 -28.16
H2 BGC G . 24.55 34.15 -28.60
H3 BGC G . 23.28 36.71 -28.56
H4 BGC G . 22.26 34.25 -29.60
H5 BGC G . 21.50 35.24 -27.01
H61 BGC G . 19.98 33.70 -27.95
H62 BGC G . 20.59 33.17 -26.57
H1 BGC G . 23.52 35.87 -26.68
HO1 BGC G . 25.35 34.21 -25.90
HO2 BGC G . 26.39 34.98 -27.99
HO3 BGC G . 23.30 36.71 -30.71
HO4 BGC G . 20.93 36.42 -28.86
HO6 BGC G . 21.36 32.36 -28.99
C2 BGC H . 26.18 43.97 2.71
C3 BGC H . 27.60 43.73 3.27
C4 BGC H . 27.59 42.32 3.91
C5 BGC H . 26.94 41.25 2.97
C6 BGC H . 26.44 40.04 3.74
C1 BGC H . 26.10 43.00 1.57
O1 BGC H . 25.24 43.42 0.57
O2 BGC H . 25.78 45.27 2.30
O3 BGC H . 28.06 44.77 4.17
O4 BGC H . 28.91 41.88 4.19
O5 BGC H . 25.80 41.76 2.23
O6 BGC H . 25.24 40.37 4.39
H2 BGC H . 25.53 43.66 3.39
H3 BGC H . 28.23 43.70 2.51
H4 BGC H . 27.07 42.36 4.75
H5 BGC H . 27.63 40.94 2.33
H61 BGC H . 27.11 39.76 4.39
H62 BGC H . 26.29 39.30 3.11
H1 BGC H . 27.00 42.90 1.16
HO1 BGC H . 24.45 43.39 0.87
HO2 BGC H . 24.95 45.28 2.18
HO3 BGC H . 28.88 44.64 4.32
HO4 BGC H . 29.34 41.83 3.48
HO6 BGC H . 25.38 40.98 4.97
NA NA I . 5.42 33.21 3.20
C2 BGC J . -47.55 14.31 13.28
C3 BGC J . -48.59 13.64 12.46
C4 BGC J . -47.98 12.85 11.29
C5 BGC J . -46.56 12.23 11.53
C6 BGC J . -45.72 12.18 10.27
C1 BGC J . -46.56 13.24 13.72
O1 BGC J . -45.83 13.65 14.82
O2 BGC J . -48.09 15.03 14.38
O3 BGC J . -49.52 14.61 11.97
O4 BGC J . -48.86 11.77 11.03
O5 BGC J . -45.78 12.94 12.56
O6 BGC J . -45.36 13.46 9.78
H2 BGC J . -47.05 14.94 12.70
H3 BGC J . -49.09 13.00 13.03
H4 BGC J . -47.94 13.44 10.49
H5 BGC J . -46.69 11.30 11.86
H61 BGC J . -46.22 11.70 9.58
H62 BGC J . -44.90 11.67 10.46
H1 BGC J . -47.06 12.43 13.98
HO1 BGC J . -45.30 14.28 14.61
HO2 BGC J . -47.52 15.52 14.73
HO3 BGC J . -50.13 14.26 11.59
HO4 BGC J . -48.88 11.29 11.71
HO6 BGC J . -46.09 13.84 9.50
NA NA K . -25.32 20.16 11.47
C2 BGC L . 30.23 -41.10 -4.17
C3 BGC L . 30.50 -41.73 -2.86
C4 BGC L . 30.11 -40.71 -1.78
C5 BGC L . 28.62 -40.23 -1.97
C6 BGC L . 28.29 -38.99 -1.16
C1 BGC L . 28.72 -40.96 -4.27
O1 BGC L . 28.30 -40.68 -5.54
O2 BGC L . 30.81 -41.81 -5.25
O3 BGC L . 31.88 -42.12 -2.81
O4 BGC L . 30.23 -41.27 -0.49
O5 BGC L . 28.34 -39.91 -3.36
O6 BGC L . 29.07 -37.91 -1.67
H2 BGC L . 30.60 -40.18 -4.17
H3 BGC L . 29.93 -42.54 -2.76
H4 BGC L . 30.70 -39.92 -1.85
H5 BGC L . 28.02 -40.97 -1.68
H61 BGC L . 28.51 -39.14 -0.21
H62 BGC L . 27.34 -38.78 -1.24
H1 BGC L . 28.29 -41.79 -3.98
HO1 BGC L . 28.56 -39.90 -5.75
HO2 BGC L . 30.77 -41.35 -5.95
HO3 BGC L . 32.00 -42.60 -2.13
HO4 BGC L . 29.74 -41.93 -0.42
HO6 BGC L . 29.89 -38.08 -1.54
NA NA M . 25.35 -19.24 -11.19
C2 BGC N . 2.94 -48.00 -19.53
C3 BGC N . 2.85 -47.60 -21.02
C4 BGC N . 2.32 -46.16 -21.16
C5 BGC N . 3.20 -45.18 -20.32
C6 BGC N . 2.75 -43.71 -20.30
C1 BGC N . 3.86 -46.98 -18.82
O1 BGC N . 4.12 -47.34 -17.49
O2 BGC N . 3.37 -49.33 -19.29
O3 BGC N . 2.01 -48.51 -21.71
O4 BGC N . 2.28 -45.76 -22.54
O5 BGC N . 3.23 -45.68 -18.92
O6 BGC N . 1.35 -43.52 -20.51
H2 BGC N . 2.05 -47.89 -19.12
H3 BGC N . 3.76 -47.64 -21.41
H4 BGC N . 1.39 -46.13 -20.80
H5 BGC N . 4.12 -45.21 -20.68
H61 BGC N . 3.25 -43.22 -20.99
H62 BGC N . 3.00 -43.32 -19.43
H1 BGC N . 4.73 -46.95 -19.30
HO1 BGC N . 3.41 -47.27 -17.05
HO2 BGC N . 3.26 -49.53 -18.48
HO3 BGC N . 2.09 -48.38 -22.54
HO4 BGC N . 3.05 -45.78 -22.86
HO6 BGC N . 1.14 -43.78 -21.29
C2 BGC O . -35.97 -4.71 36.71
C3 BGC O . -35.34 -4.08 37.95
C4 BGC O . -33.87 -3.75 37.68
C5 BGC O . -33.67 -2.96 36.37
C6 BGC O . -32.21 -2.88 35.92
C1 BGC O . -35.86 -3.66 35.60
O1 BGC O . -36.64 -3.97 34.50
O2 BGC O . -37.30 -5.20 36.86
O3 BGC O . -35.48 -4.98 39.06
O4 BGC O . -33.30 -2.94 38.72
O5 BGC O . -34.45 -3.57 35.29
O6 BGC O . -31.55 -4.13 35.94
H2 BGC O . -35.40 -5.46 36.42
H3 BGC O . -35.83 -3.24 38.16
H4 BGC O . -33.36 -4.59 37.62
H5 BGC O . -34.00 -2.04 36.51
H61 BGC O . -31.74 -2.25 36.50
H62 BGC O . -32.19 -2.52 35.01
H1 BGC O . -36.15 -2.79 35.95
HO1 BGC O . -35.88 -5.19 34.23
HO2 BGC O . -37.88 -4.98 36.15
HO3 BGC O . -35.50 -4.34 39.70
HO4 BGC O . -33.62 -2.47 38.80
HO6 BGC O . -31.79 -4.93 36.65
NA NA P . -24.88 -14.51 18.38
#